data_5TDS
#
_entry.id   5TDS
#
_cell.length_a   169.386
_cell.length_b   176.906
_cell.length_c   55.944
_cell.angle_alpha   90.00
_cell.angle_beta   90.00
_cell.angle_gamma   90.00
#
_symmetry.space_group_name_H-M   'P 21 21 2'
#
loop_
_entity.id
_entity.type
_entity.pdbx_description
1 polymer 'Toluene-4-monooxygenase system protein A'
2 polymer 'Toluene-4-monooxygenase system protein E'
3 polymer 'Toluene-4-monooxygenase system protein B'
4 non-polymer 'FE (III) ION'
5 non-polymer 'MAGNESIUM ION'
6 non-polymer TOLUENE
7 non-polymer 'CHLORIDE ION'
8 water water
#
loop_
_entity_poly.entity_id
_entity_poly.type
_entity_poly.pdbx_seq_one_letter_code
_entity_poly.pdbx_strand_id
1 'polypeptide(L)'
;MAMHPRKDWYELTRATNWTPSYVTEEQLFPERMSGHMGIPLEKWESYDEPYKTSYPEYVSIQREKDAGAYSVKAALERAK
IYENSDPGWISTLKSHYGAIAVGEYAAVTGEGRMARFSKAPGNRNMATFGMMDELRHGQLQLFFPHEYCKKDRQFDWAWR
AYHSNEWAAIAAKHFFDDIITGRDAISVAIMLTFSFETGFTNMQFLGLAADAAEAGDYTFANLISSIQTDESRHAQQGGP
ALQLLIENGKREEAQKKVDMAIWRAWRLFAVLTGPVMDYYTPLEDRSQSFKEFMYEWIIGQFERSLIDLGLDKPWYWDLF
LKDIDELHHSYHMGVWYWRTTAWWNPAAGVTPEERDWLEEKYPGWNKRWGRCWDVITENVLNDRMDLVSPETLPSVCNMS
QIPLVGVPGDDWNIEVFSLEHNGRLYHFGSEVDRWVFQQDPVQYQNHMNIVDRFLAGQIQPMTLEGALKYMGFQSIEEMG
KDAHDFAWADKCK
;
A,D
2 'polypeptide(L)'
;MSFESKKPMRTWSHLAEMRKKPSEYDIVSRKLHYSTNNPDSPWELSPDSPMNLWYKQYRNASPLKHDNWDAFTDPDQLVY
RTYNLMQDGQESYVQSLFDQFNEREHDQMVREGWEHTMARCYSPLRYLFHCLQMSSAYVQQMAPASTISNCCILQTADSL
RWLTHTAYRTHELSLTYPDAGLGEHERELWEKEPGWQGLRELMEKQLTAFDWGEAFVSLNLVVKPMIVESIFKPLQQQAW
ENNDTLLPLLIDSQLKDAERHSRWSKALVKHALENPDNHAVIEGWIEKWRPLADRAAEAYLSMLSSDILHAQYLERSTSL
RASILTV
;
B,E
3 'polypeptide(L)'
;MSAFPVHAAFEKDFLVQLVVVDLNDSMDQVAEKVAYHCVNRRVAPREGVMRVRKHRSTELFPRDMTIAESGLNPTEVIDV
VFEE
;
C,F
#
# COMPACT_ATOMS: atom_id res chain seq x y z
N ALA A 2 29.39 -10.70 -12.93
CA ALA A 2 28.23 -9.86 -12.66
C ALA A 2 26.96 -10.69 -12.47
N MET A 3 25.96 -10.09 -11.82
CA MET A 3 24.63 -10.68 -11.70
C MET A 3 23.65 -9.91 -12.57
N HIS A 4 22.67 -10.61 -13.12
CA HIS A 4 21.66 -9.96 -13.94
C HIS A 4 20.45 -9.61 -13.09
N PRO A 5 19.86 -8.42 -13.33
CA PRO A 5 18.77 -7.92 -12.50
C PRO A 5 17.54 -8.81 -12.58
N ARG A 6 16.82 -8.91 -11.47
CA ARG A 6 15.65 -9.76 -11.41
C ARG A 6 14.66 -9.48 -12.54
N LYS A 7 14.53 -8.22 -12.94
CA LYS A 7 13.50 -7.88 -13.92
C LYS A 7 13.76 -8.55 -15.27
N ASP A 8 15.00 -8.92 -15.54
CA ASP A 8 15.37 -9.48 -16.83
C ASP A 8 15.06 -10.98 -16.95
N TRP A 9 14.94 -11.68 -15.82
CA TRP A 9 14.69 -13.12 -15.86
C TRP A 9 13.44 -13.51 -15.09
N TYR A 10 12.81 -12.55 -14.40
CA TYR A 10 11.63 -12.87 -13.60
C TYR A 10 10.51 -13.55 -14.38
N GLU A 11 10.26 -13.09 -15.61
CA GLU A 11 9.13 -13.65 -16.37
C GLU A 11 9.31 -15.14 -16.60
N LEU A 12 10.54 -15.60 -16.78
CA LEU A 12 10.74 -17.04 -16.98
C LEU A 12 10.39 -17.85 -15.72
N THR A 13 10.46 -17.23 -14.54
CA THR A 13 10.09 -17.98 -13.32
C THR A 13 8.60 -18.29 -13.26
N ARG A 14 7.78 -17.51 -13.96
CA ARG A 14 6.35 -17.80 -13.98
C ARG A 14 5.84 -18.13 -15.38
N ALA A 15 6.76 -18.51 -16.27
CA ALA A 15 6.35 -19.02 -17.57
C ALA A 15 6.18 -20.52 -17.44
N THR A 16 5.13 -20.93 -16.75
CA THR A 16 4.99 -22.33 -16.37
C THR A 16 3.65 -22.95 -16.75
N ASN A 17 2.76 -22.17 -17.35
CA ASN A 17 1.52 -22.74 -17.88
C ASN A 17 1.80 -23.48 -19.18
N TRP A 18 1.08 -24.59 -19.41
CA TRP A 18 1.19 -25.29 -20.67
C TRP A 18 -0.15 -25.93 -20.97
N THR A 19 -0.33 -26.33 -22.22
CA THR A 19 -1.58 -26.95 -22.68
C THR A 19 -1.53 -28.45 -22.50
N PRO A 20 -2.30 -28.99 -21.53
CA PRO A 20 -2.24 -30.43 -21.27
C PRO A 20 -2.80 -31.26 -22.43
N SER A 21 -2.28 -32.46 -22.61
CA SER A 21 -2.67 -33.33 -23.73
C SER A 21 -2.95 -34.75 -23.26
N TYR A 22 -2.33 -35.14 -22.16
CA TYR A 22 -2.42 -36.54 -21.68
C TYR A 22 -3.51 -36.66 -20.64
N VAL A 23 -3.89 -35.50 -20.10
CA VAL A 23 -5.12 -35.33 -19.31
C VAL A 23 -5.75 -34.03 -19.82
N THR A 24 -6.99 -33.78 -19.45
CA THR A 24 -7.64 -32.55 -19.90
C THR A 24 -7.31 -31.39 -18.98
N GLU A 25 -7.56 -30.18 -19.45
CA GLU A 25 -7.37 -29.00 -18.63
C GLU A 25 -8.19 -29.10 -17.34
N GLU A 26 -9.43 -29.56 -17.46
CA GLU A 26 -10.30 -29.66 -16.29
C GLU A 26 -9.88 -30.79 -15.34
N GLN A 27 -9.30 -31.87 -15.87
CA GLN A 27 -8.77 -32.90 -14.98
C GLN A 27 -7.57 -32.39 -14.20
N LEU A 28 -6.75 -31.58 -14.85
CA LEU A 28 -5.54 -31.05 -14.22
C LEU A 28 -5.88 -29.97 -13.19
N PHE A 29 -6.89 -29.17 -13.50
CA PHE A 29 -7.35 -28.08 -12.62
C PHE A 29 -8.86 -28.21 -12.37
N PRO A 30 -9.26 -29.21 -11.58
CA PRO A 30 -10.70 -29.42 -11.38
C PRO A 30 -11.32 -28.24 -10.65
N GLU A 31 -12.49 -27.80 -11.12
CA GLU A 31 -13.06 -26.55 -10.64
C GLU A 31 -13.29 -26.58 -9.13
N ARG A 32 -13.58 -27.76 -8.58
CA ARG A 32 -13.85 -27.83 -7.15
C ARG A 32 -12.61 -27.55 -6.31
N MET A 33 -11.42 -27.76 -6.87
CA MET A 33 -10.19 -27.44 -6.14
C MET A 33 -9.54 -26.15 -6.65
N SER A 34 -9.81 -25.80 -7.90
CA SER A 34 -9.16 -24.64 -8.52
C SER A 34 -9.98 -23.35 -8.45
N GLY A 35 -11.30 -23.46 -8.64
CA GLY A 35 -12.19 -22.32 -8.53
C GLY A 35 -12.10 -21.33 -9.68
N HIS A 36 -11.70 -21.82 -10.86
CA HIS A 36 -11.46 -20.97 -12.03
C HIS A 36 -12.73 -20.49 -12.71
N MET A 37 -13.89 -20.99 -12.27
CA MET A 37 -15.18 -20.56 -12.80
C MET A 37 -15.29 -20.68 -14.31
N GLY A 38 -14.55 -21.62 -14.88
CA GLY A 38 -14.62 -21.90 -16.29
C GLY A 38 -13.74 -21.02 -17.15
N ILE A 39 -12.99 -20.12 -16.51
CA ILE A 39 -12.09 -19.24 -17.25
C ILE A 39 -10.87 -20.04 -17.69
N PRO A 40 -10.64 -20.11 -19.01
CA PRO A 40 -9.60 -20.98 -19.57
C PRO A 40 -8.18 -20.52 -19.23
N LEU A 41 -7.24 -21.46 -19.23
CA LEU A 41 -5.85 -21.23 -18.85
C LEU A 41 -5.25 -19.91 -19.32
N GLU A 42 -5.45 -19.61 -20.60
CA GLU A 42 -4.74 -18.49 -21.22
C GLU A 42 -5.08 -17.16 -20.56
N LYS A 43 -6.31 -17.03 -20.09
CA LYS A 43 -6.74 -15.78 -19.46
C LYS A 43 -6.02 -15.55 -18.13
N TRP A 44 -5.65 -16.63 -17.44
CA TRP A 44 -5.00 -16.51 -16.14
C TRP A 44 -3.54 -16.09 -16.23
N GLU A 45 -2.98 -16.07 -17.42
CA GLU A 45 -1.58 -15.73 -17.57
C GLU A 45 -1.38 -14.21 -17.42
N SER A 46 -2.47 -13.46 -17.43
CA SER A 46 -2.44 -12.00 -17.19
C SER A 46 -2.30 -11.63 -15.71
N TYR A 47 -2.43 -12.63 -14.83
CA TYR A 47 -2.30 -12.42 -13.39
C TYR A 47 -0.94 -11.81 -13.06
N ASP A 48 -0.93 -10.69 -12.34
CA ASP A 48 0.33 -10.00 -12.07
C ASP A 48 0.45 -9.56 -10.62
N GLU A 49 1.18 -10.35 -9.82
CA GLU A 49 1.46 -10.00 -8.43
C GLU A 49 2.29 -8.70 -8.37
N PRO A 50 1.82 -7.71 -7.62
CA PRO A 50 2.51 -6.41 -7.59
C PRO A 50 3.87 -6.40 -6.87
N TYR A 51 4.05 -7.26 -5.86
CA TYR A 51 5.27 -7.24 -5.06
C TYR A 51 6.08 -8.51 -5.28
N LYS A 52 7.00 -8.46 -6.25
CA LYS A 52 7.70 -9.66 -6.65
C LYS A 52 8.87 -9.98 -5.74
N THR A 53 9.26 -11.24 -5.71
CA THR A 53 10.47 -11.62 -5.03
C THR A 53 10.97 -12.94 -5.61
N SER A 54 12.12 -13.40 -5.14
CA SER A 54 12.76 -14.58 -5.72
C SER A 54 13.35 -15.43 -4.61
N TYR A 55 13.56 -16.71 -4.89
CA TYR A 55 14.00 -17.65 -3.86
C TYR A 55 15.28 -17.21 -3.12
N PRO A 56 16.32 -16.81 -3.88
CA PRO A 56 17.55 -16.40 -3.18
C PRO A 56 17.33 -15.21 -2.25
N GLU A 57 16.49 -14.28 -2.67
CA GLU A 57 16.23 -13.11 -1.85
C GLU A 57 15.48 -13.53 -0.61
N TYR A 58 14.51 -14.43 -0.79
CA TYR A 58 13.65 -14.89 0.28
C TYR A 58 14.47 -15.55 1.40
N VAL A 59 15.27 -16.56 1.07
CA VAL A 59 15.95 -17.27 2.13
C VAL A 59 16.96 -16.36 2.83
N SER A 60 17.52 -15.40 2.10
CA SER A 60 18.45 -14.45 2.70
C SER A 60 17.77 -13.52 3.70
N ILE A 61 16.68 -12.87 3.33
CA ILE A 61 16.03 -11.92 4.22
CA ILE A 61 16.09 -11.91 4.26
C ILE A 61 15.36 -12.62 5.40
N GLN A 62 14.81 -13.81 5.13
CA GLN A 62 14.08 -14.51 6.20
C GLN A 62 15.07 -15.11 7.21
N ARG A 63 16.27 -15.46 6.77
CA ARG A 63 17.31 -15.87 7.70
C ARG A 63 17.60 -14.75 8.68
N GLU A 64 17.73 -13.52 8.16
CA GLU A 64 17.98 -12.35 8.99
C GLU A 64 16.84 -12.10 9.97
N LYS A 65 15.61 -12.27 9.49
CA LYS A 65 14.44 -12.02 10.35
C LYS A 65 14.43 -12.97 11.54
N ASP A 66 14.68 -14.26 11.29
CA ASP A 66 14.63 -15.22 12.39
C ASP A 66 15.83 -15.04 13.33
N ALA A 67 16.98 -14.66 12.79
CA ALA A 67 18.14 -14.40 13.63
C ALA A 67 17.79 -13.37 14.70
N GLY A 68 17.11 -12.30 14.28
CA GLY A 68 16.67 -11.29 15.22
C GLY A 68 15.61 -11.79 16.19
N ALA A 69 14.58 -12.44 15.68
CA ALA A 69 13.45 -12.82 16.53
C ALA A 69 13.91 -13.75 17.67
N TYR A 70 14.73 -14.75 17.34
CA TYR A 70 15.15 -15.71 18.35
C TYR A 70 16.25 -15.15 19.27
N SER A 71 17.11 -14.29 18.75
CA SER A 71 18.13 -13.67 19.58
C SER A 71 17.51 -12.78 20.65
N VAL A 72 16.46 -12.08 20.29
CA VAL A 72 15.80 -11.19 21.24
C VAL A 72 15.09 -11.98 22.32
N LYS A 73 14.35 -13.02 21.92
CA LYS A 73 13.74 -13.93 22.88
C LYS A 73 14.77 -14.44 23.89
N ALA A 74 15.93 -14.88 23.41
CA ALA A 74 16.94 -15.43 24.30
C ALA A 74 17.52 -14.36 25.24
N ALA A 75 17.76 -13.17 24.71
CA ALA A 75 18.42 -12.11 25.48
C ALA A 75 17.50 -11.55 26.56
N LEU A 76 16.19 -11.72 26.41
CA LEU A 76 15.22 -11.16 27.36
C LEU A 76 14.58 -12.21 28.27
N GLU A 77 15.12 -13.42 28.28
CA GLU A 77 14.46 -14.48 29.03
C GLU A 77 14.50 -14.20 30.54
N ARG A 78 15.37 -13.31 30.98
CA ARG A 78 15.42 -12.93 32.41
C ARG A 78 14.39 -11.85 32.77
N ALA A 79 13.74 -11.28 31.75
CA ALA A 79 12.80 -10.19 31.99
C ALA A 79 11.57 -10.63 32.80
N LYS A 80 11.29 -11.93 32.81
CA LYS A 80 10.18 -12.46 33.62
C LYS A 80 8.85 -11.76 33.34
N ILE A 81 8.43 -11.79 32.08
CA ILE A 81 7.19 -11.16 31.66
C ILE A 81 5.96 -11.75 32.34
N TYR A 82 5.96 -13.07 32.54
CA TYR A 82 4.82 -13.72 33.18
C TYR A 82 4.56 -13.13 34.56
N GLU A 83 5.63 -12.93 35.32
CA GLU A 83 5.50 -12.47 36.70
C GLU A 83 5.25 -10.97 36.79
N ASN A 84 5.74 -10.21 35.82
CA ASN A 84 5.75 -8.76 35.95
C ASN A 84 4.71 -8.01 35.11
N SER A 85 4.00 -8.71 34.23
CA SER A 85 3.01 -8.07 33.37
C SER A 85 1.65 -7.92 34.06
N ASP A 86 0.85 -6.95 33.61
CA ASP A 86 -0.56 -6.85 34.01
C ASP A 86 -1.27 -8.14 33.61
N PRO A 87 -2.21 -8.62 34.44
CA PRO A 87 -3.00 -9.80 34.10
C PRO A 87 -3.70 -9.64 32.76
N GLY A 88 -4.13 -8.41 32.44
CA GLY A 88 -4.74 -8.12 31.16
C GLY A 88 -3.84 -8.49 30.00
N TRP A 89 -2.55 -8.20 30.13
CA TRP A 89 -1.61 -8.53 29.06
C TRP A 89 -1.39 -10.05 28.97
N ILE A 90 -1.24 -10.71 30.11
CA ILE A 90 -1.04 -12.15 30.10
C ILE A 90 -2.24 -12.84 29.42
N SER A 91 -3.45 -12.35 29.70
CA SER A 91 -4.63 -12.95 29.06
C SER A 91 -4.66 -12.65 27.58
N THR A 92 -4.17 -11.48 27.18
CA THR A 92 -4.06 -11.13 25.77
C THR A 92 -3.13 -12.11 25.05
N LEU A 93 -1.99 -12.42 25.66
CA LEU A 93 -1.10 -13.42 25.10
C LEU A 93 -1.78 -14.77 24.98
N LYS A 94 -2.43 -15.20 26.07
CA LYS A 94 -3.07 -16.52 26.09
C LYS A 94 -4.12 -16.66 24.99
N SER A 95 -4.98 -15.65 24.88
N SER A 95 -4.97 -15.66 24.85
CA SER A 95 -6.01 -15.63 23.86
CA SER A 95 -6.03 -15.71 23.84
C SER A 95 -5.41 -15.64 22.47
C SER A 95 -5.44 -15.61 22.43
N HIS A 96 -4.43 -14.76 22.25
CA HIS A 96 -3.79 -14.64 20.95
C HIS A 96 -3.17 -15.96 20.49
N TYR A 97 -2.32 -16.54 21.33
CA TYR A 97 -1.60 -17.74 20.93
C TYR A 97 -2.55 -18.90 20.68
N GLY A 98 -3.55 -19.06 21.55
CA GLY A 98 -4.52 -20.13 21.32
C GLY A 98 -5.31 -19.96 20.02
N ALA A 99 -5.72 -18.73 19.72
CA ALA A 99 -6.59 -18.51 18.57
C ALA A 99 -5.83 -18.52 17.26
N ILE A 100 -4.52 -18.30 17.32
CA ILE A 100 -3.75 -17.99 16.12
C ILE A 100 -2.70 -19.03 15.71
N ALA A 101 -1.95 -19.56 16.66
CA ALA A 101 -0.76 -20.33 16.31
C ALA A 101 -1.02 -21.48 15.33
N VAL A 102 -1.95 -22.35 15.64
CA VAL A 102 -2.19 -23.52 14.80
C VAL A 102 -3.06 -23.13 13.60
N GLY A 103 -3.73 -21.99 13.70
CA GLY A 103 -4.43 -21.44 12.55
C GLY A 103 -3.44 -20.95 11.51
N GLU A 104 -2.35 -20.32 11.93
CA GLU A 104 -1.28 -19.95 10.99
C GLU A 104 -0.78 -21.18 10.25
N TYR A 105 -0.58 -22.27 10.98
CA TYR A 105 -0.10 -23.48 10.34
C TYR A 105 -1.16 -23.99 9.36
N ALA A 106 -2.43 -23.89 9.73
CA ALA A 106 -3.50 -24.26 8.80
C ALA A 106 -3.42 -23.42 7.51
N ALA A 107 -3.01 -22.17 7.63
CA ALA A 107 -2.92 -21.30 6.45
C ALA A 107 -1.90 -21.84 5.43
N VAL A 108 -0.94 -22.64 5.87
CA VAL A 108 -0.04 -23.29 4.91
C VAL A 108 -0.86 -24.08 3.88
N THR A 109 -1.96 -24.66 4.34
CA THR A 109 -2.77 -25.49 3.47
C THR A 109 -3.58 -24.65 2.48
N GLY A 110 -4.06 -23.49 2.91
CA GLY A 110 -4.70 -22.57 1.98
C GLY A 110 -3.71 -22.16 0.90
N GLU A 111 -2.49 -21.85 1.29
CA GLU A 111 -1.46 -21.46 0.33
C GLU A 111 -1.12 -22.65 -0.58
N GLY A 112 -1.00 -23.84 -0.01
CA GLY A 112 -0.71 -25.02 -0.81
C GLY A 112 -1.81 -25.33 -1.80
N ARG A 113 -3.06 -25.07 -1.41
CA ARG A 113 -4.19 -25.21 -2.32
C ARG A 113 -3.99 -24.36 -3.58
N MET A 114 -3.53 -23.13 -3.40
CA MET A 114 -3.26 -22.25 -4.53
C MET A 114 -2.00 -22.70 -5.29
N ALA A 115 -0.99 -23.15 -4.56
CA ALA A 115 0.28 -23.53 -5.22
C ALA A 115 0.07 -24.66 -6.22
N ARG A 116 -0.86 -25.55 -5.92
CA ARG A 116 -1.18 -26.67 -6.82
C ARG A 116 -2.28 -26.33 -7.81
N PHE A 117 -3.36 -25.69 -7.35
CA PHE A 117 -4.58 -25.66 -8.17
C PHE A 117 -4.91 -24.32 -8.82
N SER A 118 -4.18 -23.25 -8.53
CA SER A 118 -4.45 -22.00 -9.23
C SER A 118 -3.98 -22.08 -10.68
N LYS A 119 -4.79 -21.56 -11.62
CA LYS A 119 -4.40 -21.56 -13.03
C LYS A 119 -3.41 -20.43 -13.35
N ALA A 120 -3.19 -19.53 -12.40
CA ALA A 120 -2.28 -18.40 -12.62
C ALA A 120 -0.86 -18.73 -12.15
N PRO A 121 0.11 -18.74 -13.07
CA PRO A 121 1.49 -19.11 -12.69
C PRO A 121 2.09 -18.25 -11.57
N GLY A 122 1.85 -16.94 -11.61
CA GLY A 122 2.40 -16.06 -10.58
C GLY A 122 1.81 -16.34 -9.23
N ASN A 123 0.53 -16.73 -9.22
CA ASN A 123 -0.18 -17.12 -8.01
C ASN A 123 0.42 -18.40 -7.44
N ARG A 124 0.72 -19.36 -8.30
CA ARG A 124 1.30 -20.61 -7.81
C ARG A 124 2.67 -20.38 -7.15
N ASN A 125 3.47 -19.48 -7.71
CA ASN A 125 4.77 -19.17 -7.12
C ASN A 125 4.66 -18.36 -5.84
N MET A 126 3.82 -17.33 -5.84
CA MET A 126 3.67 -16.54 -4.62
C MET A 126 3.08 -17.39 -3.51
N ALA A 127 2.22 -18.35 -3.85
CA ALA A 127 1.61 -19.20 -2.85
C ALA A 127 2.65 -20.14 -2.23
N THR A 128 3.71 -20.43 -2.99
CA THR A 128 4.78 -21.25 -2.47
C THR A 128 5.53 -20.48 -1.39
N PHE A 129 5.81 -19.21 -1.63
CA PHE A 129 6.36 -18.35 -0.57
C PHE A 129 5.37 -18.21 0.58
N GLY A 130 4.09 -18.21 0.26
CA GLY A 130 3.05 -18.15 1.28
C GLY A 130 3.08 -19.38 2.18
N MET A 131 3.28 -20.55 1.59
CA MET A 131 3.40 -21.79 2.38
C MET A 131 4.52 -21.67 3.39
N MET A 132 5.66 -21.16 2.92
CA MET A 132 6.82 -20.95 3.77
C MET A 132 6.57 -19.87 4.84
N ASP A 133 5.98 -18.75 4.44
CA ASP A 133 5.66 -17.71 5.42
C ASP A 133 4.80 -18.24 6.56
N GLU A 134 3.77 -19.00 6.20
CA GLU A 134 2.82 -19.42 7.22
C GLU A 134 3.44 -20.55 8.06
N LEU A 135 4.34 -21.31 7.46
CA LEU A 135 5.13 -22.28 8.23
C LEU A 135 5.92 -21.53 9.29
N ARG A 136 6.60 -20.46 8.88
CA ARG A 136 7.34 -19.63 9.81
C ARG A 136 6.44 -19.16 10.96
N HIS A 137 5.27 -18.63 10.61
CA HIS A 137 4.43 -18.01 11.62
C HIS A 137 3.86 -19.03 12.59
N GLY A 138 3.52 -20.21 12.07
CA GLY A 138 3.02 -21.26 12.95
C GLY A 138 4.11 -21.75 13.89
N GLN A 139 5.32 -21.89 13.36
CA GLN A 139 6.41 -22.38 14.20
C GLN A 139 6.83 -21.34 15.23
N LEU A 140 6.91 -20.08 14.84
CA LEU A 140 7.23 -19.01 15.78
C LEU A 140 6.24 -18.99 16.93
N GLN A 141 4.97 -19.09 16.57
CA GLN A 141 3.94 -18.86 17.58
C GLN A 141 3.59 -20.12 18.34
N LEU A 142 4.35 -21.19 18.08
CA LEU A 142 4.43 -22.34 18.98
C LEU A 142 5.69 -22.25 19.85
N PHE A 143 6.82 -21.91 19.24
CA PHE A 143 8.09 -21.88 19.97
C PHE A 143 8.04 -20.84 21.10
N PHE A 144 7.48 -19.68 20.81
CA PHE A 144 7.50 -18.60 21.79
C PHE A 144 6.61 -18.87 23.02
N PRO A 145 5.34 -19.29 22.83
CA PRO A 145 4.54 -19.54 24.03
C PRO A 145 4.96 -20.80 24.78
N HIS A 146 5.68 -21.70 24.12
CA HIS A 146 6.15 -22.91 24.76
C HIS A 146 6.95 -22.59 26.02
N GLU A 147 7.64 -21.46 26.00
CA GLU A 147 8.45 -21.04 27.14
C GLU A 147 7.60 -20.85 28.39
N TYR A 148 6.33 -20.53 28.21
CA TYR A 148 5.44 -20.23 29.34
C TYR A 148 4.64 -21.43 29.85
N CYS A 149 4.72 -22.56 29.14
CA CYS A 149 4.03 -23.78 29.61
C CYS A 149 4.33 -24.09 31.06
N LYS A 150 5.60 -23.97 31.43
CA LYS A 150 6.02 -24.29 32.79
C LYS A 150 5.43 -23.32 33.83
N LYS A 151 4.91 -22.18 33.37
CA LYS A 151 4.36 -21.17 34.29
C LYS A 151 2.86 -21.30 34.50
N ASP A 152 2.16 -21.83 33.50
CA ASP A 152 0.71 -21.69 33.46
C ASP A 152 0.12 -22.66 32.44
N ARG A 153 -0.74 -23.57 32.89
CA ARG A 153 -1.33 -24.56 32.00
C ARG A 153 -2.17 -23.94 30.87
N GLN A 154 -2.63 -22.70 31.07
CA GLN A 154 -3.42 -22.08 30.01
C GLN A 154 -2.58 -21.84 28.75
N PHE A 155 -1.25 -21.75 28.88
CA PHE A 155 -0.43 -21.60 27.69
C PHE A 155 -0.34 -22.91 26.88
N ASP A 156 -0.75 -24.04 27.47
CA ASP A 156 -0.80 -25.27 26.69
C ASP A 156 -1.77 -25.13 25.52
N TRP A 157 -2.72 -24.20 25.66
CA TRP A 157 -3.75 -24.05 24.64
C TRP A 157 -3.20 -23.38 23.39
N ALA A 158 -1.98 -22.84 23.45
CA ALA A 158 -1.30 -22.39 22.23
C ALA A 158 -1.23 -23.56 21.24
N TRP A 159 -1.02 -24.76 21.77
CA TRP A 159 -1.08 -25.97 20.95
C TRP A 159 -2.48 -26.61 20.98
N ARG A 160 -3.11 -26.64 22.15
CA ARG A 160 -4.30 -27.50 22.30
C ARG A 160 -5.59 -26.95 21.71
N ALA A 161 -5.71 -25.63 21.57
CA ALA A 161 -7.02 -25.05 21.25
C ALA A 161 -7.65 -25.66 19.99
N TYR A 162 -6.88 -25.76 18.91
CA TYR A 162 -7.45 -26.27 17.67
C TYR A 162 -7.71 -27.77 17.72
N HIS A 163 -7.18 -28.44 18.73
CA HIS A 163 -7.43 -29.87 18.92
C HIS A 163 -8.62 -30.09 19.84
N SER A 164 -9.22 -29.00 20.30
CA SER A 164 -10.30 -29.07 21.27
C SER A 164 -11.66 -28.77 20.67
N ASN A 165 -12.69 -29.01 21.46
CA ASN A 165 -14.05 -28.59 21.12
C ASN A 165 -14.49 -27.42 21.99
N GLU A 166 -13.52 -26.65 22.48
CA GLU A 166 -13.85 -25.45 23.24
C GLU A 166 -14.58 -24.48 22.29
N TRP A 167 -15.56 -23.74 22.81
CA TRP A 167 -16.49 -23.04 21.91
C TRP A 167 -15.80 -22.01 21.01
N ALA A 168 -14.85 -21.25 21.56
CA ALA A 168 -14.15 -20.25 20.75
C ALA A 168 -13.22 -20.91 19.73
N ALA A 169 -12.67 -22.07 20.09
CA ALA A 169 -11.85 -22.84 19.15
C ALA A 169 -12.70 -23.36 17.99
N ILE A 170 -13.94 -23.75 18.28
CA ILE A 170 -14.83 -24.20 17.21
C ILE A 170 -15.18 -23.01 16.30
N ALA A 171 -15.40 -21.83 16.88
CA ALA A 171 -15.69 -20.64 16.09
C ALA A 171 -14.49 -20.32 15.18
N ALA A 172 -13.28 -20.42 15.72
CA ALA A 172 -12.10 -20.16 14.92
C ALA A 172 -11.96 -21.20 13.80
N LYS A 173 -12.16 -22.47 14.13
CA LYS A 173 -11.99 -23.52 13.13
C LYS A 173 -13.08 -23.48 12.06
N HIS A 174 -14.29 -23.12 12.47
CA HIS A 174 -15.39 -23.02 11.51
C HIS A 174 -15.09 -21.90 10.53
N PHE A 175 -14.57 -20.78 11.03
CA PHE A 175 -14.21 -19.69 10.15
C PHE A 175 -13.01 -20.05 9.26
N PHE A 176 -11.92 -20.54 9.86
CA PHE A 176 -10.73 -20.78 9.07
C PHE A 176 -10.87 -21.98 8.15
N ASP A 177 -11.67 -22.97 8.56
CA ASP A 177 -11.87 -24.08 7.66
C ASP A 177 -12.74 -23.62 6.48
N ASP A 178 -13.56 -22.60 6.69
CA ASP A 178 -14.40 -22.07 5.62
C ASP A 178 -13.59 -21.24 4.62
N ILE A 179 -12.73 -20.36 5.12
CA ILE A 179 -12.00 -19.46 4.20
C ILE A 179 -10.58 -19.89 3.86
N ILE A 180 -9.99 -20.83 4.61
CA ILE A 180 -8.61 -21.26 4.33
C ILE A 180 -8.50 -22.66 3.75
N THR A 181 -9.05 -23.64 4.47
CA THR A 181 -8.77 -25.04 4.15
C THR A 181 -9.91 -25.73 3.41
N GLY A 182 -11.08 -25.11 3.36
CA GLY A 182 -12.28 -25.79 2.91
C GLY A 182 -12.82 -25.36 1.56
N ARG A 183 -12.08 -24.54 0.83
CA ARG A 183 -12.55 -24.04 -0.46
C ARG A 183 -11.49 -24.07 -1.55
N ASP A 184 -11.92 -23.88 -2.78
CA ASP A 184 -11.02 -23.89 -3.94
C ASP A 184 -9.96 -22.77 -3.88
N ALA A 185 -8.94 -22.89 -4.73
CA ALA A 185 -7.81 -21.98 -4.74
C ALA A 185 -8.19 -20.52 -4.91
N ILE A 186 -9.05 -20.21 -5.88
CA ILE A 186 -9.41 -18.81 -6.11
C ILE A 186 -10.21 -18.26 -4.92
N SER A 187 -11.01 -19.10 -4.29
CA SER A 187 -11.73 -18.69 -3.09
C SER A 187 -10.77 -18.36 -1.97
N VAL A 188 -9.73 -19.17 -1.80
CA VAL A 188 -8.73 -18.90 -0.78
C VAL A 188 -8.04 -17.55 -1.05
N ALA A 189 -7.69 -17.29 -2.31
CA ALA A 189 -7.04 -16.02 -2.64
C ALA A 189 -7.91 -14.84 -2.22
N ILE A 190 -9.21 -14.95 -2.50
CA ILE A 190 -10.12 -13.85 -2.23
C ILE A 190 -10.44 -13.75 -0.74
N MET A 191 -10.74 -14.88 -0.11
CA MET A 191 -11.26 -14.87 1.25
C MET A 191 -10.17 -14.80 2.30
N LEU A 192 -9.07 -15.51 2.07
CA LEU A 192 -7.96 -15.47 3.00
C LEU A 192 -7.05 -14.27 2.73
N THR A 193 -6.46 -14.19 1.53
CA THR A 193 -5.38 -13.20 1.38
C THR A 193 -5.91 -11.77 1.22
N PHE A 194 -7.01 -11.56 0.49
CA PHE A 194 -7.55 -10.22 0.36
C PHE A 194 -8.42 -9.80 1.53
N SER A 195 -9.43 -10.60 1.85
CA SER A 195 -10.40 -10.19 2.85
C SER A 195 -9.85 -10.28 4.27
N PHE A 196 -9.20 -11.39 4.61
CA PHE A 196 -8.75 -11.58 5.97
C PHE A 196 -7.37 -10.99 6.28
N GLU A 197 -6.36 -11.35 5.48
CA GLU A 197 -5.00 -10.92 5.77
C GLU A 197 -4.79 -9.44 5.43
N THR A 198 -5.07 -9.07 4.19
CA THR A 198 -4.96 -7.67 3.81
C THR A 198 -5.97 -6.84 4.58
N GLY A 199 -7.17 -7.39 4.75
CA GLY A 199 -8.29 -6.65 5.32
C GLY A 199 -8.33 -6.49 6.84
N PHE A 200 -7.79 -7.46 7.57
CA PHE A 200 -7.82 -7.43 9.04
C PHE A 200 -6.48 -7.64 9.71
N THR A 201 -5.80 -8.74 9.39
CA THR A 201 -4.66 -9.13 10.23
C THR A 201 -3.47 -8.20 10.08
N ASN A 202 -3.33 -7.59 8.91
CA ASN A 202 -2.21 -6.68 8.70
C ASN A 202 -2.23 -5.54 9.73
N MET A 203 -3.37 -4.86 9.84
CA MET A 203 -3.46 -3.73 10.76
C MET A 203 -3.57 -4.20 12.21
N GLN A 204 -4.16 -5.38 12.43
N GLN A 204 -4.20 -5.36 12.43
CA GLN A 204 -4.32 -5.85 13.80
CA GLN A 204 -4.31 -5.91 13.77
C GLN A 204 -2.98 -6.29 14.40
C GLN A 204 -2.93 -6.17 14.36
N PHE A 205 -2.06 -6.78 13.57
CA PHE A 205 -0.73 -7.12 14.05
C PHE A 205 0.08 -5.85 14.31
N LEU A 206 -0.11 -4.82 13.51
CA LEU A 206 0.55 -3.54 13.80
C LEU A 206 0.05 -2.97 15.14
N GLY A 207 -1.25 -3.08 15.40
CA GLY A 207 -1.81 -2.60 16.64
C GLY A 207 -1.29 -3.38 17.83
N LEU A 208 -1.23 -4.70 17.68
CA LEU A 208 -0.82 -5.61 18.74
C LEU A 208 0.65 -5.42 19.12
N ALA A 209 1.52 -5.22 18.13
CA ALA A 209 2.93 -5.00 18.41
C ALA A 209 3.11 -3.73 19.24
N ALA A 210 2.35 -2.68 18.90
CA ALA A 210 2.38 -1.45 19.68
C ALA A 210 1.90 -1.69 21.11
N ASP A 211 0.80 -2.45 21.25
CA ASP A 211 0.27 -2.79 22.57
C ASP A 211 1.32 -3.53 23.40
N ALA A 212 2.05 -4.42 22.75
CA ALA A 212 3.06 -5.23 23.43
C ALA A 212 4.18 -4.36 24.00
N ALA A 213 4.60 -3.38 23.20
CA ALA A 213 5.61 -2.44 23.66
C ALA A 213 5.10 -1.66 24.87
N GLU A 214 3.85 -1.20 24.81
CA GLU A 214 3.26 -0.48 25.93
C GLU A 214 3.25 -1.33 27.20
N ALA A 215 3.05 -2.64 27.03
CA ALA A 215 2.99 -3.57 28.15
C ALA A 215 4.38 -3.97 28.63
N GLY A 216 5.41 -3.46 27.95
CA GLY A 216 6.78 -3.76 28.31
C GLY A 216 7.26 -5.14 27.89
N ASP A 217 6.57 -5.72 26.91
CA ASP A 217 6.90 -7.06 26.40
C ASP A 217 7.58 -6.93 25.05
N TYR A 218 8.88 -6.69 25.04
CA TYR A 218 9.57 -6.40 23.79
C TYR A 218 9.86 -7.66 22.96
N THR A 219 9.90 -8.82 23.60
CA THR A 219 10.04 -10.07 22.86
C THR A 219 8.83 -10.27 21.95
N PHE A 220 7.65 -10.08 22.50
CA PHE A 220 6.42 -10.25 21.72
C PHE A 220 6.23 -9.10 20.73
N ALA A 221 6.59 -7.87 21.13
CA ALA A 221 6.46 -6.75 20.20
C ALA A 221 7.31 -7.03 18.97
N ASN A 222 8.53 -7.50 19.22
CA ASN A 222 9.45 -7.80 18.14
C ASN A 222 8.96 -8.97 17.29
N LEU A 223 8.45 -10.00 17.96
CA LEU A 223 7.93 -11.16 17.25
C LEU A 223 6.79 -10.78 16.28
N ILE A 224 5.82 -10.03 16.81
CA ILE A 224 4.64 -9.66 16.03
C ILE A 224 5.01 -8.68 14.91
N SER A 225 5.92 -7.75 15.18
CA SER A 225 6.38 -6.84 14.15
C SER A 225 7.03 -7.63 13.02
N SER A 226 7.85 -8.60 13.40
CA SER A 226 8.56 -9.41 12.40
C SER A 226 7.58 -10.18 11.51
N ILE A 227 6.59 -10.80 12.14
CA ILE A 227 5.58 -11.53 11.39
C ILE A 227 4.82 -10.62 10.44
N GLN A 228 4.47 -9.43 10.90
CA GLN A 228 3.74 -8.50 10.05
C GLN A 228 4.52 -8.13 8.78
N THR A 229 5.85 -8.07 8.86
CA THR A 229 6.63 -7.71 7.67
C THR A 229 6.58 -8.78 6.59
N ASP A 230 6.11 -9.97 6.92
CA ASP A 230 5.93 -11.04 5.94
C ASP A 230 4.61 -10.92 5.18
N GLU A 231 3.65 -10.22 5.76
CA GLU A 231 2.26 -10.37 5.33
C GLU A 231 2.05 -10.02 3.85
N SER A 232 2.59 -8.90 3.40
CA SER A 232 2.26 -8.42 2.05
C SER A 232 2.77 -9.38 0.97
N ARG A 233 3.83 -10.12 1.28
CA ARG A 233 4.42 -11.03 0.31
C ARG A 233 3.39 -12.06 -0.19
N HIS A 234 2.51 -12.54 0.69
CA HIS A 234 1.50 -13.50 0.24
C HIS A 234 0.08 -12.93 0.28
N ALA A 235 -0.15 -11.92 1.11
CA ALA A 235 -1.49 -11.33 1.21
C ALA A 235 -1.87 -10.62 -0.08
N GLN A 236 -0.87 -10.35 -0.91
CA GLN A 236 -1.09 -9.62 -2.16
C GLN A 236 -1.83 -10.44 -3.22
N GLN A 237 -2.01 -11.75 -2.98
CA GLN A 237 -2.45 -12.64 -4.06
C GLN A 237 -3.90 -12.43 -4.46
N GLY A 238 -4.71 -11.91 -3.55
CA GLY A 238 -6.15 -11.78 -3.79
C GLY A 238 -6.54 -10.71 -4.78
N GLY A 239 -5.88 -9.55 -4.70
CA GLY A 239 -6.18 -8.43 -5.58
C GLY A 239 -6.18 -8.80 -7.06
N PRO A 240 -5.05 -9.33 -7.55
CA PRO A 240 -4.99 -9.70 -8.97
C PRO A 240 -5.99 -10.80 -9.33
N ALA A 241 -6.32 -11.68 -8.40
CA ALA A 241 -7.32 -12.70 -8.66
C ALA A 241 -8.68 -12.03 -8.89
N LEU A 242 -9.01 -11.08 -8.02
CA LEU A 242 -10.29 -10.38 -8.14
C LEU A 242 -10.35 -9.60 -9.45
N GLN A 243 -9.26 -8.92 -9.80
CA GLN A 243 -9.21 -8.18 -11.06
C GLN A 243 -9.50 -9.10 -12.24
N LEU A 244 -8.88 -10.28 -12.21
CA LEU A 244 -9.02 -11.24 -13.29
C LEU A 244 -10.46 -11.70 -13.41
N LEU A 245 -11.10 -12.01 -12.28
CA LEU A 245 -12.50 -12.44 -12.28
C LEU A 245 -13.39 -11.36 -12.87
N ILE A 246 -13.18 -10.13 -12.42
CA ILE A 246 -14.01 -9.00 -12.84
C ILE A 246 -13.88 -8.75 -14.34
N GLU A 247 -12.66 -8.86 -14.84
CA GLU A 247 -12.40 -8.63 -16.26
C GLU A 247 -13.01 -9.74 -17.13
N ASN A 248 -13.28 -10.89 -16.52
CA ASN A 248 -13.79 -12.03 -17.27
C ASN A 248 -15.21 -12.41 -16.90
N GLY A 249 -16.02 -11.42 -16.57
CA GLY A 249 -17.46 -11.60 -16.39
C GLY A 249 -17.93 -12.15 -15.05
N LYS A 250 -17.02 -12.29 -14.08
CA LYS A 250 -17.38 -12.88 -12.79
C LYS A 250 -17.42 -11.85 -11.66
N ARG A 251 -17.79 -10.61 -11.98
CA ARG A 251 -17.88 -9.56 -10.97
C ARG A 251 -18.74 -9.95 -9.78
N GLU A 252 -19.94 -10.46 -10.04
CA GLU A 252 -20.87 -10.75 -8.96
C GLU A 252 -20.38 -11.91 -8.10
N GLU A 253 -19.78 -12.91 -8.76
CA GLU A 253 -19.15 -14.01 -8.02
C GLU A 253 -18.03 -13.51 -7.12
N ALA A 254 -17.20 -12.60 -7.64
CA ALA A 254 -16.13 -12.02 -6.84
C ALA A 254 -16.70 -11.25 -5.65
N GLN A 255 -17.70 -10.40 -5.90
CA GLN A 255 -18.32 -9.61 -4.85
C GLN A 255 -18.87 -10.50 -3.74
N LYS A 256 -19.51 -11.59 -4.13
CA LYS A 256 -20.14 -12.49 -3.17
C LYS A 256 -19.12 -13.09 -2.20
N LYS A 257 -17.96 -13.47 -2.74
CA LYS A 257 -16.93 -14.11 -1.92
C LYS A 257 -16.31 -13.10 -0.95
N VAL A 258 -16.05 -11.89 -1.42
CA VAL A 258 -15.61 -10.81 -0.55
C VAL A 258 -16.67 -10.53 0.53
N ASP A 259 -17.93 -10.44 0.13
CA ASP A 259 -19.01 -10.13 1.07
C ASP A 259 -19.02 -11.15 2.20
N MET A 260 -18.99 -12.42 1.83
CA MET A 260 -19.02 -13.51 2.78
C MET A 260 -17.82 -13.44 3.72
N ALA A 261 -16.63 -13.25 3.17
CA ALA A 261 -15.43 -13.37 3.98
C ALA A 261 -15.26 -12.22 4.98
N ILE A 262 -15.56 -11.00 4.55
CA ILE A 262 -15.42 -9.86 5.43
C ILE A 262 -16.33 -9.99 6.66
N TRP A 263 -17.58 -10.42 6.45
CA TRP A 263 -18.50 -10.50 7.57
C TRP A 263 -18.08 -11.59 8.54
N ARG A 264 -17.69 -12.74 8.00
CA ARG A 264 -17.29 -13.86 8.85
C ARG A 264 -16.05 -13.49 9.65
N ALA A 265 -15.13 -12.76 9.03
CA ALA A 265 -13.93 -12.31 9.72
C ALA A 265 -14.33 -11.35 10.83
N TRP A 266 -15.25 -10.45 10.53
CA TRP A 266 -15.66 -9.44 11.49
C TRP A 266 -16.23 -10.07 12.77
N ARG A 267 -17.09 -11.06 12.64
CA ARG A 267 -17.73 -11.60 13.85
C ARG A 267 -16.69 -12.22 14.77
N LEU A 268 -15.72 -12.93 14.20
CA LEU A 268 -14.67 -13.55 15.00
C LEU A 268 -13.74 -12.49 15.58
N PHE A 269 -13.44 -11.47 14.80
CA PHE A 269 -12.57 -10.38 15.25
C PHE A 269 -13.21 -9.68 16.45
N ALA A 270 -14.53 -9.51 16.41
CA ALA A 270 -15.24 -8.85 17.48
C ALA A 270 -15.18 -9.61 18.80
N VAL A 271 -15.09 -10.94 18.74
CA VAL A 271 -15.08 -11.70 19.98
C VAL A 271 -13.67 -11.82 20.53
N LEU A 272 -12.67 -11.85 19.64
CA LEU A 272 -11.29 -12.10 20.04
C LEU A 272 -10.51 -10.84 20.36
N THR A 273 -10.75 -9.77 19.58
CA THR A 273 -9.93 -8.56 19.72
C THR A 273 -10.69 -7.38 20.32
N GLY A 274 -11.98 -7.28 20.04
CA GLY A 274 -12.80 -6.23 20.63
C GLY A 274 -12.68 -6.10 22.13
N PRO A 275 -12.84 -7.21 22.87
CA PRO A 275 -12.74 -7.17 24.33
C PRO A 275 -11.33 -6.84 24.81
N VAL A 276 -10.30 -7.26 24.07
CA VAL A 276 -8.94 -6.95 24.45
C VAL A 276 -8.70 -5.44 24.40
N MET A 277 -9.13 -4.79 23.33
CA MET A 277 -8.89 -3.36 23.18
C MET A 277 -9.66 -2.49 24.16
N ASP A 278 -10.91 -2.86 24.43
CA ASP A 278 -11.76 -1.96 25.22
C ASP A 278 -11.85 -2.33 26.69
N TYR A 279 -11.34 -3.50 27.05
CA TYR A 279 -11.51 -3.99 28.42
C TYR A 279 -10.27 -4.59 29.05
N TYR A 280 -9.45 -5.31 28.29
CA TYR A 280 -8.33 -6.02 28.91
C TYR A 280 -7.13 -5.11 29.06
N THR A 281 -6.95 -4.26 28.06
CA THR A 281 -5.86 -3.29 28.05
C THR A 281 -6.08 -2.25 29.12
N PRO A 282 -5.06 -2.00 29.96
CA PRO A 282 -5.22 -0.96 30.98
C PRO A 282 -5.62 0.36 30.36
N LEU A 283 -6.52 1.08 31.05
CA LEU A 283 -7.08 2.33 30.56
C LEU A 283 -6.03 3.32 30.06
N GLU A 284 -4.96 3.49 30.83
CA GLU A 284 -3.95 4.48 30.48
C GLU A 284 -3.22 4.11 29.18
N ASP A 285 -3.32 2.86 28.76
CA ASP A 285 -2.64 2.41 27.55
C ASP A 285 -3.57 2.25 26.34
N ARG A 286 -4.80 2.73 26.46
CA ARG A 286 -5.73 2.67 25.33
C ARG A 286 -5.62 3.92 24.46
N SER A 287 -4.99 3.79 23.31
CA SER A 287 -4.77 4.96 22.46
C SER A 287 -6.05 5.32 21.72
N GLN A 288 -6.95 4.34 21.59
CA GLN A 288 -8.24 4.55 20.94
C GLN A 288 -9.18 3.39 21.26
N SER A 289 -10.46 3.56 20.98
CA SER A 289 -11.42 2.48 21.21
C SER A 289 -11.40 1.47 20.06
N PHE A 290 -11.98 0.30 20.31
CA PHE A 290 -12.13 -0.69 19.27
C PHE A 290 -12.89 -0.11 18.07
N LYS A 291 -13.92 0.68 18.36
CA LYS A 291 -14.70 1.32 17.30
C LYS A 291 -13.83 2.25 16.47
N GLU A 292 -13.04 3.08 17.15
CA GLU A 292 -12.14 4.00 16.45
C GLU A 292 -11.12 3.26 15.60
N PHE A 293 -10.65 2.12 16.10
CA PHE A 293 -9.74 1.26 15.36
C PHE A 293 -10.41 0.73 14.11
N MET A 294 -11.62 0.21 14.26
CA MET A 294 -12.34 -0.32 13.11
C MET A 294 -12.53 0.77 12.06
N TYR A 295 -12.88 1.97 12.51
CA TYR A 295 -13.06 3.10 11.61
C TYR A 295 -11.76 3.62 11.01
N GLU A 296 -10.70 3.63 11.81
CA GLU A 296 -9.44 4.22 11.37
C GLU A 296 -8.65 3.29 10.45
N TRP A 297 -8.65 2.00 10.78
CA TRP A 297 -7.71 1.06 10.18
C TRP A 297 -8.33 -0.03 9.31
N ILE A 298 -9.63 -0.27 9.44
CA ILE A 298 -10.25 -1.38 8.74
C ILE A 298 -11.30 -0.97 7.70
N ILE A 299 -12.32 -0.24 8.16
CA ILE A 299 -13.45 0.13 7.30
C ILE A 299 -13.04 0.96 6.09
N GLY A 300 -12.31 2.05 6.32
CA GLY A 300 -11.90 2.92 5.23
C GLY A 300 -11.01 2.22 4.22
N GLN A 301 -10.13 1.35 4.72
CA GLN A 301 -9.22 0.61 3.85
C GLN A 301 -9.99 -0.33 2.93
N PHE A 302 -10.98 -1.00 3.48
CA PHE A 302 -11.87 -1.84 2.68
C PHE A 302 -12.57 -1.03 1.60
N GLU A 303 -13.11 0.11 2.01
CA GLU A 303 -13.87 0.93 1.07
C GLU A 303 -13.01 1.35 -0.11
N ARG A 304 -11.77 1.73 0.14
CA ARG A 304 -10.96 2.24 -0.95
C ARG A 304 -10.31 1.12 -1.76
N SER A 305 -10.01 -0.01 -1.13
CA SER A 305 -9.41 -1.12 -1.87
C SER A 305 -10.45 -1.78 -2.77
N LEU A 306 -11.70 -1.81 -2.31
CA LEU A 306 -12.78 -2.37 -3.10
C LEU A 306 -13.08 -1.49 -4.31
N ILE A 307 -13.15 -0.19 -4.08
CA ILE A 307 -13.44 0.75 -5.17
C ILE A 307 -12.38 0.66 -6.27
N ASP A 308 -11.12 0.61 -5.85
CA ASP A 308 -10.01 0.48 -6.79
C ASP A 308 -10.14 -0.74 -7.70
N LEU A 309 -10.70 -1.81 -7.16
CA LEU A 309 -10.87 -3.05 -7.93
C LEU A 309 -12.09 -3.00 -8.84
N GLY A 310 -12.97 -2.05 -8.60
CA GLY A 310 -14.22 -1.98 -9.35
C GLY A 310 -15.33 -2.73 -8.66
N LEU A 311 -15.13 -3.06 -7.39
CA LEU A 311 -16.16 -3.70 -6.60
C LEU A 311 -16.94 -2.66 -5.80
N ASP A 312 -17.99 -3.09 -5.12
CA ASP A 312 -18.80 -2.18 -4.32
C ASP A 312 -18.67 -2.52 -2.83
N LYS A 313 -19.04 -1.57 -1.98
CA LYS A 313 -19.22 -1.87 -0.57
C LYS A 313 -20.23 -3.00 -0.49
N PRO A 314 -19.97 -3.99 0.36
CA PRO A 314 -20.93 -5.10 0.55
C PRO A 314 -22.32 -4.58 0.87
N TRP A 315 -23.34 -5.37 0.57
CA TRP A 315 -24.73 -4.93 0.76
C TRP A 315 -25.04 -4.59 2.21
N TYR A 316 -24.29 -5.18 3.14
CA TYR A 316 -24.57 -5.06 4.56
C TYR A 316 -23.79 -3.96 5.27
N TRP A 317 -23.19 -3.05 4.51
CA TRP A 317 -22.23 -2.11 5.11
C TRP A 317 -22.83 -1.31 6.26
N ASP A 318 -24.08 -0.85 6.15
CA ASP A 318 -24.68 -0.09 7.24
C ASP A 318 -24.88 -0.97 8.48
N LEU A 319 -25.21 -2.23 8.27
CA LEU A 319 -25.31 -3.21 9.35
C LEU A 319 -23.96 -3.40 10.04
N PHE A 320 -22.91 -3.44 9.24
CA PHE A 320 -21.54 -3.56 9.72
C PHE A 320 -21.23 -2.36 10.62
N LEU A 321 -21.50 -1.17 10.13
CA LEU A 321 -21.23 0.06 10.89
C LEU A 321 -21.97 0.07 12.22
N LYS A 322 -23.22 -0.36 12.22
CA LYS A 322 -24.01 -0.42 13.45
C LYS A 322 -23.40 -1.43 14.41
N ASP A 323 -22.98 -2.56 13.86
CA ASP A 323 -22.41 -3.65 14.66
C ASP A 323 -21.15 -3.20 15.41
N ILE A 324 -20.37 -2.31 14.81
CA ILE A 324 -19.14 -1.88 15.44
C ILE A 324 -19.42 -1.10 16.73
N ASP A 325 -20.63 -0.58 16.85
CA ASP A 325 -21.02 0.17 18.04
C ASP A 325 -21.43 -0.74 19.21
N GLU A 326 -21.79 -1.98 18.90
CA GLU A 326 -22.57 -2.78 19.83
C GLU A 326 -22.04 -4.19 20.10
N LEU A 327 -21.61 -4.86 19.03
CA LEU A 327 -21.45 -6.31 19.11
C LEU A 327 -20.40 -6.75 20.13
N HIS A 328 -19.23 -6.13 20.12
CA HIS A 328 -18.14 -6.60 20.96
C HIS A 328 -18.39 -6.33 22.44
N HIS A 329 -19.22 -5.34 22.76
CA HIS A 329 -19.61 -5.10 24.15
C HIS A 329 -20.39 -6.27 24.69
N SER A 330 -21.26 -6.84 23.85
CA SER A 330 -22.04 -7.99 24.27
C SER A 330 -21.18 -9.24 24.28
N TYR A 331 -20.33 -9.38 23.27
CA TYR A 331 -19.39 -10.49 23.25
C TYR A 331 -18.49 -10.48 24.48
N HIS A 332 -17.99 -9.30 24.87
CA HIS A 332 -17.14 -9.23 26.06
C HIS A 332 -17.88 -9.67 27.31
N MET A 333 -19.10 -9.17 27.47
CA MET A 333 -19.94 -9.52 28.60
C MET A 333 -20.12 -11.02 28.69
N GLY A 334 -20.30 -11.66 27.54
CA GLY A 334 -20.50 -13.11 27.47
C GLY A 334 -19.25 -13.90 27.81
N VAL A 335 -18.13 -13.51 27.19
CA VAL A 335 -16.87 -14.14 27.51
C VAL A 335 -16.56 -14.03 29.01
N TRP A 336 -16.82 -12.86 29.60
CA TRP A 336 -16.57 -12.74 31.04
C TRP A 336 -17.56 -13.57 31.87
N TYR A 337 -18.85 -13.47 31.57
CA TYR A 337 -19.82 -14.19 32.40
C TYR A 337 -19.59 -15.70 32.29
N TRP A 338 -19.25 -16.16 31.08
CA TRP A 338 -18.92 -17.57 30.86
C TRP A 338 -17.40 -17.81 30.83
N ARG A 339 -16.67 -17.04 31.64
CA ARG A 339 -15.21 -17.10 31.63
C ARG A 339 -14.68 -18.51 31.88
N THR A 340 -15.44 -19.32 32.62
CA THR A 340 -14.96 -20.65 32.98
C THR A 340 -14.81 -21.56 31.74
N THR A 341 -15.42 -21.15 30.63
CA THR A 341 -15.34 -21.91 29.38
C THR A 341 -14.22 -21.42 28.47
N ALA A 342 -13.49 -20.40 28.90
CA ALA A 342 -12.37 -19.83 28.13
C ALA A 342 -11.05 -20.37 28.65
N TRP A 343 -10.00 -20.36 27.81
CA TRP A 343 -8.68 -20.81 28.26
C TRP A 343 -7.79 -19.64 28.70
N TRP A 344 -8.37 -18.45 28.81
CA TRP A 344 -7.66 -17.29 29.34
C TRP A 344 -8.55 -16.67 30.40
N ASN A 345 -8.01 -15.70 31.13
CA ASN A 345 -8.75 -15.05 32.22
C ASN A 345 -9.24 -13.66 31.79
N PRO A 346 -10.54 -13.53 31.47
CA PRO A 346 -11.02 -12.24 30.99
C PRO A 346 -11.00 -11.19 32.09
N ALA A 347 -10.61 -9.97 31.74
CA ALA A 347 -10.70 -8.84 32.64
C ALA A 347 -12.08 -8.17 32.46
N ALA A 348 -12.78 -7.92 33.56
CA ALA A 348 -14.10 -7.31 33.46
C ALA A 348 -14.01 -5.91 32.88
N GLY A 349 -13.08 -5.11 33.38
CA GLY A 349 -12.84 -3.79 32.82
C GLY A 349 -13.98 -2.81 33.01
N VAL A 350 -14.64 -2.89 34.15
CA VAL A 350 -15.78 -2.01 34.40
C VAL A 350 -15.67 -1.30 35.74
N THR A 351 -14.45 -0.93 36.11
CA THR A 351 -14.28 0.01 37.20
C THR A 351 -14.95 1.32 36.80
N PRO A 352 -15.28 2.16 37.80
CA PRO A 352 -15.92 3.45 37.51
C PRO A 352 -15.14 4.27 36.47
N GLU A 353 -13.81 4.37 36.60
CA GLU A 353 -13.03 5.17 35.67
C GLU A 353 -13.04 4.54 34.27
N GLU A 354 -13.06 3.21 34.21
CA GLU A 354 -13.21 2.54 32.93
C GLU A 354 -14.60 2.76 32.33
N ARG A 355 -15.65 2.73 33.16
CA ARG A 355 -16.99 2.96 32.66
C ARG A 355 -17.14 4.40 32.15
N ASP A 356 -16.39 5.33 32.74
CA ASP A 356 -16.37 6.70 32.24
C ASP A 356 -15.79 6.78 30.83
N TRP A 357 -14.73 6.03 30.59
CA TRP A 357 -14.09 5.98 29.27
C TRP A 357 -15.03 5.32 28.27
N LEU A 358 -15.66 4.22 28.67
CA LEU A 358 -16.61 3.55 27.80
C LEU A 358 -17.76 4.48 27.42
N GLU A 359 -18.23 5.28 28.38
CA GLU A 359 -19.33 6.21 28.12
C GLU A 359 -18.89 7.29 27.13
N GLU A 360 -17.65 7.74 27.26
CA GLU A 360 -17.12 8.75 26.37
C GLU A 360 -16.98 8.20 24.94
N LYS A 361 -16.53 6.96 24.82
CA LYS A 361 -16.28 6.37 23.52
C LYS A 361 -17.55 5.81 22.87
N TYR A 362 -18.52 5.45 23.71
CA TYR A 362 -19.77 4.88 23.23
C TYR A 362 -20.94 5.49 23.98
N PRO A 363 -21.32 6.71 23.61
CA PRO A 363 -22.35 7.44 24.34
C PRO A 363 -23.59 6.56 24.58
N GLY A 364 -24.01 6.46 25.84
CA GLY A 364 -25.15 5.64 26.19
C GLY A 364 -24.74 4.25 26.66
N TRP A 365 -23.45 4.00 26.78
CA TRP A 365 -22.96 2.69 27.18
C TRP A 365 -23.57 2.27 28.52
N ASN A 366 -23.63 3.20 29.47
CA ASN A 366 -24.11 2.84 30.80
C ASN A 366 -25.60 2.51 30.84
N LYS A 367 -26.39 3.05 29.92
CA LYS A 367 -27.83 2.75 29.87
C LYS A 367 -28.11 1.42 29.19
N ARG A 368 -27.06 0.85 28.60
CA ARG A 368 -27.16 -0.41 27.87
C ARG A 368 -26.39 -1.49 28.63
N TRP A 369 -25.16 -1.76 28.23
CA TRP A 369 -24.35 -2.78 28.91
C TRP A 369 -24.10 -2.47 30.39
N GLY A 370 -24.03 -1.19 30.73
CA GLY A 370 -23.88 -0.79 32.11
C GLY A 370 -24.94 -1.35 33.04
N ARG A 371 -26.17 -1.51 32.54
CA ARG A 371 -27.25 -2.04 33.38
C ARG A 371 -26.93 -3.45 33.86
N CYS A 372 -26.36 -4.24 32.97
CA CYS A 372 -25.96 -5.61 33.30
C CYS A 372 -24.78 -5.61 34.27
N TRP A 373 -23.79 -4.77 33.98
CA TRP A 373 -22.62 -4.70 34.83
C TRP A 373 -22.97 -4.14 36.21
N ASP A 374 -24.03 -3.33 36.30
CA ASP A 374 -24.49 -2.86 37.60
C ASP A 374 -24.90 -4.05 38.48
N VAL A 375 -25.65 -4.97 37.89
CA VAL A 375 -26.14 -6.14 38.62
C VAL A 375 -24.98 -7.03 39.02
N ILE A 376 -24.11 -7.30 38.06
CA ILE A 376 -22.91 -8.09 38.30
C ILE A 376 -22.02 -7.45 39.38
N THR A 377 -21.81 -6.15 39.30
CA THR A 377 -20.92 -5.49 40.24
C THR A 377 -21.46 -5.54 41.66
N GLU A 378 -22.76 -5.32 41.85
CA GLU A 378 -23.29 -5.39 43.20
C GLU A 378 -23.21 -6.83 43.73
N ASN A 379 -23.36 -7.81 42.85
CA ASN A 379 -23.24 -9.21 43.30
C ASN A 379 -21.82 -9.52 43.73
N VAL A 380 -20.83 -9.02 42.99
CA VAL A 380 -19.45 -9.22 43.39
C VAL A 380 -19.18 -8.59 44.76
N LEU A 381 -19.64 -7.35 44.95
CA LEU A 381 -19.47 -6.66 46.23
C LEU A 381 -20.11 -7.38 47.40
N ASN A 382 -21.19 -8.11 47.14
CA ASN A 382 -21.88 -8.88 48.16
C ASN A 382 -21.38 -10.32 48.22
N ASP A 383 -20.35 -10.61 47.43
CA ASP A 383 -19.73 -11.93 47.37
C ASP A 383 -20.74 -12.99 46.93
N ARG A 384 -21.65 -12.61 46.05
CA ARG A 384 -22.59 -13.57 45.48
C ARG A 384 -21.95 -14.20 44.25
N MET A 385 -20.98 -15.08 44.50
CA MET A 385 -20.27 -15.75 43.42
C MET A 385 -21.20 -16.66 42.64
N ASP A 386 -22.26 -17.17 43.29
CA ASP A 386 -23.19 -18.04 42.61
C ASP A 386 -23.89 -17.30 41.47
N LEU A 387 -24.10 -16.00 41.64
CA LEU A 387 -24.85 -15.21 40.68
C LEU A 387 -23.98 -14.66 39.54
N VAL A 388 -22.67 -14.85 39.62
CA VAL A 388 -21.79 -14.46 38.52
C VAL A 388 -21.17 -15.70 37.89
N SER A 389 -21.77 -16.86 38.17
CA SER A 389 -21.39 -18.13 37.56
C SER A 389 -22.61 -18.74 36.85
N PRO A 390 -22.49 -19.02 35.55
CA PRO A 390 -23.62 -19.51 34.75
C PRO A 390 -24.00 -20.95 35.05
N GLU A 391 -25.26 -21.29 34.79
CA GLU A 391 -25.77 -22.64 35.02
C GLU A 391 -26.44 -23.20 33.78
N THR A 392 -26.36 -22.46 32.68
CA THR A 392 -26.90 -22.95 31.41
C THR A 392 -25.99 -22.50 30.28
N LEU A 393 -26.30 -22.95 29.06
CA LEU A 393 -25.51 -22.56 27.90
C LEU A 393 -26.17 -21.41 27.15
N PRO A 394 -25.36 -20.56 26.54
CA PRO A 394 -25.92 -19.55 25.65
C PRO A 394 -26.38 -20.22 24.35
N SER A 395 -27.37 -19.64 23.68
CA SER A 395 -27.76 -20.12 22.36
C SER A 395 -26.71 -19.68 21.37
N VAL A 396 -26.39 -20.51 20.37
CA VAL A 396 -25.23 -20.26 19.51
C VAL A 396 -25.58 -20.13 18.03
N CYS A 397 -24.92 -19.21 17.35
CA CYS A 397 -25.17 -19.00 15.93
C CYS A 397 -24.73 -20.22 15.11
N ASN A 398 -25.58 -20.66 14.19
CA ASN A 398 -25.24 -21.81 13.36
C ASN A 398 -24.25 -21.46 12.24
N MET A 399 -23.87 -20.18 12.12
CA MET A 399 -22.78 -19.79 11.22
C MET A 399 -21.50 -19.49 12.01
N SER A 400 -21.52 -18.42 12.79
CA SER A 400 -20.30 -17.97 13.46
C SER A 400 -19.86 -18.87 14.62
N GLN A 401 -20.76 -19.70 15.13
CA GLN A 401 -20.48 -20.53 16.31
C GLN A 401 -20.28 -19.68 17.58
N ILE A 402 -20.69 -18.41 17.52
CA ILE A 402 -20.62 -17.52 18.67
C ILE A 402 -22.05 -17.27 19.17
N PRO A 403 -22.22 -17.10 20.49
CA PRO A 403 -23.58 -16.95 21.01
C PRO A 403 -24.41 -15.81 20.39
N LEU A 404 -25.72 -16.01 20.43
CA LEU A 404 -26.70 -15.03 19.96
C LEU A 404 -26.86 -13.87 20.95
N VAL A 405 -26.45 -12.67 20.55
CA VAL A 405 -26.50 -11.52 21.46
C VAL A 405 -27.27 -10.36 20.85
N GLY A 406 -27.51 -9.35 21.68
CA GLY A 406 -28.08 -8.10 21.23
C GLY A 406 -27.69 -6.98 22.19
N VAL A 407 -28.48 -5.90 22.17
CA VAL A 407 -28.26 -4.77 23.05
C VAL A 407 -29.13 -4.90 24.29
N PRO A 408 -28.52 -4.84 25.48
CA PRO A 408 -29.26 -5.00 26.74
C PRO A 408 -29.71 -3.68 27.34
N GLY A 409 -30.34 -3.74 28.50
CA GLY A 409 -30.67 -2.57 29.26
C GLY A 409 -31.82 -1.75 28.70
N ASP A 410 -31.66 -0.43 28.75
CA ASP A 410 -32.71 0.52 28.40
C ASP A 410 -33.11 0.51 26.93
N ASP A 411 -32.21 0.00 26.09
CA ASP A 411 -32.49 -0.07 24.66
C ASP A 411 -32.54 -1.51 24.22
N TRP A 412 -33.24 -2.33 24.99
CA TRP A 412 -33.20 -3.77 24.77
C TRP A 412 -33.65 -4.08 23.36
N ASN A 413 -32.77 -4.72 22.60
CA ASN A 413 -33.12 -5.20 21.29
C ASN A 413 -32.25 -6.37 20.91
N ILE A 414 -32.87 -7.51 20.72
CA ILE A 414 -32.12 -8.68 20.32
C ILE A 414 -32.91 -9.38 19.23
N GLU A 415 -32.22 -9.80 18.19
CA GLU A 415 -32.90 -10.45 17.07
C GLU A 415 -32.16 -11.68 16.58
N VAL A 416 -32.88 -12.78 16.53
CA VAL A 416 -32.38 -14.02 15.99
C VAL A 416 -32.96 -14.19 14.60
N PHE A 417 -32.11 -14.53 13.65
CA PHE A 417 -32.55 -14.73 12.28
C PHE A 417 -32.55 -16.21 11.99
N SER A 418 -33.74 -16.79 11.90
CA SER A 418 -33.86 -18.25 11.81
C SER A 418 -34.20 -18.71 10.41
N LEU A 419 -34.03 -20.01 10.19
CA LEU A 419 -34.23 -20.58 8.87
C LEU A 419 -34.64 -22.04 8.96
N GLU A 420 -35.75 -22.40 8.32
CA GLU A 420 -36.10 -23.80 8.15
C GLU A 420 -35.50 -24.26 6.83
N HIS A 421 -34.62 -25.25 6.90
CA HIS A 421 -33.87 -25.68 5.72
C HIS A 421 -33.73 -27.21 5.75
N ASN A 422 -34.28 -27.87 4.73
CA ASN A 422 -34.25 -29.32 4.65
C ASN A 422 -34.66 -29.99 5.96
N GLY A 423 -35.75 -29.52 6.55
CA GLY A 423 -36.35 -30.18 7.70
C GLY A 423 -35.72 -29.85 9.05
N ARG A 424 -34.76 -28.93 9.04
CA ARG A 424 -34.07 -28.56 10.27
C ARG A 424 -34.18 -27.05 10.55
N LEU A 425 -34.31 -26.69 11.83
CA LEU A 425 -34.37 -25.30 12.24
C LEU A 425 -33.00 -24.78 12.65
N TYR A 426 -32.49 -23.81 11.88
CA TYR A 426 -31.22 -23.15 12.14
C TYR A 426 -31.44 -21.76 12.73
N HIS A 427 -30.51 -21.31 13.57
CA HIS A 427 -30.59 -19.97 14.14
C HIS A 427 -29.31 -19.19 13.88
N PHE A 428 -29.45 -17.93 13.48
CA PHE A 428 -28.27 -17.11 13.16
C PHE A 428 -28.28 -15.78 13.93
N GLY A 429 -27.09 -15.26 14.19
CA GLY A 429 -26.95 -14.10 15.04
C GLY A 429 -27.07 -12.79 14.30
N SER A 430 -27.26 -12.86 12.99
CA SER A 430 -27.47 -11.67 12.19
C SER A 430 -28.07 -12.02 10.83
N GLU A 431 -28.62 -11.02 10.17
CA GLU A 431 -29.18 -11.21 8.84
C GLU A 431 -28.09 -11.68 7.89
N VAL A 432 -26.87 -11.19 8.08
CA VAL A 432 -25.78 -11.51 7.19
C VAL A 432 -25.34 -12.96 7.37
N ASP A 433 -25.32 -13.43 8.62
CA ASP A 433 -24.88 -14.80 8.87
C ASP A 433 -25.83 -15.80 8.23
N ARG A 434 -27.13 -15.51 8.29
CA ARG A 434 -28.12 -16.38 7.63
C ARG A 434 -27.93 -16.33 6.12
N TRP A 435 -27.64 -15.15 5.60
CA TRP A 435 -27.40 -14.98 4.17
C TRP A 435 -26.20 -15.79 3.70
N VAL A 436 -25.10 -15.74 4.46
CA VAL A 436 -23.92 -16.54 4.18
C VAL A 436 -24.28 -18.02 4.06
N PHE A 437 -25.07 -18.52 5.01
CA PHE A 437 -25.53 -19.90 4.98
C PHE A 437 -26.23 -20.20 3.67
N GLN A 438 -27.18 -19.34 3.30
CA GLN A 438 -27.97 -19.57 2.11
C GLN A 438 -27.16 -19.40 0.82
N GLN A 439 -26.00 -18.75 0.90
CA GLN A 439 -25.16 -18.58 -0.29
C GLN A 439 -24.48 -19.89 -0.70
N ASP A 440 -24.34 -20.81 0.25
CA ASP A 440 -23.62 -22.05 -0.02
C ASP A 440 -23.99 -23.11 0.99
N PRO A 441 -25.26 -23.52 0.99
CA PRO A 441 -25.77 -24.39 2.07
C PRO A 441 -25.04 -25.73 2.17
N VAL A 442 -24.48 -26.24 1.09
CA VAL A 442 -23.83 -27.55 1.17
C VAL A 442 -22.54 -27.47 1.99
N GLN A 443 -21.98 -26.27 2.13
CA GLN A 443 -20.81 -26.08 2.98
C GLN A 443 -21.16 -26.24 4.48
N TYR A 444 -22.42 -25.97 4.82
CA TYR A 444 -22.81 -25.71 6.20
C TYR A 444 -23.91 -26.58 6.76
N GLN A 445 -24.76 -27.11 5.89
CA GLN A 445 -26.10 -27.52 6.33
C GLN A 445 -26.15 -28.64 7.36
N ASN A 446 -25.18 -29.53 7.36
CA ASN A 446 -25.26 -30.62 8.33
C ASN A 446 -24.27 -30.46 9.47
N HIS A 447 -23.66 -29.28 9.56
CA HIS A 447 -22.81 -28.98 10.70
C HIS A 447 -23.64 -28.80 11.96
N MET A 448 -23.14 -29.35 13.07
N MET A 448 -23.16 -29.33 13.08
CA MET A 448 -23.77 -29.22 14.38
CA MET A 448 -23.86 -29.15 14.34
C MET A 448 -22.95 -28.29 15.27
C MET A 448 -23.01 -28.34 15.31
N ASN A 449 -23.55 -27.21 15.76
CA ASN A 449 -22.81 -26.35 16.68
C ASN A 449 -22.84 -27.02 18.06
N ILE A 450 -22.12 -26.46 19.01
CA ILE A 450 -21.90 -27.16 20.27
C ILE A 450 -23.21 -27.34 21.04
N VAL A 451 -24.14 -26.39 20.93
CA VAL A 451 -25.45 -26.54 21.57
C VAL A 451 -26.29 -27.61 20.86
N ASP A 452 -26.22 -27.67 19.53
CA ASP A 452 -26.88 -28.76 18.80
C ASP A 452 -26.39 -30.12 19.31
N ARG A 453 -25.09 -30.23 19.56
CA ARG A 453 -24.51 -31.49 20.04
C ARG A 453 -24.98 -31.78 21.44
N PHE A 454 -25.04 -30.73 22.26
CA PHE A 454 -25.57 -30.79 23.61
C PHE A 454 -27.00 -31.35 23.61
N LEU A 455 -27.85 -30.81 22.75
CA LEU A 455 -29.23 -31.28 22.69
C LEU A 455 -29.37 -32.68 22.08
N ALA A 456 -28.43 -33.05 21.21
CA ALA A 456 -28.47 -34.35 20.54
C ALA A 456 -27.95 -35.50 21.41
N GLY A 457 -27.39 -35.20 22.56
CA GLY A 457 -26.93 -36.24 23.47
C GLY A 457 -25.44 -36.57 23.43
N GLN A 458 -24.66 -35.77 22.72
CA GLN A 458 -23.23 -36.05 22.55
C GLN A 458 -22.40 -35.61 23.75
N ILE A 459 -22.99 -34.78 24.61
CA ILE A 459 -22.26 -34.20 25.73
C ILE A 459 -22.84 -34.69 27.04
N GLN A 460 -22.06 -35.51 27.74
CA GLN A 460 -22.55 -36.14 28.98
C GLN A 460 -21.58 -35.94 30.14
N PRO A 461 -22.11 -35.60 31.32
CA PRO A 461 -23.52 -35.30 31.58
C PRO A 461 -23.99 -34.06 30.83
N MET A 462 -25.31 -33.93 30.68
CA MET A 462 -25.88 -32.83 29.94
C MET A 462 -26.03 -31.61 30.86
N THR A 463 -24.87 -31.07 31.22
CA THR A 463 -24.74 -29.97 32.16
C THR A 463 -23.57 -29.10 31.72
N LEU A 464 -23.44 -27.91 32.29
CA LEU A 464 -22.30 -27.06 31.95
C LEU A 464 -20.99 -27.77 32.29
N GLU A 465 -20.99 -28.50 33.39
CA GLU A 465 -19.82 -29.29 33.81
C GLU A 465 -19.45 -30.35 32.76
N GLY A 466 -20.45 -31.06 32.24
CA GLY A 466 -20.21 -32.02 31.17
C GLY A 466 -19.68 -31.31 29.93
N ALA A 467 -20.21 -30.11 29.68
CA ALA A 467 -19.76 -29.33 28.53
C ALA A 467 -18.29 -28.90 28.69
N LEU A 468 -17.87 -28.53 29.90
CA LEU A 468 -16.47 -28.14 30.13
C LEU A 468 -15.54 -29.31 29.85
N LYS A 469 -15.94 -30.51 30.24
CA LYS A 469 -15.15 -31.70 29.95
CA LYS A 469 -15.14 -31.71 29.94
C LYS A 469 -15.05 -31.92 28.43
N TYR A 470 -16.19 -31.78 27.76
CA TYR A 470 -16.25 -31.93 26.29
C TYR A 470 -15.37 -30.92 25.58
N MET A 471 -15.28 -29.73 26.15
CA MET A 471 -14.51 -28.63 25.55
C MET A 471 -13.01 -28.83 25.72
N GLY A 472 -12.63 -29.82 26.52
CA GLY A 472 -11.23 -30.23 26.55
C GLY A 472 -10.42 -29.75 27.74
N PHE A 473 -11.09 -29.15 28.73
CA PHE A 473 -10.36 -28.72 29.92
C PHE A 473 -9.89 -29.92 30.72
N GLN A 474 -8.67 -29.82 31.24
CA GLN A 474 -8.01 -30.96 31.88
C GLN A 474 -7.69 -30.72 33.34
N SER A 475 -7.96 -29.50 33.83
CA SER A 475 -7.72 -29.20 35.24
C SER A 475 -8.42 -27.91 35.63
N ILE A 476 -8.62 -27.72 36.93
CA ILE A 476 -9.31 -26.53 37.42
C ILE A 476 -8.61 -25.27 36.97
N GLU A 477 -7.28 -25.30 36.99
CA GLU A 477 -6.47 -24.12 36.66
C GLU A 477 -6.63 -23.63 35.22
N GLU A 478 -7.04 -24.52 34.32
CA GLU A 478 -7.13 -24.14 32.91
C GLU A 478 -8.34 -23.29 32.59
N MET A 479 -9.40 -23.45 33.36
CA MET A 479 -10.62 -22.69 33.11
C MET A 479 -10.45 -21.23 33.48
N GLY A 480 -11.00 -20.38 32.63
CA GLY A 480 -10.94 -18.94 32.83
C GLY A 480 -11.52 -18.45 34.14
N LYS A 481 -10.85 -17.45 34.68
CA LYS A 481 -11.26 -16.78 35.90
C LYS A 481 -11.18 -15.27 35.69
N ASP A 482 -11.78 -14.50 36.59
CA ASP A 482 -11.66 -13.06 36.52
C ASP A 482 -10.18 -12.68 36.59
N ALA A 483 -9.71 -11.88 35.63
CA ALA A 483 -8.26 -11.63 35.55
C ALA A 483 -7.68 -11.05 36.84
N HIS A 484 -8.51 -10.35 37.61
CA HIS A 484 -8.00 -9.63 38.78
C HIS A 484 -8.52 -10.17 40.10
N ASP A 485 -9.08 -11.37 40.06
CA ASP A 485 -9.66 -11.97 41.25
C ASP A 485 -10.66 -11.01 41.90
N PHE A 486 -11.41 -10.30 41.06
CA PHE A 486 -12.48 -9.42 41.50
C PHE A 486 -12.02 -8.23 42.31
N ALA A 487 -10.76 -7.83 42.17
CA ALA A 487 -10.24 -6.67 42.88
C ALA A 487 -10.82 -5.38 42.34
N TRP A 488 -11.26 -5.42 41.09
CA TRP A 488 -11.81 -4.24 40.43
C TRP A 488 -13.07 -3.70 41.11
N ALA A 489 -13.80 -4.57 41.79
CA ALA A 489 -15.03 -4.17 42.46
C ALA A 489 -14.76 -3.50 43.80
N ASP A 490 -13.53 -3.59 44.29
CA ASP A 490 -13.17 -3.00 45.56
C ASP A 490 -13.23 -1.47 45.54
N LYS A 491 -13.06 -0.90 44.36
CA LYS A 491 -13.06 0.55 44.19
C LYS A 491 -14.07 1.00 43.14
N PHE B 3 -13.40 -31.40 38.12
CA PHE B 3 -12.02 -31.20 37.70
C PHE B 3 -11.08 -31.18 38.89
N GLU B 4 -9.86 -31.68 38.70
CA GLU B 4 -8.88 -31.64 39.77
C GLU B 4 -7.81 -30.61 39.48
N SER B 5 -6.99 -30.34 40.50
CA SER B 5 -5.86 -29.43 40.38
C SER B 5 -4.68 -30.17 39.81
N LYS B 6 -4.01 -29.57 38.83
CA LYS B 6 -2.83 -30.15 38.22
C LYS B 6 -1.78 -29.06 38.09
N LYS B 7 -0.51 -29.45 38.15
CA LYS B 7 0.59 -28.53 38.01
C LYS B 7 0.88 -28.21 36.55
N PRO B 8 1.57 -27.10 36.28
CA PRO B 8 1.98 -26.83 34.90
C PRO B 8 2.90 -27.91 34.34
N MET B 9 2.80 -28.13 33.03
CA MET B 9 3.64 -29.06 32.30
C MET B 9 4.80 -28.29 31.68
N ARG B 10 5.94 -28.94 31.53
CA ARG B 10 7.15 -28.29 31.02
C ARG B 10 7.16 -28.19 29.51
N THR B 11 6.26 -28.91 28.86
CA THR B 11 6.10 -28.87 27.41
C THR B 11 4.63 -29.06 27.09
N TRP B 12 4.30 -29.15 25.81
CA TRP B 12 2.91 -29.37 25.42
C TRP B 12 2.40 -30.64 26.06
N SER B 13 1.10 -30.68 26.34
CA SER B 13 0.49 -31.85 26.94
C SER B 13 0.73 -33.13 26.11
N HIS B 14 0.74 -33.02 24.78
CA HIS B 14 0.89 -34.23 23.97
C HIS B 14 2.33 -34.76 23.96
N LEU B 15 3.27 -33.93 24.40
CA LEU B 15 4.68 -34.31 24.45
C LEU B 15 5.16 -34.63 25.86
N ALA B 16 4.37 -34.26 26.86
CA ALA B 16 4.83 -34.22 28.25
C ALA B 16 5.07 -35.58 28.91
N GLU B 17 4.41 -36.62 28.42
CA GLU B 17 4.54 -37.93 29.05
C GLU B 17 5.74 -38.71 28.55
N MET B 18 6.56 -38.08 27.71
CA MET B 18 7.67 -38.78 27.07
C MET B 18 9.03 -38.40 27.68
N PRO B 22 11.69 -32.70 24.54
CA PRO B 22 11.28 -32.26 23.19
C PRO B 22 12.32 -31.37 22.54
N SER B 23 12.63 -31.64 21.29
CA SER B 23 13.50 -30.77 20.49
C SER B 23 12.72 -29.56 20.00
N GLU B 24 13.44 -28.57 19.50
CA GLU B 24 12.82 -27.47 18.74
C GLU B 24 11.90 -28.07 17.69
N TYR B 25 12.41 -29.05 16.97
CA TYR B 25 11.62 -29.72 15.93
C TYR B 25 10.29 -30.25 16.47
N ASP B 26 10.33 -31.02 17.56
CA ASP B 26 9.10 -31.58 18.14
C ASP B 26 8.15 -30.47 18.54
N ILE B 27 8.67 -29.44 19.20
CA ILE B 27 7.86 -28.36 19.75
C ILE B 27 7.05 -27.68 18.66
N VAL B 28 7.67 -27.45 17.51
CA VAL B 28 7.03 -26.63 16.49
C VAL B 28 6.45 -27.40 15.31
N SER B 29 6.61 -28.73 15.30
CA SER B 29 6.24 -29.53 14.11
C SER B 29 5.22 -30.63 14.35
N ARG B 30 5.14 -31.11 15.58
CA ARG B 30 4.46 -32.36 15.89
C ARG B 30 2.98 -32.20 16.17
N LYS B 31 2.18 -33.02 15.50
CA LYS B 31 0.74 -33.13 15.74
C LYS B 31 -0.01 -31.81 15.59
N LEU B 32 0.11 -31.20 14.42
CA LEU B 32 -0.56 -29.94 14.14
C LEU B 32 -1.77 -30.07 13.21
N HIS B 33 -1.95 -31.24 12.57
CA HIS B 33 -3.13 -31.43 11.71
C HIS B 33 -4.35 -31.82 12.53
N TYR B 34 -5.08 -30.82 13.05
CA TYR B 34 -6.31 -31.10 13.78
C TYR B 34 -7.35 -31.74 12.84
N SER B 35 -7.11 -31.64 11.54
CA SER B 35 -8.06 -32.19 10.56
C SER B 35 -8.12 -33.72 10.54
N THR B 36 -7.21 -34.37 11.26
CA THR B 36 -7.28 -35.84 11.36
C THR B 36 -8.02 -36.32 12.61
N ASN B 37 -8.41 -35.39 13.48
CA ASN B 37 -9.00 -35.76 14.78
C ASN B 37 -10.38 -36.40 14.68
N ASN B 38 -11.19 -35.87 13.76
CA ASN B 38 -12.59 -36.29 13.59
C ASN B 38 -12.72 -36.96 12.24
N PRO B 39 -12.80 -38.30 12.22
CA PRO B 39 -12.84 -39.03 10.96
C PRO B 39 -13.94 -38.57 10.01
N ASP B 40 -15.15 -38.31 10.52
CA ASP B 40 -16.24 -37.96 9.62
C ASP B 40 -16.26 -36.49 9.23
N SER B 41 -15.55 -35.64 9.98
CA SER B 41 -15.47 -34.22 9.67
CA SER B 41 -15.47 -34.23 9.67
C SER B 41 -14.04 -33.72 9.82
N PRO B 42 -13.21 -33.95 8.79
CA PRO B 42 -11.84 -33.41 8.86
C PRO B 42 -11.90 -31.94 9.18
N TRP B 43 -12.75 -31.21 8.46
CA TRP B 43 -12.86 -29.78 8.62
C TRP B 43 -14.13 -29.41 9.36
N GLU B 44 -14.10 -28.28 10.08
CA GLU B 44 -15.20 -27.85 10.95
C GLU B 44 -16.34 -27.24 10.13
N LEU B 45 -16.98 -28.07 9.32
CA LEU B 45 -17.98 -27.66 8.35
C LEU B 45 -18.99 -28.78 8.27
N SER B 46 -19.94 -28.68 7.35
CA SER B 46 -20.83 -29.81 7.08
C SER B 46 -20.01 -31.06 6.78
N PRO B 47 -20.38 -32.21 7.35
CA PRO B 47 -19.62 -33.43 7.04
C PRO B 47 -19.59 -33.75 5.55
N ASP B 48 -20.55 -33.21 4.83
CA ASP B 48 -20.67 -33.47 3.41
C ASP B 48 -20.23 -32.27 2.56
N SER B 49 -19.51 -31.34 3.18
CA SER B 49 -18.97 -30.23 2.40
C SER B 49 -17.99 -30.81 1.38
N PRO B 50 -17.83 -30.14 0.22
CA PRO B 50 -16.95 -30.69 -0.82
C PRO B 50 -15.55 -31.03 -0.32
N MET B 51 -14.94 -30.16 0.48
CA MET B 51 -13.58 -30.44 0.90
C MET B 51 -13.55 -31.55 1.93
N ASN B 52 -14.61 -31.68 2.74
CA ASN B 52 -14.65 -32.80 3.67
C ASN B 52 -14.76 -34.13 2.91
N LEU B 53 -15.53 -34.16 1.83
CA LEU B 53 -15.61 -35.36 1.01
C LEU B 53 -14.28 -35.64 0.33
N TRP B 54 -13.60 -34.58 -0.13
CA TRP B 54 -12.31 -34.74 -0.77
C TRP B 54 -11.32 -35.38 0.20
N TYR B 55 -11.27 -34.86 1.43
CA TYR B 55 -10.31 -35.38 2.39
C TYR B 55 -10.69 -36.77 2.89
N LYS B 56 -11.98 -37.05 3.04
CA LYS B 56 -12.35 -38.39 3.49
C LYS B 56 -11.98 -39.44 2.44
N GLN B 57 -12.06 -39.08 1.16
CA GLN B 57 -11.69 -40.04 0.12
C GLN B 57 -10.20 -40.17 -0.07
N TYR B 58 -9.54 -39.03 -0.23
CA TYR B 58 -8.16 -39.05 -0.69
C TYR B 58 -7.11 -39.05 0.43
N ARG B 59 -7.50 -38.71 1.66
CA ARG B 59 -6.59 -38.93 2.78
C ARG B 59 -7.09 -40.08 3.68
N ASN B 60 -8.23 -39.89 4.34
CA ASN B 60 -8.69 -40.84 5.35
C ASN B 60 -8.80 -42.26 4.80
N ALA B 61 -9.33 -42.38 3.58
CA ALA B 61 -9.59 -43.67 2.97
C ALA B 61 -8.43 -44.24 2.15
N SER B 62 -7.26 -43.62 2.21
CA SER B 62 -6.11 -44.15 1.47
C SER B 62 -5.83 -45.59 1.87
N PRO B 63 -5.57 -46.45 0.88
CA PRO B 63 -5.17 -47.84 1.15
C PRO B 63 -3.84 -47.94 1.88
N LEU B 64 -3.06 -46.86 1.88
CA LEU B 64 -1.86 -46.78 2.70
C LEU B 64 -2.24 -46.35 4.11
N LYS B 65 -2.02 -47.21 5.10
CA LYS B 65 -2.58 -47.00 6.43
C LYS B 65 -1.58 -47.12 7.57
N HIS B 66 -1.75 -46.27 8.58
CA HIS B 66 -0.93 -46.33 9.79
C HIS B 66 -1.78 -45.80 10.92
N ASP B 67 -1.65 -46.35 12.11
CA ASP B 67 -2.45 -45.85 13.23
C ASP B 67 -1.83 -44.61 13.87
N ASN B 68 -0.60 -44.28 13.50
CA ASN B 68 0.08 -43.12 14.08
CA ASN B 68 0.07 -43.11 14.07
C ASN B 68 1.02 -42.46 13.08
N TRP B 69 0.47 -41.89 12.02
CA TRP B 69 1.27 -41.17 11.04
C TRP B 69 2.00 -40.00 11.69
N ASP B 70 1.40 -39.43 12.74
N ASP B 70 1.41 -39.42 12.72
CA ASP B 70 1.95 -38.26 13.40
CA ASP B 70 2.00 -38.24 13.35
C ASP B 70 3.28 -38.53 14.11
C ASP B 70 3.37 -38.53 13.95
N ALA B 71 3.62 -39.81 14.27
CA ALA B 71 4.89 -40.19 14.88
C ALA B 71 6.07 -40.16 13.88
N PHE B 72 5.77 -39.98 12.60
CA PHE B 72 6.83 -39.83 11.62
C PHE B 72 7.73 -38.65 11.99
N THR B 73 9.02 -38.81 11.79
CA THR B 73 9.98 -37.77 12.10
C THR B 73 10.93 -37.56 10.92
N ASP B 74 11.05 -36.32 10.47
CA ASP B 74 12.07 -35.97 9.46
C ASP B 74 13.43 -36.37 9.98
N PRO B 75 14.16 -37.23 9.24
CA PRO B 75 15.49 -37.64 9.72
C PRO B 75 16.45 -36.47 9.90
N ASP B 76 16.20 -35.39 9.18
CA ASP B 76 17.05 -34.21 9.30
C ASP B 76 16.48 -33.21 10.30
N GLN B 77 15.28 -33.51 10.81
CA GLN B 77 14.58 -32.67 11.78
C GLN B 77 14.64 -31.17 11.45
N LEU B 78 14.43 -30.85 10.17
CA LEU B 78 14.45 -29.44 9.75
C LEU B 78 13.23 -28.69 10.22
N VAL B 79 13.46 -27.43 10.63
CA VAL B 79 12.37 -26.50 10.86
C VAL B 79 12.61 -25.33 9.90
N TYR B 80 11.67 -24.41 9.83
CA TYR B 80 11.81 -23.28 8.92
C TYR B 80 13.14 -22.56 9.15
N ARG B 81 13.45 -22.31 10.42
CA ARG B 81 14.68 -21.59 10.78
C ARG B 81 15.93 -22.27 10.23
N THR B 82 16.06 -23.57 10.43
CA THR B 82 17.28 -24.25 10.06
C THR B 82 17.33 -24.56 8.56
N TYR B 83 16.16 -24.73 7.94
CA TYR B 83 16.10 -24.81 6.49
C TYR B 83 16.67 -23.54 5.83
N ASN B 84 16.25 -22.37 6.30
CA ASN B 84 16.76 -21.13 5.71
C ASN B 84 18.24 -20.89 5.98
N LEU B 85 18.72 -21.28 7.17
CA LEU B 85 20.15 -21.22 7.46
C LEU B 85 20.93 -22.02 6.41
N MET B 86 20.47 -23.24 6.16
CA MET B 86 21.14 -24.13 5.24
C MET B 86 21.04 -23.63 3.80
N GLN B 87 19.85 -23.21 3.40
CA GLN B 87 19.65 -22.86 2.00
C GLN B 87 20.22 -21.48 1.67
N ASP B 88 20.31 -20.60 2.65
CA ASP B 88 21.00 -19.33 2.42
C ASP B 88 22.46 -19.62 2.07
N GLY B 89 23.04 -20.60 2.74
CA GLY B 89 24.41 -20.99 2.46
C GLY B 89 24.53 -21.54 1.05
N GLN B 90 23.57 -22.37 0.65
CA GLN B 90 23.60 -22.94 -0.69
C GLN B 90 23.36 -21.88 -1.75
N GLU B 91 22.51 -20.90 -1.47
CA GLU B 91 22.27 -19.85 -2.45
C GLU B 91 23.45 -18.87 -2.49
N SER B 92 24.17 -18.75 -1.40
CA SER B 92 25.42 -17.98 -1.41
C SER B 92 26.40 -18.65 -2.36
N TYR B 93 26.51 -19.97 -2.25
CA TYR B 93 27.33 -20.73 -3.16
C TYR B 93 26.91 -20.52 -4.61
N VAL B 94 25.62 -20.68 -4.91
CA VAL B 94 25.16 -20.54 -6.27
C VAL B 94 25.33 -19.10 -6.77
N GLN B 95 25.09 -18.11 -5.90
CA GLN B 95 25.29 -16.73 -6.32
C GLN B 95 26.73 -16.45 -6.74
N SER B 96 27.69 -16.95 -5.96
CA SER B 96 29.10 -16.74 -6.26
C SER B 96 29.47 -17.49 -7.53
N LEU B 97 28.89 -18.68 -7.69
CA LEU B 97 29.08 -19.45 -8.91
C LEU B 97 28.66 -18.63 -10.14
N PHE B 98 27.42 -18.14 -10.12
CA PHE B 98 26.90 -17.36 -11.24
C PHE B 98 27.74 -16.11 -11.48
N ASP B 99 28.01 -15.36 -10.41
CA ASP B 99 28.73 -14.09 -10.52
C ASP B 99 30.13 -14.28 -11.10
N GLN B 100 30.90 -15.18 -10.50
CA GLN B 100 32.29 -15.34 -10.91
C GLN B 100 32.41 -16.04 -12.27
N PHE B 101 31.54 -16.99 -12.56
CA PHE B 101 31.59 -17.62 -13.88
C PHE B 101 31.21 -16.62 -14.97
N ASN B 102 30.28 -15.74 -14.66
CA ASN B 102 29.92 -14.68 -15.61
C ASN B 102 31.09 -13.74 -15.85
N GLU B 103 31.80 -13.39 -14.79
CA GLU B 103 32.94 -12.49 -14.92
C GLU B 103 34.01 -13.02 -15.86
N ARG B 104 34.20 -14.34 -15.86
CA ARG B 104 35.23 -14.90 -16.73
C ARG B 104 34.65 -15.41 -18.05
N GLU B 105 33.42 -15.00 -18.33
CA GLU B 105 32.78 -15.29 -19.62
C GLU B 105 32.74 -16.79 -19.91
N HIS B 106 32.43 -17.57 -18.87
CA HIS B 106 32.26 -19.02 -19.01
C HIS B 106 31.43 -19.44 -20.23
N ASP B 107 30.30 -18.80 -20.46
CA ASP B 107 29.40 -19.29 -21.50
C ASP B 107 30.00 -19.20 -22.90
N GLN B 108 30.93 -18.28 -23.10
CA GLN B 108 31.61 -18.18 -24.40
C GLN B 108 32.50 -19.39 -24.68
N MET B 109 32.89 -20.11 -23.64
CA MET B 109 33.94 -21.12 -23.78
C MET B 109 33.38 -22.54 -23.92
N VAL B 110 32.06 -22.69 -23.93
CA VAL B 110 31.49 -24.02 -24.10
C VAL B 110 31.71 -24.49 -25.53
N ARG B 111 31.71 -25.80 -25.73
CA ARG B 111 31.99 -26.35 -27.06
C ARG B 111 30.94 -25.90 -28.06
N GLU B 112 31.34 -25.80 -29.32
CA GLU B 112 30.41 -25.39 -30.37
C GLU B 112 29.15 -26.25 -30.35
N GLY B 113 28.00 -25.59 -30.33
CA GLY B 113 26.72 -26.28 -30.45
C GLY B 113 26.04 -26.58 -29.12
N TRP B 114 26.77 -26.44 -28.03
CA TRP B 114 26.24 -26.78 -26.71
C TRP B 114 25.05 -25.89 -26.35
N GLU B 115 25.05 -24.66 -26.84
CA GLU B 115 23.92 -23.76 -26.57
C GLU B 115 22.62 -24.34 -27.14
N HIS B 116 22.71 -25.08 -28.23
CA HIS B 116 21.50 -25.66 -28.81
C HIS B 116 21.05 -26.87 -27.99
N THR B 117 22.01 -27.61 -27.45
CA THR B 117 21.67 -28.70 -26.55
C THR B 117 21.02 -28.14 -25.29
N MET B 118 21.54 -27.03 -24.78
CA MET B 118 20.94 -26.40 -23.61
C MET B 118 19.53 -25.90 -23.89
N ALA B 119 19.33 -25.29 -25.06
CA ALA B 119 18.00 -24.76 -25.41
C ALA B 119 16.98 -25.89 -25.47
N ARG B 120 17.43 -27.04 -25.92
CA ARG B 120 16.54 -28.17 -26.14
C ARG B 120 16.36 -29.03 -24.89
N CYS B 121 17.43 -29.23 -24.14
CA CYS B 121 17.42 -30.22 -23.07
C CYS B 121 17.49 -29.64 -21.67
N TYR B 122 17.81 -28.36 -21.56
CA TYR B 122 17.97 -27.76 -20.24
C TYR B 122 16.90 -26.72 -19.92
N SER B 123 16.75 -25.70 -20.77
CA SER B 123 15.83 -24.63 -20.40
C SER B 123 14.36 -25.09 -20.22
N PRO B 124 13.90 -26.12 -20.95
CA PRO B 124 12.52 -26.53 -20.69
C PRO B 124 12.33 -27.26 -19.35
N LEU B 125 13.42 -27.51 -18.63
CA LEU B 125 13.30 -28.09 -17.29
C LEU B 125 12.46 -27.22 -16.36
N ARG B 126 12.30 -25.93 -16.70
CA ARG B 126 11.52 -25.09 -15.80
C ARG B 126 10.09 -25.63 -15.69
N TYR B 127 9.60 -26.26 -16.76
CA TYR B 127 8.26 -26.87 -16.73
C TYR B 127 8.27 -28.11 -15.86
N LEU B 128 9.26 -28.97 -16.05
CA LEU B 128 9.36 -30.16 -15.19
C LEU B 128 9.48 -29.77 -13.73
N PHE B 129 10.33 -28.79 -13.45
CA PHE B 129 10.56 -28.42 -12.06
C PHE B 129 9.31 -27.77 -11.46
N HIS B 130 8.58 -27.01 -12.26
CA HIS B 130 7.37 -26.42 -11.70
C HIS B 130 6.33 -27.52 -11.43
N CYS B 131 6.29 -28.55 -12.27
CA CYS B 131 5.41 -29.68 -12.00
C CYS B 131 5.75 -30.32 -10.66
N LEU B 132 7.04 -30.48 -10.38
CA LEU B 132 7.46 -31.02 -9.08
C LEU B 132 7.01 -30.11 -7.93
N GLN B 133 7.07 -28.82 -8.17
CA GLN B 133 6.63 -27.83 -7.21
C GLN B 133 5.13 -27.99 -6.90
N MET B 134 4.32 -28.02 -7.96
CA MET B 134 2.88 -28.24 -7.82
C MET B 134 2.58 -29.54 -7.11
N SER B 135 3.27 -30.61 -7.51
CA SER B 135 3.02 -31.95 -6.96
C SER B 135 3.39 -32.01 -5.48
N SER B 136 4.54 -31.43 -5.10
CA SER B 136 4.92 -31.42 -3.70
C SER B 136 3.93 -30.65 -2.84
N ALA B 137 3.39 -29.57 -3.39
CA ALA B 137 2.37 -28.80 -2.66
C ALA B 137 1.13 -29.65 -2.46
N TYR B 138 0.83 -30.51 -3.42
CA TYR B 138 -0.33 -31.37 -3.26
C TYR B 138 -0.11 -32.38 -2.14
N VAL B 139 1.07 -33.00 -2.09
CA VAL B 139 1.33 -33.95 -1.01
C VAL B 139 1.34 -33.23 0.33
N GLN B 140 1.84 -31.99 0.37
CA GLN B 140 1.77 -31.20 1.59
C GLN B 140 0.35 -31.10 2.13
N GLN B 141 -0.58 -30.70 1.27
CA GLN B 141 -1.92 -30.37 1.76
C GLN B 141 -2.73 -31.63 2.10
N MET B 142 -2.37 -32.78 1.54
CA MET B 142 -3.10 -34.02 1.77
C MET B 142 -2.51 -34.94 2.85
N ALA B 143 -1.23 -34.78 3.16
CA ALA B 143 -0.55 -35.73 4.07
C ALA B 143 -1.19 -35.76 5.45
N PRO B 144 -1.30 -36.97 6.05
CA PRO B 144 -2.03 -37.11 7.32
C PRO B 144 -1.22 -36.78 8.60
N ALA B 145 -0.04 -36.18 8.47
CA ALA B 145 0.73 -35.75 9.64
C ALA B 145 1.47 -34.47 9.30
N SER B 146 1.50 -33.54 10.25
CA SER B 146 2.18 -32.26 9.99
C SER B 146 3.69 -32.48 9.79
N THR B 147 4.28 -33.50 10.41
CA THR B 147 5.70 -33.78 10.18
C THR B 147 5.94 -34.21 8.74
N ILE B 148 4.99 -34.96 8.16
CA ILE B 148 5.11 -35.30 6.74
C ILE B 148 4.92 -34.05 5.89
N SER B 149 3.86 -33.29 6.17
CA SER B 149 3.58 -32.07 5.41
C SER B 149 4.75 -31.09 5.40
N ASN B 150 5.45 -30.97 6.53
CA ASN B 150 6.58 -30.03 6.60
C ASN B 150 7.70 -30.45 5.65
N CYS B 151 7.99 -31.73 5.57
CA CYS B 151 8.98 -32.17 4.59
C CYS B 151 8.52 -31.78 3.19
N CYS B 152 7.22 -31.84 2.96
CA CYS B 152 6.68 -31.51 1.64
C CYS B 152 6.75 -30.02 1.38
N ILE B 153 6.52 -29.20 2.40
CA ILE B 153 6.66 -27.75 2.22
C ILE B 153 8.06 -27.38 1.76
N LEU B 154 9.06 -27.93 2.45
CA LEU B 154 10.45 -27.58 2.15
C LEU B 154 10.82 -28.11 0.77
N GLN B 155 10.22 -29.24 0.38
CA GLN B 155 10.46 -29.83 -0.93
C GLN B 155 9.82 -28.98 -2.03
N THR B 156 8.66 -28.39 -1.72
CA THR B 156 7.98 -27.49 -2.64
C THR B 156 8.87 -26.26 -2.88
N ALA B 157 9.41 -25.72 -1.80
CA ALA B 157 10.33 -24.59 -1.87
C ALA B 157 11.57 -24.95 -2.70
N ASP B 158 12.12 -26.14 -2.48
CA ASP B 158 13.32 -26.56 -3.22
C ASP B 158 13.02 -26.67 -4.70
N SER B 159 11.82 -27.10 -5.04
CA SER B 159 11.42 -27.21 -6.44
C SER B 159 11.37 -25.83 -7.08
N LEU B 160 10.85 -24.84 -6.35
CA LEU B 160 10.85 -23.46 -6.83
C LEU B 160 12.29 -22.93 -6.95
N ARG B 161 13.14 -23.32 -6.01
CA ARG B 161 14.57 -23.01 -6.07
C ARG B 161 15.17 -23.48 -7.41
N TRP B 162 14.89 -24.72 -7.79
CA TRP B 162 15.44 -25.25 -9.05
C TRP B 162 14.88 -24.53 -10.27
N LEU B 163 13.58 -24.24 -10.22
CA LEU B 163 12.91 -23.49 -11.26
C LEU B 163 13.58 -22.14 -11.45
N THR B 164 13.90 -21.50 -10.35
CA THR B 164 14.46 -20.16 -10.37
C THR B 164 15.89 -20.18 -10.93
N HIS B 165 16.70 -21.14 -10.49
CA HIS B 165 18.01 -21.39 -11.08
C HIS B 165 17.92 -21.49 -12.60
N THR B 166 16.94 -22.26 -13.06
CA THR B 166 16.82 -22.57 -14.49
C THR B 166 16.41 -21.33 -15.27
N ALA B 167 15.49 -20.56 -14.70
CA ALA B 167 15.06 -19.29 -15.29
C ALA B 167 16.26 -18.36 -15.43
N TYR B 168 17.02 -18.23 -14.36
CA TYR B 168 18.17 -17.33 -14.36
C TYR B 168 19.17 -17.73 -15.46
N ARG B 169 19.53 -19.01 -15.50
CA ARG B 169 20.54 -19.47 -16.44
C ARG B 169 20.04 -19.47 -17.88
N THR B 170 18.74 -19.69 -18.06
CA THR B 170 18.16 -19.61 -19.39
C THR B 170 18.34 -18.21 -19.94
N HIS B 171 18.00 -17.22 -19.12
CA HIS B 171 18.19 -15.85 -19.55
C HIS B 171 19.67 -15.52 -19.78
N GLU B 172 20.50 -15.89 -18.82
CA GLU B 172 21.92 -15.55 -18.92
C GLU B 172 22.56 -16.13 -20.16
N LEU B 173 22.27 -17.40 -20.43
CA LEU B 173 22.88 -18.07 -21.56
C LEU B 173 22.46 -17.36 -22.85
N SER B 174 21.23 -16.86 -22.85
CA SER B 174 20.68 -16.20 -24.04
C SER B 174 21.42 -14.90 -24.37
N LEU B 175 22.08 -14.31 -23.37
CA LEU B 175 22.87 -13.10 -23.58
C LEU B 175 24.09 -13.36 -24.46
N THR B 176 24.66 -14.55 -24.31
CA THR B 176 25.81 -14.95 -25.12
C THR B 176 25.36 -15.64 -26.42
N TYR B 177 24.22 -16.31 -26.35
CA TYR B 177 23.65 -17.03 -27.49
C TYR B 177 22.21 -16.62 -27.75
N PRO B 178 22.04 -15.45 -28.39
CA PRO B 178 20.72 -14.82 -28.58
C PRO B 178 19.89 -15.44 -29.70
N ASP B 179 20.48 -16.37 -30.45
CA ASP B 179 19.80 -16.95 -31.61
C ASP B 179 19.56 -18.44 -31.46
N ALA B 180 19.39 -18.90 -30.22
CA ALA B 180 19.18 -20.33 -29.97
C ALA B 180 17.78 -20.62 -29.44
N GLY B 181 16.95 -19.58 -29.30
CA GLY B 181 15.59 -19.76 -28.83
C GLY B 181 15.49 -19.84 -27.32
N LEU B 182 16.58 -19.50 -26.64
CA LEU B 182 16.59 -19.58 -25.19
C LEU B 182 15.65 -18.54 -24.60
N GLY B 183 14.71 -19.02 -23.78
CA GLY B 183 13.73 -18.15 -23.16
C GLY B 183 12.54 -17.87 -24.06
N GLU B 184 12.53 -18.48 -25.24
CA GLU B 184 11.47 -18.23 -26.20
C GLU B 184 10.66 -19.47 -26.60
N HIS B 185 11.31 -20.62 -26.70
N HIS B 185 11.34 -20.61 -26.66
CA HIS B 185 10.66 -21.78 -27.30
CA HIS B 185 10.83 -21.81 -27.32
C HIS B 185 10.51 -22.95 -26.34
C HIS B 185 10.45 -22.93 -26.34
N GLU B 186 10.68 -22.70 -25.05
CA GLU B 186 10.59 -23.80 -24.08
C GLU B 186 9.19 -24.41 -23.96
N ARG B 187 8.15 -23.58 -24.04
CA ARG B 187 6.79 -24.11 -23.93
C ARG B 187 6.51 -25.05 -25.11
N GLU B 188 6.93 -24.65 -26.30
CA GLU B 188 6.69 -25.44 -27.51
C GLU B 188 7.45 -26.75 -27.43
N LEU B 189 8.67 -26.73 -26.90
CA LEU B 189 9.43 -27.95 -26.71
C LEU B 189 8.74 -28.88 -25.72
N TRP B 190 8.37 -28.35 -24.56
CA TRP B 190 7.65 -29.11 -23.55
C TRP B 190 6.40 -29.77 -24.15
N GLU B 191 5.72 -29.03 -25.02
CA GLU B 191 4.45 -29.50 -25.54
C GLU B 191 4.59 -30.43 -26.74
N LYS B 192 5.63 -30.25 -27.55
CA LYS B 192 5.67 -30.93 -28.85
C LYS B 192 6.92 -31.77 -29.14
N GLU B 193 8.03 -31.50 -28.47
CA GLU B 193 9.26 -32.24 -28.74
C GLU B 193 9.20 -33.66 -28.16
N PRO B 194 9.44 -34.69 -29.00
CA PRO B 194 9.34 -36.07 -28.52
C PRO B 194 10.09 -36.35 -27.23
N GLY B 195 11.28 -35.77 -27.09
CA GLY B 195 12.11 -36.03 -25.91
C GLY B 195 11.51 -35.54 -24.61
N TRP B 196 10.57 -34.60 -24.69
CA TRP B 196 9.87 -34.13 -23.51
C TRP B 196 8.54 -34.83 -23.24
N GLN B 197 8.02 -35.59 -24.21
CA GLN B 197 6.65 -36.07 -24.08
C GLN B 197 6.48 -37.18 -23.06
N GLY B 198 7.53 -37.97 -22.83
CA GLY B 198 7.48 -38.97 -21.77
C GLY B 198 7.36 -38.29 -20.42
N LEU B 199 8.20 -37.29 -20.19
CA LEU B 199 8.15 -36.52 -18.94
C LEU B 199 6.83 -35.76 -18.78
N ARG B 200 6.32 -35.19 -19.86
CA ARG B 200 5.09 -34.42 -19.73
C ARG B 200 3.91 -35.35 -19.43
N GLU B 201 3.84 -36.49 -20.11
CA GLU B 201 2.76 -37.45 -19.84
C GLU B 201 2.82 -37.94 -18.41
N LEU B 202 4.02 -38.28 -17.97
CA LEU B 202 4.26 -38.71 -16.60
C LEU B 202 3.75 -37.68 -15.59
N MET B 203 4.10 -36.41 -15.77
CA MET B 203 3.72 -35.40 -14.79
C MET B 203 2.24 -35.03 -14.85
N GLU B 204 1.67 -35.03 -16.06
CA GLU B 204 0.24 -34.71 -16.16
C GLU B 204 -0.57 -35.80 -15.43
N LYS B 205 -0.18 -37.04 -15.62
CA LYS B 205 -0.86 -38.13 -14.94
C LYS B 205 -0.57 -38.13 -13.45
N GLN B 206 0.68 -37.89 -13.07
CA GLN B 206 1.03 -37.87 -11.65
C GLN B 206 0.25 -36.77 -10.92
N LEU B 207 0.07 -35.62 -11.57
CA LEU B 207 -0.61 -34.49 -10.93
C LEU B 207 -2.10 -34.74 -10.78
N THR B 208 -2.60 -35.81 -11.39
CA THR B 208 -4.02 -36.14 -11.23
C THR B 208 -4.21 -37.41 -10.42
N ALA B 209 -3.14 -37.86 -9.76
CA ALA B 209 -3.24 -38.92 -8.76
C ALA B 209 -3.52 -38.28 -7.40
N PHE B 210 -4.75 -38.40 -6.93
CA PHE B 210 -5.18 -37.55 -5.83
C PHE B 210 -5.13 -38.21 -4.45
N ASP B 211 -5.04 -39.54 -4.40
CA ASP B 211 -4.85 -40.23 -3.13
C ASP B 211 -3.50 -39.81 -2.56
N TRP B 212 -3.45 -39.43 -1.27
CA TRP B 212 -2.22 -38.83 -0.72
C TRP B 212 -1.09 -39.83 -0.80
N GLY B 213 -1.40 -41.11 -0.59
CA GLY B 213 -0.38 -42.13 -0.57
C GLY B 213 0.15 -42.38 -1.97
N GLU B 214 -0.75 -42.44 -2.94
CA GLU B 214 -0.31 -42.65 -4.32
C GLU B 214 0.47 -41.43 -4.80
N ALA B 215 0.03 -40.25 -4.39
CA ALA B 215 0.74 -39.01 -4.72
C ALA B 215 2.18 -39.06 -4.20
N PHE B 216 2.33 -39.40 -2.92
CA PHE B 216 3.65 -39.49 -2.30
C PHE B 216 4.53 -40.53 -3.00
N VAL B 217 4.00 -41.73 -3.19
CA VAL B 217 4.82 -42.79 -3.75
C VAL B 217 5.23 -42.47 -5.19
N SER B 218 4.28 -42.04 -6.00
CA SER B 218 4.59 -41.73 -7.40
C SER B 218 5.58 -40.57 -7.50
N LEU B 219 5.38 -39.52 -6.70
CA LEU B 219 6.27 -38.37 -6.77
C LEU B 219 7.66 -38.67 -6.22
N ASN B 220 7.73 -39.16 -4.98
CA ASN B 220 9.00 -39.26 -4.28
C ASN B 220 9.74 -40.58 -4.42
N LEU B 221 9.04 -41.65 -4.73
CA LEU B 221 9.71 -42.94 -4.89
C LEU B 221 9.90 -43.36 -6.34
N VAL B 222 9.26 -42.66 -7.26
CA VAL B 222 9.40 -43.00 -8.67
C VAL B 222 9.87 -41.81 -9.51
N VAL B 223 9.09 -40.74 -9.56
CA VAL B 223 9.45 -39.62 -10.43
C VAL B 223 10.77 -38.97 -10.04
N LYS B 224 10.92 -38.62 -8.76
CA LYS B 224 12.09 -37.84 -8.37
C LYS B 224 13.41 -38.63 -8.42
N PRO B 225 13.42 -39.91 -8.02
CA PRO B 225 14.66 -40.69 -8.20
C PRO B 225 15.02 -40.86 -9.68
N MET B 226 14.01 -40.92 -10.55
CA MET B 226 14.28 -41.03 -11.99
C MET B 226 14.93 -39.75 -12.48
N ILE B 227 14.48 -38.61 -11.96
CA ILE B 227 15.06 -37.33 -12.42
C ILE B 227 16.54 -37.24 -12.02
N VAL B 228 16.87 -37.72 -10.83
CA VAL B 228 18.26 -37.76 -10.38
C VAL B 228 19.12 -38.63 -11.29
N GLU B 229 18.67 -39.86 -11.55
CA GLU B 229 19.47 -40.83 -12.30
C GLU B 229 19.53 -40.58 -13.80
N SER B 230 18.44 -40.03 -14.36
CA SER B 230 18.27 -40.00 -15.81
C SER B 230 18.29 -38.58 -16.40
N ILE B 231 18.22 -37.57 -15.55
CA ILE B 231 18.29 -36.19 -16.04
C ILE B 231 19.47 -35.43 -15.43
N PHE B 232 19.48 -35.29 -14.11
CA PHE B 232 20.54 -34.55 -13.45
C PHE B 232 21.92 -35.13 -13.74
N LYS B 233 22.11 -36.41 -13.50
CA LYS B 233 23.45 -36.97 -13.60
C LYS B 233 23.92 -37.02 -15.06
N PRO B 234 23.07 -37.45 -16.01
CA PRO B 234 23.50 -37.39 -17.41
C PRO B 234 23.80 -35.98 -17.91
N LEU B 235 23.05 -35.00 -17.42
CA LEU B 235 23.28 -33.61 -17.79
C LEU B 235 24.65 -33.15 -17.32
N GLN B 236 25.04 -33.54 -16.10
CA GLN B 236 26.37 -33.25 -15.59
C GLN B 236 27.46 -33.81 -16.49
N GLN B 237 27.31 -35.07 -16.87
CA GLN B 237 28.31 -35.73 -17.71
C GLN B 237 28.42 -35.07 -19.07
N GLN B 238 27.28 -34.78 -19.70
CA GLN B 238 27.31 -34.12 -21.00
C GLN B 238 27.92 -32.73 -20.90
N ALA B 239 27.57 -32.00 -19.83
CA ALA B 239 28.14 -30.67 -19.61
C ALA B 239 29.67 -30.73 -19.54
N TRP B 240 30.22 -31.61 -18.71
CA TRP B 240 31.67 -31.75 -18.60
C TRP B 240 32.30 -32.03 -19.98
N GLU B 241 31.63 -32.85 -20.78
CA GLU B 241 32.15 -33.23 -22.09
C GLU B 241 32.12 -32.06 -23.05
N ASN B 242 31.25 -31.08 -22.78
CA ASN B 242 31.13 -29.92 -23.65
C ASN B 242 31.70 -28.65 -23.04
N ASN B 243 32.61 -28.82 -22.09
CA ASN B 243 33.32 -27.70 -21.46
C ASN B 243 32.36 -26.70 -20.83
N ASP B 244 31.25 -27.23 -20.32
CA ASP B 244 30.35 -26.44 -19.48
C ASP B 244 30.69 -26.85 -18.04
N THR B 245 31.46 -26.01 -17.35
CA THR B 245 31.84 -26.32 -15.98
C THR B 245 30.83 -25.77 -14.97
N LEU B 246 29.95 -24.89 -15.42
CA LEU B 246 28.95 -24.29 -14.54
C LEU B 246 27.82 -25.27 -14.22
N LEU B 247 27.25 -25.87 -15.25
CA LEU B 247 26.07 -26.68 -15.05
C LEU B 247 26.29 -27.83 -14.06
N PRO B 248 27.43 -28.52 -14.14
CA PRO B 248 27.60 -29.62 -13.19
C PRO B 248 27.70 -29.16 -11.74
N LEU B 249 28.26 -27.96 -11.54
CA LEU B 249 28.41 -27.43 -10.19
C LEU B 249 27.08 -26.92 -9.66
N LEU B 250 26.24 -26.41 -10.56
CA LEU B 250 24.89 -26.00 -10.18
C LEU B 250 24.08 -27.23 -9.80
N ILE B 251 24.16 -28.25 -10.66
CA ILE B 251 23.42 -29.46 -10.40
C ILE B 251 23.88 -30.12 -9.09
N ASP B 252 25.16 -30.00 -8.74
CA ASP B 252 25.65 -30.51 -7.46
C ASP B 252 24.79 -30.01 -6.30
N SER B 253 24.48 -28.72 -6.30
CA SER B 253 23.73 -28.13 -5.20
C SER B 253 22.28 -28.60 -5.27
N GLN B 254 21.74 -28.74 -6.48
CA GLN B 254 20.38 -29.26 -6.63
C GLN B 254 20.30 -30.72 -6.19
N LEU B 255 21.34 -31.49 -6.47
CA LEU B 255 21.36 -32.89 -6.05
C LEU B 255 21.41 -33.01 -4.53
N LYS B 256 21.93 -31.99 -3.85
CA LYS B 256 21.95 -32.00 -2.39
C LYS B 256 20.51 -31.95 -1.89
N ASP B 257 19.71 -31.06 -2.49
CA ASP B 257 18.28 -31.01 -2.20
C ASP B 257 17.62 -32.35 -2.52
N ALA B 258 17.90 -32.89 -3.70
CA ALA B 258 17.25 -34.12 -4.12
C ALA B 258 17.56 -35.30 -3.20
N GLU B 259 18.80 -35.38 -2.72
CA GLU B 259 19.15 -36.47 -1.80
C GLU B 259 18.43 -36.27 -0.46
N ARG B 260 18.25 -35.03 -0.05
CA ARG B 260 17.48 -34.78 1.17
C ARG B 260 16.04 -35.26 0.99
N HIS B 261 15.45 -35.01 -0.17
CA HIS B 261 14.10 -35.49 -0.45
C HIS B 261 14.03 -37.01 -0.39
N SER B 262 15.07 -37.66 -0.91
CA SER B 262 15.12 -39.12 -0.85
C SER B 262 15.23 -39.61 0.58
N ARG B 263 16.02 -38.91 1.39
CA ARG B 263 16.24 -39.29 2.78
C ARG B 263 14.94 -39.28 3.60
N TRP B 264 14.14 -38.22 3.50
CA TRP B 264 12.92 -38.19 4.31
C TRP B 264 11.89 -39.17 3.72
N SER B 265 11.89 -39.32 2.40
CA SER B 265 10.97 -40.25 1.74
C SER B 265 11.22 -41.68 2.19
N LYS B 266 12.50 -42.04 2.26
CA LYS B 266 12.85 -43.39 2.70
C LYS B 266 12.47 -43.60 4.16
N ALA B 267 12.59 -42.53 4.95
CA ALA B 267 12.18 -42.61 6.36
C ALA B 267 10.66 -42.78 6.46
N LEU B 268 9.91 -42.13 5.58
CA LEU B 268 8.46 -42.30 5.64
C LEU B 268 8.06 -43.72 5.23
N VAL B 269 8.78 -44.28 4.26
CA VAL B 269 8.50 -45.65 3.87
C VAL B 269 8.77 -46.58 5.04
N LYS B 270 9.90 -46.37 5.73
CA LYS B 270 10.23 -47.19 6.90
C LYS B 270 9.11 -47.11 7.95
N HIS B 271 8.62 -45.90 8.20
CA HIS B 271 7.51 -45.70 9.12
C HIS B 271 6.27 -46.48 8.64
N ALA B 272 5.91 -46.30 7.37
CA ALA B 272 4.74 -46.96 6.80
C ALA B 272 4.84 -48.48 6.91
N LEU B 273 6.05 -49.01 6.77
CA LEU B 273 6.22 -50.46 6.71
C LEU B 273 6.07 -51.11 8.08
N GLU B 274 5.87 -50.29 9.12
CA GLU B 274 5.52 -50.83 10.45
C GLU B 274 4.19 -51.55 10.36
N ASN B 275 3.37 -51.13 9.41
CA ASN B 275 2.16 -51.85 9.04
C ASN B 275 2.50 -52.76 7.87
N PRO B 276 2.54 -54.08 8.11
CA PRO B 276 2.99 -55.03 7.08
C PRO B 276 2.15 -54.98 5.80
N ASP B 277 0.87 -54.59 5.93
CA ASP B 277 0.00 -54.49 4.76
C ASP B 277 0.47 -53.44 3.75
N ASN B 278 1.25 -52.46 4.21
CA ASN B 278 1.64 -51.37 3.33
C ASN B 278 2.69 -51.76 2.30
N HIS B 279 3.38 -52.87 2.51
CA HIS B 279 4.41 -53.27 1.56
C HIS B 279 3.81 -53.48 0.17
N ALA B 280 2.74 -54.26 0.11
CA ALA B 280 2.11 -54.58 -1.17
C ALA B 280 1.50 -53.35 -1.83
N VAL B 281 0.99 -52.45 -1.01
CA VAL B 281 0.38 -51.22 -1.50
C VAL B 281 1.46 -50.31 -2.12
N ILE B 282 2.56 -50.12 -1.41
CA ILE B 282 3.64 -49.28 -1.93
C ILE B 282 4.23 -49.91 -3.18
N GLU B 283 4.46 -51.21 -3.11
CA GLU B 283 5.01 -51.94 -4.25
C GLU B 283 4.09 -51.84 -5.46
N GLY B 284 2.79 -51.95 -5.23
CA GLY B 284 1.82 -51.84 -6.32
C GLY B 284 1.87 -50.49 -7.01
N TRP B 285 1.97 -49.42 -6.24
CA TRP B 285 2.05 -48.10 -6.84
C TRP B 285 3.38 -47.88 -7.58
N ILE B 286 4.47 -48.40 -7.01
CA ILE B 286 5.76 -48.28 -7.70
C ILE B 286 5.69 -49.02 -9.03
N GLU B 287 5.13 -50.23 -9.04
CA GLU B 287 5.03 -50.99 -10.28
C GLU B 287 4.12 -50.31 -11.31
N LYS B 288 3.14 -49.56 -10.83
CA LYS B 288 2.21 -48.86 -11.71
C LYS B 288 2.90 -47.69 -12.41
N TRP B 289 3.68 -46.94 -11.63
CA TRP B 289 4.24 -45.68 -12.13
C TRP B 289 5.60 -45.84 -12.80
N ARG B 290 6.33 -46.90 -12.46
CA ARG B 290 7.69 -47.07 -12.97
C ARG B 290 7.75 -47.10 -14.52
N PRO B 291 6.78 -47.75 -15.19
CA PRO B 291 6.83 -47.76 -16.67
C PRO B 291 6.77 -46.36 -17.30
N LEU B 292 5.92 -45.50 -16.77
CA LEU B 292 5.84 -44.12 -17.27
C LEU B 292 7.17 -43.39 -17.03
N ALA B 293 7.75 -43.60 -15.85
CA ALA B 293 9.04 -43.00 -15.52
C ALA B 293 10.15 -43.56 -16.41
N ASP B 294 10.10 -44.85 -16.71
CA ASP B 294 11.08 -45.46 -17.61
C ASP B 294 11.04 -44.79 -18.99
N ARG B 295 9.84 -44.63 -19.52
CA ARG B 295 9.68 -44.04 -20.85
C ARG B 295 10.07 -42.58 -20.87
N ALA B 296 9.74 -41.87 -19.79
CA ALA B 296 10.15 -40.48 -19.65
C ALA B 296 11.68 -40.36 -19.74
N ALA B 297 12.37 -41.20 -18.99
CA ALA B 297 13.84 -41.17 -18.97
C ALA B 297 14.42 -41.52 -20.34
N GLU B 298 13.91 -42.58 -20.94
CA GLU B 298 14.44 -43.06 -22.21
C GLU B 298 14.27 -42.03 -23.33
N ALA B 299 13.12 -41.37 -23.37
CA ALA B 299 12.90 -40.35 -24.38
C ALA B 299 13.81 -39.14 -24.14
N TYR B 300 13.97 -38.76 -22.88
CA TYR B 300 14.82 -37.61 -22.57
C TYR B 300 16.26 -37.91 -22.96
N LEU B 301 16.76 -39.09 -22.61
CA LEU B 301 18.15 -39.42 -22.86
C LEU B 301 18.43 -39.58 -24.36
N SER B 302 17.43 -40.02 -25.12
CA SER B 302 17.62 -40.09 -26.58
C SER B 302 17.76 -38.69 -27.17
N MET B 303 17.01 -37.75 -26.61
CA MET B 303 17.06 -36.35 -27.05
C MET B 303 18.39 -35.70 -26.67
N LEU B 304 18.84 -35.97 -25.45
CA LEU B 304 20.10 -35.40 -24.97
C LEU B 304 21.30 -35.93 -25.77
N SER B 305 21.22 -37.19 -26.20
CA SER B 305 22.31 -37.81 -26.97
C SER B 305 22.22 -37.56 -28.47
N SER B 306 21.15 -36.90 -28.90
CA SER B 306 20.92 -36.69 -30.33
C SER B 306 21.75 -35.52 -30.85
N SER C 2 -40.29 -35.55 29.10
CA SER C 2 -41.00 -34.51 28.36
C SER C 2 -40.18 -33.23 28.27
N ALA C 3 -38.86 -33.37 28.37
CA ALA C 3 -37.94 -32.25 28.23
C ALA C 3 -38.17 -31.55 26.89
N PHE C 4 -38.15 -30.23 26.91
CA PHE C 4 -38.52 -29.43 25.77
C PHE C 4 -37.59 -28.24 25.70
N PRO C 5 -36.57 -28.32 24.84
CA PRO C 5 -35.62 -27.20 24.78
C PRO C 5 -36.20 -25.98 24.09
N VAL C 6 -35.99 -24.80 24.67
CA VAL C 6 -36.26 -23.56 23.95
C VAL C 6 -35.05 -22.64 24.01
N HIS C 7 -35.00 -21.70 23.09
CA HIS C 7 -34.01 -20.64 23.16
C HIS C 7 -34.73 -19.40 23.59
N ALA C 8 -34.35 -18.84 24.74
CA ALA C 8 -35.14 -17.77 25.33
C ALA C 8 -34.34 -16.49 25.48
N ALA C 9 -34.96 -15.39 25.09
CA ALA C 9 -34.37 -14.07 25.28
C ALA C 9 -35.18 -13.31 26.32
N PHE C 10 -34.54 -12.94 27.42
CA PHE C 10 -35.22 -12.26 28.53
C PHE C 10 -35.08 -10.75 28.41
N GLU C 11 -36.18 -10.02 28.63
CA GLU C 11 -36.19 -8.57 28.48
C GLU C 11 -35.07 -7.88 29.26
N LYS C 12 -34.27 -7.09 28.52
CA LYS C 12 -33.17 -6.27 29.03
C LYS C 12 -31.87 -7.03 29.25
N ASP C 13 -31.88 -8.34 28.95
CA ASP C 13 -30.65 -9.13 28.99
C ASP C 13 -29.89 -8.92 27.69
N PHE C 14 -28.70 -9.50 27.56
CA PHE C 14 -27.86 -9.24 26.39
C PHE C 14 -27.78 -10.42 25.41
N LEU C 15 -28.39 -11.55 25.76
CA LEU C 15 -28.25 -12.73 24.91
C LEU C 15 -29.50 -13.60 24.91
N VAL C 16 -29.44 -14.63 24.06
CA VAL C 16 -30.43 -15.70 24.05
C VAL C 16 -29.77 -16.92 24.69
N GLN C 17 -30.50 -17.60 25.56
CA GLN C 17 -29.97 -18.77 26.27
C GLN C 17 -30.78 -20.04 26.04
N LEU C 18 -30.10 -21.18 26.09
CA LEU C 18 -30.78 -22.46 26.09
C LEU C 18 -31.44 -22.66 27.45
N VAL C 19 -32.74 -22.90 27.45
CA VAL C 19 -33.44 -23.26 28.68
C VAL C 19 -34.26 -24.49 28.37
N VAL C 20 -33.99 -25.58 29.07
CA VAL C 20 -34.79 -26.78 28.87
C VAL C 20 -35.99 -26.76 29.81
N VAL C 21 -37.19 -26.72 29.24
CA VAL C 21 -38.40 -26.72 30.04
C VAL C 21 -39.12 -28.04 29.81
N ASP C 22 -40.34 -28.16 30.33
CA ASP C 22 -41.09 -29.40 30.21
C ASP C 22 -42.35 -29.18 29.38
N LEU C 23 -42.74 -30.20 28.63
CA LEU C 23 -43.90 -30.13 27.76
C LEU C 23 -45.16 -29.66 28.49
N ASN C 24 -45.27 -29.98 29.78
CA ASN C 24 -46.47 -29.67 30.52
C ASN C 24 -46.34 -28.46 31.44
N ASP C 25 -45.25 -27.72 31.28
CA ASP C 25 -45.08 -26.44 31.97
C ASP C 25 -46.07 -25.41 31.45
N SER C 26 -46.63 -24.61 32.33
CA SER C 26 -47.41 -23.45 31.92
C SER C 26 -46.45 -22.37 31.48
N MET C 27 -46.95 -21.35 30.78
CA MET C 27 -46.11 -20.24 30.38
C MET C 27 -45.54 -19.54 31.60
N ASP C 28 -46.34 -19.43 32.66
CA ASP C 28 -45.86 -18.88 33.92
C ASP C 28 -44.64 -19.62 34.41
N GLN C 29 -44.69 -20.95 34.33
CA GLN C 29 -43.59 -21.79 34.81
C GLN C 29 -42.41 -21.71 33.86
N VAL C 30 -42.67 -21.60 32.56
CA VAL C 30 -41.59 -21.39 31.59
C VAL C 30 -40.84 -20.08 31.88
N ALA C 31 -41.60 -19.01 32.10
CA ALA C 31 -41.00 -17.71 32.39
C ALA C 31 -40.12 -17.78 33.66
N GLU C 32 -40.60 -18.48 34.69
CA GLU C 32 -39.82 -18.62 35.91
C GLU C 32 -38.50 -19.35 35.66
N LYS C 33 -38.55 -20.42 34.86
CA LYS C 33 -37.32 -21.17 34.60
C LYS C 33 -36.33 -20.32 33.81
N VAL C 34 -36.81 -19.48 32.89
CA VAL C 34 -35.92 -18.59 32.14
C VAL C 34 -35.38 -17.51 33.06
N ALA C 35 -36.26 -16.92 33.86
CA ALA C 35 -35.87 -15.81 34.75
C ALA C 35 -34.76 -16.20 35.72
N TYR C 36 -34.77 -17.45 36.17
CA TYR C 36 -33.72 -17.96 37.05
C TYR C 36 -32.32 -17.67 36.51
N HIS C 37 -32.17 -17.74 35.20
CA HIS C 37 -30.87 -17.59 34.56
C HIS C 37 -30.56 -16.15 34.14
N CYS C 38 -31.44 -15.21 34.52
CA CYS C 38 -31.31 -13.81 34.07
C CYS C 38 -31.49 -12.80 35.19
N VAL C 39 -32.61 -12.90 35.90
CA VAL C 39 -32.92 -11.93 36.95
C VAL C 39 -31.92 -12.03 38.10
N ASN C 40 -31.41 -10.88 38.53
CA ASN C 40 -30.38 -10.79 39.57
C ASN C 40 -29.03 -11.39 39.16
N ARG C 41 -28.89 -11.70 37.87
CA ARG C 41 -27.60 -12.07 37.30
C ARG C 41 -27.11 -10.96 36.39
N ARG C 42 -27.95 -10.58 35.43
CA ARG C 42 -27.63 -9.50 34.51
C ARG C 42 -28.79 -8.55 34.30
N VAL C 43 -29.93 -8.87 34.92
CA VAL C 43 -31.15 -8.08 34.77
C VAL C 43 -31.71 -7.73 36.15
N ALA C 44 -32.03 -6.45 36.36
CA ALA C 44 -32.59 -6.03 37.64
C ALA C 44 -33.97 -6.63 37.86
N PRO C 45 -34.25 -7.05 39.11
CA PRO C 45 -35.59 -7.59 39.41
C PRO C 45 -36.66 -6.52 39.29
N ARG C 46 -37.82 -6.91 38.77
CA ARG C 46 -38.94 -6.00 38.53
C ARG C 46 -40.23 -6.56 39.10
N GLU C 47 -41.14 -5.67 39.45
CA GLU C 47 -42.51 -6.07 39.67
C GLU C 47 -43.18 -6.15 38.30
N GLY C 48 -44.30 -6.84 38.23
CA GLY C 48 -45.00 -6.99 36.96
C GLY C 48 -45.05 -8.43 36.53
N VAL C 49 -45.89 -8.72 35.55
CA VAL C 49 -46.14 -10.09 35.13
C VAL C 49 -45.20 -10.48 34.00
N MET C 50 -44.51 -11.60 34.17
CA MET C 50 -43.68 -12.13 33.10
C MET C 50 -44.54 -12.89 32.10
N ARG C 51 -44.43 -12.52 30.83
CA ARG C 51 -45.19 -13.17 29.78
C ARG C 51 -44.24 -13.79 28.77
N VAL C 52 -44.75 -14.80 28.06
CA VAL C 52 -43.96 -15.48 27.04
C VAL C 52 -44.57 -15.22 25.67
N ARG C 53 -43.72 -15.07 24.66
CA ARG C 53 -44.18 -14.89 23.29
C ARG C 53 -43.19 -15.50 22.34
N LYS C 54 -43.65 -15.85 21.14
CA LYS C 54 -42.71 -16.25 20.09
C LYS C 54 -41.81 -15.05 19.81
N HIS C 55 -40.53 -15.32 19.53
CA HIS C 55 -39.53 -14.28 19.31
C HIS C 55 -39.99 -13.24 18.29
N ARG C 56 -39.92 -11.96 18.67
CA ARG C 56 -40.21 -10.85 17.77
C ARG C 56 -41.68 -10.69 17.44
N SER C 57 -42.54 -11.53 18.00
CA SER C 57 -43.97 -11.39 17.79
C SER C 57 -44.57 -10.44 18.81
N THR C 58 -45.79 -9.99 18.56
CA THR C 58 -46.45 -9.05 19.46
C THR C 58 -47.48 -9.75 20.35
N GLU C 59 -47.90 -10.95 19.97
CA GLU C 59 -48.91 -11.67 20.73
C GLU C 59 -48.31 -12.55 21.84
N LEU C 60 -48.90 -12.46 23.02
CA LEU C 60 -48.44 -13.21 24.19
C LEU C 60 -49.22 -14.50 24.37
N PHE C 61 -48.54 -15.56 24.81
CA PHE C 61 -49.22 -16.80 25.17
C PHE C 61 -49.97 -16.62 26.48
N PRO C 62 -51.14 -17.24 26.60
CA PRO C 62 -51.84 -17.21 27.88
C PRO C 62 -50.95 -17.72 29.00
N ARG C 63 -51.09 -17.14 30.19
CA ARG C 63 -50.24 -17.52 31.31
C ARG C 63 -50.37 -18.99 31.70
N ASP C 64 -51.57 -19.56 31.60
CA ASP C 64 -51.73 -20.95 32.04
C ASP C 64 -51.73 -21.95 30.87
N MET C 65 -51.42 -21.47 29.67
N MET C 65 -51.41 -21.45 29.68
CA MET C 65 -51.28 -22.37 28.54
CA MET C 65 -51.19 -22.29 28.51
C MET C 65 -49.99 -23.18 28.70
C MET C 65 -49.96 -23.18 28.73
N THR C 66 -50.06 -24.47 28.39
CA THR C 66 -48.88 -25.33 28.50
C THR C 66 -48.10 -25.32 27.20
N ILE C 67 -46.82 -25.65 27.30
CA ILE C 67 -45.98 -25.75 26.12
C ILE C 67 -46.61 -26.72 25.12
N ALA C 68 -47.17 -27.80 25.65
CA ALA C 68 -47.74 -28.86 24.82
C ALA C 68 -48.88 -28.35 23.94
N GLU C 69 -49.66 -27.39 24.44
CA GLU C 69 -50.80 -26.89 23.67
C GLU C 69 -50.53 -25.57 22.94
N SER C 70 -49.31 -25.05 23.09
CA SER C 70 -48.96 -23.72 22.57
C SER C 70 -48.70 -23.69 21.07
N GLY C 71 -48.38 -24.82 20.48
CA GLY C 71 -48.01 -24.84 19.07
C GLY C 71 -46.52 -24.59 18.89
N LEU C 72 -45.81 -24.32 19.98
CA LEU C 72 -44.36 -24.17 19.90
C LEU C 72 -43.72 -25.51 19.57
N ASN C 73 -42.61 -25.47 18.83
CA ASN C 73 -41.81 -26.65 18.58
C ASN C 73 -40.49 -26.55 19.30
N PRO C 74 -39.88 -27.70 19.63
CA PRO C 74 -38.58 -27.73 20.28
C PRO C 74 -37.53 -26.91 19.55
N THR C 75 -36.74 -26.18 20.32
CA THR C 75 -35.64 -25.31 19.84
C THR C 75 -36.11 -24.02 19.15
N GLU C 76 -37.40 -23.72 19.17
CA GLU C 76 -37.81 -22.42 18.65
C GLU C 76 -37.42 -21.34 19.65
N VAL C 77 -37.41 -20.09 19.20
CA VAL C 77 -36.98 -18.99 20.04
C VAL C 77 -38.18 -18.28 20.66
N ILE C 78 -38.10 -18.03 21.96
CA ILE C 78 -39.14 -17.27 22.66
C ILE C 78 -38.54 -16.05 23.33
N ASP C 79 -39.38 -15.03 23.54
CA ASP C 79 -39.03 -13.90 24.40
C ASP C 79 -39.79 -14.02 25.73
N VAL C 80 -39.14 -13.62 26.83
CA VAL C 80 -39.82 -13.45 28.10
C VAL C 80 -39.81 -11.97 28.45
N VAL C 81 -41.00 -11.38 28.50
CA VAL C 81 -41.14 -9.93 28.66
C VAL C 81 -42.16 -9.59 29.73
N PHE C 82 -42.23 -8.31 30.10
CA PHE C 82 -43.16 -7.86 31.13
C PHE C 82 -44.38 -7.15 30.55
N GLU C 83 -45.49 -7.24 31.28
CA GLU C 83 -46.74 -6.58 30.92
C GLU C 83 -47.32 -7.13 29.62
N ALA D 2 -5.69 -12.20 -32.52
CA ALA D 2 -5.50 -12.18 -31.06
C ALA D 2 -4.53 -11.10 -30.66
N MET D 3 -4.58 -10.71 -29.38
CA MET D 3 -3.64 -9.76 -28.80
C MET D 3 -2.69 -10.49 -27.86
N HIS D 4 -1.44 -10.04 -27.81
CA HIS D 4 -0.46 -10.64 -26.91
C HIS D 4 -0.42 -9.86 -25.61
N PRO D 5 -0.43 -10.58 -24.48
CA PRO D 5 -0.44 -9.96 -23.16
C PRO D 5 0.80 -9.09 -22.94
N ARG D 6 0.65 -8.09 -22.10
CA ARG D 6 1.68 -7.08 -21.90
C ARG D 6 3.03 -7.68 -21.47
N LYS D 7 2.98 -8.75 -20.69
CA LYS D 7 4.21 -9.38 -20.18
C LYS D 7 5.09 -9.90 -21.31
N ASP D 8 4.48 -10.16 -22.47
CA ASP D 8 5.21 -10.74 -23.61
C ASP D 8 6.08 -9.71 -24.33
N TRP D 9 5.72 -8.43 -24.24
CA TRP D 9 6.41 -7.41 -25.03
C TRP D 9 6.85 -6.20 -24.23
N TYR D 10 6.45 -6.13 -22.96
CA TYR D 10 6.77 -4.95 -22.15
C TYR D 10 8.27 -4.66 -22.06
N GLU D 11 9.08 -5.70 -21.98
CA GLU D 11 10.51 -5.48 -21.80
C GLU D 11 11.10 -4.65 -22.94
N LEU D 12 10.57 -4.81 -24.14
CA LEU D 12 11.10 -4.09 -25.28
C LEU D 12 10.77 -2.58 -25.20
N THR D 13 9.71 -2.22 -24.47
CA THR D 13 9.38 -0.80 -24.35
C THR D 13 10.42 -0.05 -23.52
N ARG D 14 11.19 -0.76 -22.70
CA ARG D 14 12.19 -0.06 -21.89
C ARG D 14 13.59 -0.58 -22.17
N ALA D 15 13.74 -1.22 -23.34
CA ALA D 15 15.05 -1.58 -23.84
C ALA D 15 15.58 -0.43 -24.68
N THR D 16 15.91 0.66 -24.02
CA THR D 16 16.20 1.89 -24.74
C THR D 16 17.52 2.54 -24.35
N ASN D 17 18.26 1.93 -23.43
CA ASN D 17 19.60 2.44 -23.12
C ASN D 17 20.58 2.01 -24.21
N TRP D 18 21.54 2.87 -24.51
CA TRP D 18 22.60 2.52 -25.45
C TRP D 18 23.87 3.23 -25.05
N THR D 19 24.98 2.73 -25.57
CA THR D 19 26.30 3.29 -25.29
C THR D 19 26.62 4.44 -26.26
N PRO D 20 26.63 5.68 -25.76
CA PRO D 20 26.88 6.79 -26.68
C PRO D 20 28.32 6.80 -27.22
N SER D 21 28.50 7.30 -28.43
CA SER D 21 29.81 7.31 -29.09
C SER D 21 30.16 8.70 -29.60
N TYR D 22 29.15 9.45 -30.02
CA TYR D 22 29.38 10.71 -30.73
C TYR D 22 29.42 11.87 -29.74
N VAL D 23 28.85 11.62 -28.56
CA VAL D 23 29.04 12.43 -27.36
C VAL D 23 29.41 11.45 -26.25
N THR D 24 29.92 11.96 -25.13
CA THR D 24 30.23 11.07 -24.00
C THR D 24 28.97 10.77 -23.20
N GLU D 25 29.03 9.72 -22.38
CA GLU D 25 27.94 9.40 -21.48
C GLU D 25 27.59 10.58 -20.57
N GLU D 26 28.62 11.26 -20.07
CA GLU D 26 28.42 12.39 -19.15
C GLU D 26 27.84 13.61 -19.86
N GLN D 27 28.16 13.78 -21.15
CA GLN D 27 27.55 14.86 -21.93
C GLN D 27 26.07 14.61 -22.14
N LEU D 28 25.73 13.35 -22.40
CA LEU D 28 24.33 12.97 -22.64
C LEU D 28 23.51 13.01 -21.35
N PHE D 29 24.14 12.65 -20.24
CA PHE D 29 23.49 12.60 -18.94
C PHE D 29 24.31 13.36 -17.90
N PRO D 30 24.35 14.70 -18.03
CA PRO D 30 25.16 15.50 -17.09
C PRO D 30 24.68 15.34 -15.65
N GLU D 31 25.63 15.15 -14.73
CA GLU D 31 25.30 14.87 -13.34
C GLU D 31 24.35 15.90 -12.74
N ARG D 32 24.53 17.17 -13.10
CA ARG D 32 23.71 18.22 -12.50
C ARG D 32 22.24 18.08 -12.87
N MET D 33 21.96 17.42 -14.00
CA MET D 33 20.57 17.23 -14.42
C MET D 33 20.08 15.81 -14.18
N SER D 34 21.01 14.86 -14.18
CA SER D 34 20.68 13.43 -14.14
C SER D 34 20.75 12.86 -12.71
N GLY D 35 21.73 13.31 -11.94
CA GLY D 35 21.88 12.87 -10.56
C GLY D 35 22.30 11.44 -10.40
N HIS D 36 23.03 10.91 -11.38
CA HIS D 36 23.37 9.49 -11.40
C HIS D 36 24.47 9.13 -10.40
N MET D 37 25.09 10.14 -9.80
CA MET D 37 26.10 9.94 -8.76
C MET D 37 27.28 9.09 -9.23
N GLY D 38 27.57 9.13 -10.52
CA GLY D 38 28.70 8.43 -11.07
C GLY D 38 28.44 6.96 -11.36
N ILE D 39 27.22 6.52 -11.11
CA ILE D 39 26.84 5.14 -11.40
C ILE D 39 26.63 4.99 -12.91
N PRO D 40 27.37 4.07 -13.53
CA PRO D 40 27.37 3.88 -14.99
C PRO D 40 26.04 3.38 -15.54
N LEU D 41 25.75 3.71 -16.80
CA LEU D 41 24.52 3.33 -17.47
C LEU D 41 24.09 1.88 -17.25
N GLU D 42 25.04 0.95 -17.32
CA GLU D 42 24.69 -0.47 -17.25
C GLU D 42 24.00 -0.82 -15.95
N LYS D 43 24.38 -0.15 -14.87
CA LYS D 43 23.79 -0.43 -13.56
C LYS D 43 22.35 0.04 -13.48
N TRP D 44 22.04 1.11 -14.22
CA TRP D 44 20.69 1.67 -14.18
C TRP D 44 19.67 0.78 -14.87
N GLU D 45 20.14 -0.14 -15.70
CA GLU D 45 19.24 -1.06 -16.38
C GLU D 45 18.56 -1.99 -15.38
N SER D 46 19.01 -2.02 -14.14
CA SER D 46 18.37 -2.82 -13.10
C SER D 46 17.07 -2.20 -12.58
N TYR D 47 16.88 -0.91 -12.84
CA TYR D 47 15.70 -0.20 -12.36
C TYR D 47 14.40 -0.86 -12.85
N ASP D 48 13.52 -1.21 -11.93
CA ASP D 48 12.29 -1.92 -12.28
C ASP D 48 11.06 -1.33 -11.58
N GLU D 49 10.30 -0.50 -12.29
CA GLU D 49 9.05 0.02 -11.74
C GLU D 49 8.09 -1.15 -11.52
N PRO D 50 7.51 -1.25 -10.31
CA PRO D 50 6.67 -2.41 -10.00
C PRO D 50 5.30 -2.44 -10.70
N TYR D 51 4.73 -1.28 -10.98
CA TYR D 51 3.35 -1.23 -11.50
C TYR D 51 3.31 -0.82 -12.98
N LYS D 52 3.18 -1.80 -13.85
CA LYS D 52 3.35 -1.53 -15.27
C LYS D 52 2.11 -0.92 -15.91
N THR D 53 2.38 -0.04 -16.86
CA THR D 53 1.40 0.78 -17.57
C THR D 53 1.78 0.75 -19.05
N SER D 54 0.81 0.80 -19.94
CA SER D 54 1.14 0.95 -21.35
C SER D 54 0.23 2.01 -21.97
N TYR D 55 0.69 2.60 -23.06
CA TYR D 55 0.02 3.73 -23.67
C TYR D 55 -1.48 3.48 -24.03
N PRO D 56 -1.79 2.38 -24.72
CA PRO D 56 -3.20 2.15 -25.06
C PRO D 56 -4.10 2.06 -23.82
N GLU D 57 -3.59 1.40 -22.79
CA GLU D 57 -4.31 1.27 -21.52
C GLU D 57 -4.52 2.65 -20.91
N TYR D 58 -3.47 3.45 -20.94
CA TYR D 58 -3.50 4.77 -20.31
C TYR D 58 -4.57 5.68 -20.91
N VAL D 59 -4.57 5.83 -22.23
CA VAL D 59 -5.50 6.79 -22.82
C VAL D 59 -6.94 6.30 -22.63
N SER D 60 -7.13 4.99 -22.64
CA SER D 60 -8.48 4.43 -22.43
C SER D 60 -8.99 4.71 -21.03
N ILE D 61 -8.18 4.36 -20.03
CA ILE D 61 -8.62 4.53 -18.63
C ILE D 61 -8.78 6.00 -18.26
N GLN D 62 -7.84 6.84 -18.69
CA GLN D 62 -7.89 8.24 -18.31
C GLN D 62 -9.03 8.98 -19.01
N ARG D 63 -9.39 8.51 -20.21
CA ARG D 63 -10.57 9.04 -20.88
C ARG D 63 -11.81 8.85 -20.01
N GLU D 64 -11.94 7.65 -19.45
CA GLU D 64 -13.10 7.33 -18.61
C GLU D 64 -13.10 8.17 -17.35
N LYS D 65 -11.94 8.36 -16.72
CA LYS D 65 -11.91 9.14 -15.50
C LYS D 65 -12.38 10.58 -15.72
N ASP D 66 -11.94 11.20 -16.81
CA ASP D 66 -12.34 12.59 -17.05
C ASP D 66 -13.82 12.67 -17.45
N ALA D 67 -14.33 11.66 -18.16
CA ALA D 67 -15.75 11.66 -18.53
C ALA D 67 -16.58 11.81 -17.26
N GLY D 68 -16.22 11.05 -16.24
CA GLY D 68 -16.93 11.12 -14.98
C GLY D 68 -16.76 12.44 -14.25
N ALA D 69 -15.50 12.89 -14.12
CA ALA D 69 -15.22 14.08 -13.30
C ALA D 69 -15.94 15.31 -13.85
N TYR D 70 -15.86 15.51 -15.16
CA TYR D 70 -16.45 16.71 -15.74
C TYR D 70 -17.97 16.62 -15.80
N SER D 71 -18.52 15.42 -15.99
CA SER D 71 -19.97 15.31 -16.06
C SER D 71 -20.59 15.56 -14.68
N VAL D 72 -19.91 15.15 -13.62
CA VAL D 72 -20.40 15.42 -12.27
C VAL D 72 -20.39 16.92 -12.00
N LYS D 73 -19.31 17.60 -12.33
CA LYS D 73 -19.24 19.05 -12.15
C LYS D 73 -20.42 19.74 -12.85
N ALA D 74 -20.68 19.36 -14.10
CA ALA D 74 -21.71 20.01 -14.88
C ALA D 74 -23.10 19.80 -14.29
N ALA D 75 -23.35 18.59 -13.79
CA ALA D 75 -24.68 18.25 -13.30
C ALA D 75 -24.99 18.92 -11.95
N LEU D 76 -23.95 19.35 -11.26
CA LEU D 76 -24.14 19.98 -9.94
C LEU D 76 -23.97 21.49 -10.01
N GLU D 77 -23.90 22.02 -11.22
CA GLU D 77 -23.66 23.45 -11.46
C GLU D 77 -24.64 24.36 -10.71
N ARG D 78 -25.91 23.96 -10.69
CA ARG D 78 -26.94 24.83 -10.12
C ARG D 78 -27.36 24.34 -8.73
N ALA D 79 -26.40 23.75 -8.01
CA ALA D 79 -26.61 23.30 -6.64
C ALA D 79 -26.15 24.36 -5.64
N LYS D 80 -25.44 25.36 -6.12
CA LYS D 80 -25.04 26.50 -5.31
C LYS D 80 -24.18 26.11 -4.10
N ILE D 81 -23.05 25.46 -4.38
CA ILE D 81 -22.17 25.03 -3.31
C ILE D 81 -21.49 26.20 -2.63
N TYR D 82 -21.13 27.22 -3.40
CA TYR D 82 -20.47 28.39 -2.82
C TYR D 82 -21.38 29.06 -1.80
N GLU D 83 -22.66 29.18 -2.14
CA GLU D 83 -23.60 29.90 -1.29
C GLU D 83 -24.01 29.09 -0.05
N ASN D 84 -24.02 27.78 -0.17
CA ASN D 84 -24.56 26.92 0.88
C ASN D 84 -23.53 26.20 1.77
N SER D 85 -22.24 26.36 1.46
CA SER D 85 -21.20 25.71 2.24
C SER D 85 -20.85 26.49 3.51
N ASP D 86 -20.35 25.79 4.53
CA ASP D 86 -19.80 26.47 5.70
C ASP D 86 -18.57 27.27 5.28
N PRO D 87 -18.35 28.43 5.91
CA PRO D 87 -17.19 29.24 5.54
C PRO D 87 -15.87 28.49 5.69
N GLY D 88 -15.78 27.58 6.67
CA GLY D 88 -14.57 26.81 6.86
C GLY D 88 -14.26 25.97 5.63
N TRP D 89 -15.30 25.40 5.03
CA TRP D 89 -15.10 24.60 3.82
C TRP D 89 -14.67 25.48 2.64
N ILE D 90 -15.29 26.64 2.50
CA ILE D 90 -14.96 27.54 1.40
C ILE D 90 -13.50 27.97 1.51
N SER D 91 -13.05 28.25 2.73
CA SER D 91 -11.65 28.63 2.95
C SER D 91 -10.71 27.46 2.69
N THR D 92 -11.16 26.26 3.03
CA THR D 92 -10.39 25.05 2.72
C THR D 92 -10.19 24.92 1.21
N LEU D 93 -11.25 25.18 0.44
CA LEU D 93 -11.15 25.13 -1.02
C LEU D 93 -10.18 26.20 -1.53
N LYS D 94 -10.35 27.42 -1.05
CA LYS D 94 -9.51 28.52 -1.52
C LYS D 94 -8.03 28.25 -1.25
N SER D 95 -7.72 27.78 -0.04
CA SER D 95 -6.35 27.47 0.33
C SER D 95 -5.80 26.34 -0.53
N HIS D 96 -6.59 25.28 -0.69
CA HIS D 96 -6.17 24.13 -1.48
C HIS D 96 -5.82 24.54 -2.90
N TYR D 97 -6.77 25.16 -3.60
CA TYR D 97 -6.57 25.49 -5.00
C TYR D 97 -5.37 26.42 -5.21
N GLY D 98 -5.24 27.43 -4.34
CA GLY D 98 -4.11 28.33 -4.46
C GLY D 98 -2.77 27.63 -4.26
N ALA D 99 -2.70 26.78 -3.24
CA ALA D 99 -1.44 26.14 -2.89
C ALA D 99 -1.06 25.01 -3.85
N ILE D 100 -2.06 24.45 -4.53
CA ILE D 100 -1.86 23.22 -5.26
C ILE D 100 -1.93 23.28 -6.78
N ALA D 101 -2.87 24.05 -7.35
CA ALA D 101 -3.20 23.87 -8.78
C ALA D 101 -2.00 24.09 -9.70
N VAL D 102 -1.30 25.21 -9.53
CA VAL D 102 -0.22 25.53 -10.46
C VAL D 102 1.05 24.77 -10.04
N GLY D 103 1.05 24.29 -8.80
CA GLY D 103 2.11 23.40 -8.35
C GLY D 103 2.02 22.04 -9.03
N GLU D 104 0.80 21.53 -9.18
CA GLU D 104 0.63 20.30 -9.96
C GLU D 104 1.19 20.47 -11.35
N TYR D 105 0.91 21.62 -11.97
CA TYR D 105 1.43 21.84 -13.30
C TYR D 105 2.95 21.90 -13.26
N ALA D 106 3.52 22.48 -12.21
CA ALA D 106 4.97 22.50 -12.05
C ALA D 106 5.54 21.09 -11.95
N ALA D 107 4.76 20.17 -11.39
CA ALA D 107 5.23 18.79 -11.28
C ALA D 107 5.44 18.15 -12.65
N VAL D 108 4.78 18.68 -13.69
CA VAL D 108 5.05 18.17 -15.05
C VAL D 108 6.55 18.26 -15.34
N THR D 109 7.15 19.35 -14.89
CA THR D 109 8.56 19.63 -15.14
C THR D 109 9.48 18.70 -14.34
N GLY D 110 9.09 18.36 -13.13
CA GLY D 110 9.82 17.36 -12.36
C GLY D 110 9.80 16.02 -13.08
N GLU D 111 8.62 15.64 -13.58
CA GLU D 111 8.49 14.39 -14.32
C GLU D 111 9.27 14.49 -15.65
N GLY D 112 9.20 15.64 -16.33
CA GLY D 112 9.95 15.84 -17.55
C GLY D 112 11.47 15.77 -17.34
N ARG D 113 11.92 16.24 -16.19
CA ARG D 113 13.34 16.16 -15.86
C ARG D 113 13.79 14.69 -15.84
N MET D 114 12.96 13.81 -15.29
CA MET D 114 13.29 12.39 -15.25
C MET D 114 13.18 11.76 -16.63
N ALA D 115 12.16 12.16 -17.38
CA ALA D 115 11.92 11.60 -18.71
C ALA D 115 13.11 11.82 -19.63
N ARG D 116 13.78 12.96 -19.49
CA ARG D 116 14.95 13.22 -20.32
C ARG D 116 16.23 12.74 -19.69
N PHE D 117 16.41 12.96 -18.39
CA PHE D 117 17.74 12.83 -17.80
C PHE D 117 17.98 11.63 -16.90
N SER D 118 16.95 10.83 -16.60
CA SER D 118 17.22 9.63 -15.81
C SER D 118 17.95 8.60 -16.65
N LYS D 119 18.96 7.96 -16.07
CA LYS D 119 19.68 6.90 -16.79
C LYS D 119 18.91 5.58 -16.79
N ALA D 120 17.82 5.50 -16.02
CA ALA D 120 17.00 4.28 -16.00
C ALA D 120 15.87 4.34 -17.05
N PRO D 121 15.89 3.41 -18.03
CA PRO D 121 14.85 3.39 -19.07
C PRO D 121 13.42 3.33 -18.53
N GLY D 122 13.18 2.49 -17.51
CA GLY D 122 11.84 2.36 -16.97
C GLY D 122 11.38 3.67 -16.34
N ASN D 123 12.32 4.37 -15.74
CA ASN D 123 12.06 5.66 -15.11
C ASN D 123 11.64 6.66 -16.19
N ARG D 124 12.35 6.66 -17.31
CA ARG D 124 12.06 7.63 -18.36
C ARG D 124 10.66 7.41 -18.93
N ASN D 125 10.24 6.15 -19.05
CA ASN D 125 8.89 5.88 -19.54
C ASN D 125 7.81 6.20 -18.51
N MET D 126 8.01 5.77 -17.26
CA MET D 126 6.99 6.08 -16.25
C MET D 126 6.87 7.59 -16.03
N ALA D 127 7.99 8.31 -16.16
CA ALA D 127 7.98 9.77 -16.01
C ALA D 127 7.20 10.42 -17.14
N THR D 128 7.10 9.73 -18.26
CA THR D 128 6.32 10.27 -19.37
C THR D 128 4.83 10.21 -19.03
N PHE D 129 4.38 9.09 -18.47
CA PHE D 129 3.02 9.04 -17.94
C PHE D 129 2.84 10.04 -16.80
N GLY D 130 3.88 10.24 -16.01
CA GLY D 130 3.84 11.22 -14.94
C GLY D 130 3.64 12.63 -15.46
N MET D 131 4.29 12.97 -16.58
CA MET D 131 4.06 14.28 -17.21
C MET D 131 2.59 14.44 -17.55
N MET D 132 2.02 13.38 -18.11
CA MET D 132 0.62 13.40 -18.50
C MET D 132 -0.29 13.50 -17.28
N ASP D 133 0.00 12.72 -16.24
CA ASP D 133 -0.83 12.76 -15.03
C ASP D 133 -0.86 14.16 -14.42
N GLU D 134 0.29 14.81 -14.30
CA GLU D 134 0.33 16.09 -13.63
C GLU D 134 -0.27 17.18 -14.51
N LEU D 135 -0.18 17.01 -15.84
CA LEU D 135 -0.90 17.90 -16.76
C LEU D 135 -2.40 17.82 -16.47
N ARG D 136 -2.92 16.60 -16.38
CA ARG D 136 -4.31 16.41 -15.98
C ARG D 136 -4.64 17.15 -14.69
N HIS D 137 -3.79 16.98 -13.68
CA HIS D 137 -4.12 17.49 -12.35
C HIS D 137 -4.09 19.00 -12.33
N GLY D 138 -3.13 19.60 -13.03
CA GLY D 138 -3.07 21.04 -13.14
C GLY D 138 -4.28 21.59 -13.87
N GLN D 139 -4.67 20.93 -14.98
CA GLN D 139 -5.79 21.45 -15.75
C GLN D 139 -7.10 21.27 -14.99
N LEU D 140 -7.29 20.14 -14.33
CA LEU D 140 -8.48 19.93 -13.52
C LEU D 140 -8.62 20.99 -12.46
N GLN D 141 -7.52 21.31 -11.80
CA GLN D 141 -7.61 22.13 -10.62
C GLN D 141 -7.50 23.61 -10.96
N LEU D 142 -7.45 23.91 -12.26
CA LEU D 142 -7.72 25.25 -12.75
C LEU D 142 -9.16 25.36 -13.25
N PHE D 143 -9.61 24.35 -14.02
CA PHE D 143 -10.95 24.37 -14.60
C PHE D 143 -12.03 24.40 -13.53
N PHE D 144 -11.82 23.63 -12.46
CA PHE D 144 -12.87 23.49 -11.45
C PHE D 144 -13.06 24.76 -10.62
N PRO D 145 -11.98 25.38 -10.10
CA PRO D 145 -12.21 26.63 -9.35
C PRO D 145 -12.60 27.84 -10.22
N HIS D 146 -12.34 27.76 -11.53
CA HIS D 146 -12.62 28.90 -12.41
C HIS D 146 -14.09 29.34 -12.32
N GLU D 147 -14.97 28.36 -12.15
CA GLU D 147 -16.40 28.63 -12.03
C GLU D 147 -16.70 29.63 -10.91
N TYR D 148 -15.87 29.62 -9.87
CA TYR D 148 -16.10 30.46 -8.69
C TYR D 148 -15.50 31.86 -8.78
N CYS D 149 -14.71 32.14 -9.80
CA CYS D 149 -14.09 33.47 -9.91
C CYS D 149 -15.15 34.57 -9.88
N LYS D 150 -16.24 34.35 -10.62
CA LYS D 150 -17.28 35.36 -10.73
C LYS D 150 -18.00 35.60 -9.39
N LYS D 151 -17.74 34.74 -8.42
CA LYS D 151 -18.40 34.83 -7.11
C LYS D 151 -17.53 35.46 -6.02
N ASP D 152 -16.21 35.38 -6.19
CA ASP D 152 -15.31 35.63 -5.08
C ASP D 152 -13.88 35.79 -5.60
N ARG D 153 -13.32 36.99 -5.45
CA ARG D 153 -11.99 37.29 -5.97
C ARG D 153 -10.89 36.39 -5.37
N GLN D 154 -11.13 35.82 -4.18
CA GLN D 154 -10.10 34.97 -3.59
C GLN D 154 -9.90 33.69 -4.40
N PHE D 155 -10.87 33.32 -5.23
CA PHE D 155 -10.66 32.14 -6.07
C PHE D 155 -9.76 32.43 -7.27
N ASP D 156 -9.52 33.72 -7.56
CA ASP D 156 -8.53 34.07 -8.58
C ASP D 156 -7.18 33.51 -8.22
N TRP D 157 -6.96 33.28 -6.93
CA TRP D 157 -5.65 32.87 -6.46
C TRP D 157 -5.37 31.42 -6.79
N ALA D 158 -6.39 30.69 -7.24
CA ALA D 158 -6.15 29.36 -7.79
C ALA D 158 -5.13 29.47 -8.93
N TRP D 159 -5.21 30.56 -9.70
CA TRP D 159 -4.22 30.83 -10.74
C TRP D 159 -3.12 31.73 -10.20
N ARG D 160 -3.50 32.75 -9.43
CA ARG D 160 -2.55 33.83 -9.09
C ARG D 160 -1.47 33.48 -8.06
N ALA D 161 -1.76 32.56 -7.14
CA ALA D 161 -0.84 32.36 -6.01
C ALA D 161 0.61 32.17 -6.41
N TYR D 162 0.87 31.26 -7.36
CA TYR D 162 2.25 30.98 -7.73
C TYR D 162 2.89 32.13 -8.52
N HIS D 163 2.06 33.05 -8.98
CA HIS D 163 2.54 34.24 -9.69
C HIS D 163 2.76 35.42 -8.75
N SER D 164 2.55 35.18 -7.46
CA SER D 164 2.63 36.24 -6.46
C SER D 164 3.84 36.11 -5.57
N ASN D 165 4.07 37.13 -4.75
CA ASN D 165 5.06 37.08 -3.68
C ASN D 165 4.38 37.03 -2.32
N GLU D 166 3.16 36.50 -2.28
CA GLU D 166 2.47 36.34 -1.02
C GLU D 166 3.26 35.29 -0.21
N TRP D 167 3.34 35.46 1.11
CA TRP D 167 4.33 34.72 1.89
C TRP D 167 4.12 33.21 1.83
N ALA D 168 2.87 32.74 1.83
CA ALA D 168 2.62 31.31 1.82
C ALA D 168 2.90 30.74 0.43
N ALA D 169 2.67 31.55 -0.60
CA ALA D 169 3.01 31.16 -1.97
C ALA D 169 4.52 31.02 -2.14
N ILE D 170 5.28 31.91 -1.49
CA ILE D 170 6.74 31.80 -1.51
C ILE D 170 7.20 30.54 -0.76
N ALA D 171 6.55 30.23 0.35
CA ALA D 171 6.87 28.99 1.07
C ALA D 171 6.61 27.76 0.20
N ALA D 172 5.49 27.78 -0.52
CA ALA D 172 5.15 26.66 -1.39
C ALA D 172 6.14 26.55 -2.55
N LYS D 173 6.45 27.69 -3.17
CA LYS D 173 7.36 27.66 -4.32
C LYS D 173 8.78 27.31 -3.91
N HIS D 174 9.21 27.77 -2.74
CA HIS D 174 10.54 27.45 -2.26
C HIS D 174 10.64 25.93 -2.04
N PHE D 175 9.59 25.34 -1.48
CA PHE D 175 9.58 23.89 -1.29
C PHE D 175 9.53 23.15 -2.63
N PHE D 176 8.57 23.50 -3.47
CA PHE D 176 8.36 22.74 -4.70
C PHE D 176 9.46 22.99 -5.71
N ASP D 177 10.02 24.18 -5.71
CA ASP D 177 11.15 24.41 -6.60
C ASP D 177 12.38 23.64 -6.09
N ASP D 178 12.45 23.38 -4.79
CA ASP D 178 13.56 22.62 -4.22
C ASP D 178 13.43 21.11 -4.53
N ILE D 179 12.22 20.58 -4.42
CA ILE D 179 12.06 19.12 -4.59
C ILE D 179 11.53 18.67 -5.95
N ILE D 180 11.00 19.59 -6.75
CA ILE D 180 10.39 19.24 -8.05
C ILE D 180 11.16 19.78 -9.25
N THR D 181 11.31 21.10 -9.28
CA THR D 181 11.83 21.76 -10.48
C THR D 181 13.30 22.16 -10.41
N GLY D 182 13.91 22.13 -9.23
CA GLY D 182 15.24 22.71 -9.08
C GLY D 182 16.35 21.71 -8.82
N ARG D 183 16.09 20.43 -9.07
CA ARG D 183 17.13 19.42 -8.84
C ARG D 183 17.20 18.37 -9.95
N ASP D 184 18.24 17.56 -9.88
CA ASP D 184 18.48 16.51 -10.86
C ASP D 184 17.40 15.42 -10.82
N ALA D 185 17.35 14.60 -11.87
CA ALA D 185 16.30 13.60 -12.05
C ALA D 185 16.15 12.64 -10.88
N ILE D 186 17.25 12.12 -10.37
CA ILE D 186 17.16 11.11 -9.30
C ILE D 186 16.73 11.79 -8.00
N SER D 187 17.14 13.04 -7.78
CA SER D 187 16.65 13.77 -6.62
C SER D 187 15.14 13.96 -6.70
N VAL D 188 14.63 14.28 -7.89
CA VAL D 188 13.19 14.38 -8.08
C VAL D 188 12.52 13.05 -7.75
N ALA D 189 13.07 11.95 -8.25
CA ALA D 189 12.47 10.64 -7.98
C ALA D 189 12.34 10.41 -6.48
N ILE D 190 13.42 10.68 -5.75
CA ILE D 190 13.45 10.47 -4.31
C ILE D 190 12.62 11.49 -3.54
N MET D 191 12.79 12.77 -3.85
CA MET D 191 12.18 13.82 -3.02
C MET D 191 10.73 14.08 -3.37
N LEU D 192 10.39 14.01 -4.66
CA LEU D 192 9.01 14.22 -5.06
C LEU D 192 8.20 12.93 -5.02
N THR D 193 8.62 11.90 -5.75
CA THR D 193 7.70 10.75 -5.88
C THR D 193 7.69 9.86 -4.64
N PHE D 194 8.85 9.59 -4.03
CA PHE D 194 8.84 8.76 -2.82
C PHE D 194 8.44 9.57 -1.59
N SER D 195 9.16 10.65 -1.32
CA SER D 195 8.95 11.38 -0.08
C SER D 195 7.64 12.15 -0.05
N PHE D 196 7.38 12.94 -1.08
CA PHE D 196 6.23 13.82 -1.02
C PHE D 196 4.92 13.16 -1.51
N GLU D 197 4.95 12.50 -2.66
CA GLU D 197 3.72 11.94 -3.20
C GLU D 197 3.29 10.66 -2.48
N THR D 198 4.17 9.68 -2.41
CA THR D 198 3.85 8.46 -1.67
C THR D 198 3.70 8.74 -0.18
N GLY D 199 4.52 9.69 0.29
CA GLY D 199 4.67 9.92 1.72
C GLY D 199 3.63 10.81 2.36
N PHE D 200 3.15 11.81 1.61
CA PHE D 200 2.19 12.76 2.15
C PHE D 200 0.89 12.88 1.34
N THR D 201 1.00 13.11 0.04
CA THR D 201 -0.17 13.55 -0.71
C THR D 201 -1.21 12.45 -0.90
N ASN D 202 -0.75 11.20 -0.92
CA ASN D 202 -1.69 10.10 -1.02
C ASN D 202 -2.69 10.17 0.12
N MET D 203 -2.21 10.16 1.35
CA MET D 203 -3.11 10.18 2.50
C MET D 203 -3.83 11.53 2.64
N GLN D 204 -3.15 12.63 2.32
CA GLN D 204 -3.82 13.93 2.38
C GLN D 204 -5.01 14.00 1.44
N PHE D 205 -4.84 13.56 0.20
CA PHE D 205 -5.94 13.64 -0.76
C PHE D 205 -7.07 12.70 -0.38
N LEU D 206 -6.74 11.52 0.13
CA LEU D 206 -7.78 10.61 0.63
C LEU D 206 -8.57 11.26 1.76
N GLY D 207 -7.87 11.94 2.67
CA GLY D 207 -8.53 12.60 3.79
C GLY D 207 -9.38 13.77 3.33
N LEU D 208 -8.85 14.53 2.37
CA LEU D 208 -9.55 15.69 1.85
C LEU D 208 -10.85 15.30 1.10
N ALA D 209 -10.80 14.21 0.34
CA ALA D 209 -11.99 13.75 -0.36
C ALA D 209 -13.10 13.38 0.64
N ALA D 210 -12.71 12.76 1.74
CA ALA D 210 -13.67 12.39 2.77
C ALA D 210 -14.26 13.67 3.41
N ASP D 211 -13.41 14.66 3.66
CA ASP D 211 -13.85 15.91 4.26
C ASP D 211 -14.83 16.64 3.34
N ALA D 212 -14.57 16.54 2.03
CA ALA D 212 -15.45 17.17 1.05
C ALA D 212 -16.85 16.59 1.06
N ALA D 213 -16.93 15.26 1.08
CA ALA D 213 -18.22 14.58 1.20
C ALA D 213 -18.97 15.01 2.47
N GLU D 214 -18.24 15.09 3.57
CA GLU D 214 -18.83 15.50 4.85
C GLU D 214 -19.38 16.91 4.75
N ALA D 215 -18.71 17.75 3.97
CA ALA D 215 -19.10 19.15 3.77
C ALA D 215 -20.21 19.30 2.74
N GLY D 216 -20.57 18.21 2.07
CA GLY D 216 -21.64 18.22 1.09
C GLY D 216 -21.21 18.64 -0.31
N ASP D 217 -19.90 18.70 -0.52
CA ASP D 217 -19.33 19.11 -1.80
C ASP D 217 -18.94 17.88 -2.60
N TYR D 218 -19.91 17.27 -3.29
CA TYR D 218 -19.66 16.01 -3.98
C TYR D 218 -18.87 16.18 -5.27
N THR D 219 -18.93 17.37 -5.88
CA THR D 219 -18.09 17.64 -7.04
C THR D 219 -16.62 17.58 -6.66
N PHE D 220 -16.26 18.25 -5.57
CA PHE D 220 -14.87 18.27 -5.13
C PHE D 220 -14.45 16.91 -4.59
N ALA D 221 -15.35 16.24 -3.88
CA ALA D 221 -15.05 14.91 -3.37
C ALA D 221 -14.69 13.99 -4.53
N ASN D 222 -15.50 14.06 -5.58
CA ASN D 222 -15.28 13.22 -6.76
C ASN D 222 -13.97 13.59 -7.47
N LEU D 223 -13.73 14.89 -7.60
CA LEU D 223 -12.52 15.39 -8.24
C LEU D 223 -11.24 14.90 -7.56
N ILE D 224 -11.19 15.06 -6.24
CA ILE D 224 -9.99 14.74 -5.48
C ILE D 224 -9.78 13.24 -5.45
N SER D 225 -10.85 12.49 -5.32
CA SER D 225 -10.74 11.05 -5.40
C SER D 225 -10.19 10.62 -6.76
N SER D 226 -10.67 11.25 -7.84
CA SER D 226 -10.22 10.88 -9.19
C SER D 226 -8.73 11.15 -9.36
N ILE D 227 -8.30 12.32 -8.90
CA ILE D 227 -6.89 12.69 -8.95
C ILE D 227 -6.02 11.70 -8.16
N GLN D 228 -6.47 11.31 -6.98
CA GLN D 228 -5.70 10.39 -6.14
C GLN D 228 -5.48 9.04 -6.83
N THR D 229 -6.43 8.59 -7.65
CA THR D 229 -6.29 7.31 -8.31
C THR D 229 -5.14 7.28 -9.33
N ASP D 230 -4.64 8.45 -9.72
CA ASP D 230 -3.51 8.53 -10.66
C ASP D 230 -2.16 8.41 -9.96
N GLU D 231 -2.14 8.61 -8.65
CA GLU D 231 -0.86 8.86 -7.97
C GLU D 231 0.11 7.70 -8.08
N SER D 232 -0.36 6.49 -7.81
CA SER D 232 0.56 5.36 -7.75
C SER D 232 1.33 5.15 -9.06
N ARG D 233 0.70 5.52 -10.17
CA ARG D 233 1.27 5.31 -11.51
C ARG D 233 2.64 5.96 -11.63
N HIS D 234 2.79 7.15 -11.07
CA HIS D 234 4.06 7.85 -11.16
C HIS D 234 4.75 7.98 -9.80
N ALA D 235 4.00 7.93 -8.69
CA ALA D 235 4.65 8.05 -7.39
C ALA D 235 5.53 6.83 -7.10
N GLN D 236 5.28 5.73 -7.80
CA GLN D 236 6.04 4.50 -7.64
C GLN D 236 7.52 4.62 -8.00
N GLN D 237 7.90 5.71 -8.66
CA GLN D 237 9.23 5.78 -9.28
C GLN D 237 10.37 5.91 -8.27
N GLY D 238 10.08 6.45 -7.09
CA GLY D 238 11.13 6.76 -6.14
C GLY D 238 11.74 5.56 -5.46
N GLY D 239 10.90 4.60 -5.06
CA GLY D 239 11.37 3.40 -4.38
C GLY D 239 12.46 2.63 -5.11
N PRO D 240 12.23 2.29 -6.38
CA PRO D 240 13.21 1.59 -7.22
C PRO D 240 14.50 2.39 -7.38
N ALA D 241 14.38 3.72 -7.39
CA ALA D 241 15.57 4.56 -7.48
C ALA D 241 16.37 4.46 -6.18
N LEU D 242 15.70 4.49 -5.04
CA LEU D 242 16.38 4.34 -3.75
C LEU D 242 17.05 2.96 -3.63
N GLN D 243 16.36 1.92 -4.07
CA GLN D 243 16.93 0.57 -4.02
C GLN D 243 18.22 0.52 -4.83
N LEU D 244 18.20 1.15 -6.00
CA LEU D 244 19.35 1.12 -6.89
C LEU D 244 20.54 1.87 -6.30
N LEU D 245 20.28 3.01 -5.67
CA LEU D 245 21.33 3.78 -5.00
C LEU D 245 21.97 2.95 -3.89
N ILE D 246 21.12 2.30 -3.10
CA ILE D 246 21.59 1.47 -1.98
C ILE D 246 22.44 0.31 -2.49
N GLU D 247 21.97 -0.35 -3.55
CA GLU D 247 22.68 -1.48 -4.14
C GLU D 247 24.05 -1.09 -4.70
N ASN D 248 24.21 0.19 -5.02
CA ASN D 248 25.41 0.66 -5.69
C ASN D 248 26.25 1.61 -4.85
N GLY D 249 26.16 1.44 -3.53
CA GLY D 249 27.07 2.09 -2.61
C GLY D 249 26.72 3.53 -2.26
N LYS D 250 25.49 3.93 -2.53
CA LYS D 250 25.07 5.31 -2.31
C LYS D 250 23.95 5.39 -1.26
N ARG D 251 23.96 4.48 -0.29
CA ARG D 251 22.91 4.51 0.72
C ARG D 251 22.93 5.81 1.53
N GLU D 252 24.13 6.27 1.86
CA GLU D 252 24.25 7.49 2.68
C GLU D 252 23.62 8.68 1.97
N GLU D 253 23.88 8.78 0.67
CA GLU D 253 23.32 9.84 -0.14
C GLU D 253 21.80 9.67 -0.31
N ALA D 254 21.33 8.44 -0.48
CA ALA D 254 19.89 8.19 -0.55
C ALA D 254 19.20 8.64 0.74
N GLN D 255 19.77 8.26 1.89
CA GLN D 255 19.18 8.60 3.18
C GLN D 255 19.10 10.11 3.37
N LYS D 256 20.17 10.80 3.02
CA LYS D 256 20.23 12.25 3.19
C LYS D 256 19.12 12.95 2.41
N LYS D 257 18.85 12.47 1.20
CA LYS D 257 17.85 13.12 0.36
C LYS D 257 16.43 12.85 0.89
N VAL D 258 16.19 11.63 1.38
CA VAL D 258 14.92 11.34 2.01
C VAL D 258 14.72 12.20 3.25
N ASP D 259 15.75 12.24 4.10
CA ASP D 259 15.71 13.05 5.33
C ASP D 259 15.31 14.49 5.04
N MET D 260 15.97 15.11 4.06
N MET D 260 16.00 15.09 4.06
CA MET D 260 15.68 16.50 3.74
CA MET D 260 15.75 16.47 3.64
C MET D 260 14.26 16.67 3.21
C MET D 260 14.29 16.67 3.20
N ALA D 261 13.85 15.82 2.29
CA ALA D 261 12.55 15.95 1.65
C ALA D 261 11.38 15.82 2.63
N ILE D 262 11.48 14.85 3.54
CA ILE D 262 10.39 14.63 4.50
C ILE D 262 10.23 15.83 5.41
N TRP D 263 11.34 16.37 5.90
CA TRP D 263 11.23 17.51 6.80
C TRP D 263 10.65 18.74 6.10
N ARG D 264 11.14 19.02 4.90
CA ARG D 264 10.65 20.18 4.14
C ARG D 264 9.16 20.05 3.84
N ALA D 265 8.72 18.84 3.51
CA ALA D 265 7.29 18.60 3.25
C ALA D 265 6.49 18.84 4.51
N TRP D 266 7.01 18.35 5.64
CA TRP D 266 6.33 18.47 6.92
C TRP D 266 6.04 19.93 7.29
N ARG D 267 7.03 20.80 7.17
CA ARG D 267 6.82 22.18 7.61
C ARG D 267 5.73 22.86 6.78
N LEU D 268 5.71 22.59 5.48
CA LEU D 268 4.67 23.19 4.64
C LEU D 268 3.31 22.56 4.92
N PHE D 269 3.30 21.26 5.20
CA PHE D 269 2.06 20.54 5.51
C PHE D 269 1.43 21.11 6.78
N ALA D 270 2.29 21.41 7.75
CA ALA D 270 1.85 21.90 9.05
C ALA D 270 1.20 23.28 8.95
N VAL D 271 1.61 24.09 7.97
CA VAL D 271 1.01 25.43 7.87
C VAL D 271 -0.23 25.41 6.99
N LEU D 272 -0.25 24.52 5.99
CA LEU D 272 -1.36 24.50 5.04
C LEU D 272 -2.51 23.57 5.43
N THR D 273 -2.19 22.42 6.01
CA THR D 273 -3.21 21.43 6.31
C THR D 273 -3.51 21.30 7.79
N GLY D 274 -2.49 21.44 8.62
CA GLY D 274 -2.68 21.38 10.07
C GLY D 274 -3.81 22.25 10.60
N PRO D 275 -3.81 23.54 10.23
CA PRO D 275 -4.89 24.41 10.72
C PRO D 275 -6.25 24.00 10.19
N VAL D 276 -6.28 23.50 8.96
CA VAL D 276 -7.54 23.06 8.37
C VAL D 276 -8.16 21.93 9.18
N MET D 277 -7.37 20.90 9.48
CA MET D 277 -7.91 19.75 10.22
C MET D 277 -8.36 20.09 11.64
N ASP D 278 -7.57 20.88 12.36
CA ASP D 278 -7.84 21.11 13.78
C ASP D 278 -8.65 22.38 14.08
N TYR D 279 -8.84 23.25 13.08
CA TYR D 279 -9.54 24.51 13.36
C TYR D 279 -10.60 24.91 12.32
N TYR D 280 -10.39 24.61 11.05
CA TYR D 280 -11.36 25.04 10.03
C TYR D 280 -12.53 24.07 9.89
N THR D 281 -12.24 22.78 10.00
CA THR D 281 -13.24 21.73 9.94
C THR D 281 -14.16 21.84 11.13
N PRO D 282 -15.48 21.81 10.90
CA PRO D 282 -16.44 21.83 12.01
C PRO D 282 -16.14 20.74 13.03
N LEU D 283 -16.22 21.11 14.31
CA LEU D 283 -15.92 20.21 15.41
C LEU D 283 -16.62 18.86 15.25
N GLU D 284 -17.91 18.91 14.88
CA GLU D 284 -18.73 17.71 14.78
C GLU D 284 -18.23 16.75 13.71
N ASP D 285 -17.46 17.26 12.75
CA ASP D 285 -16.98 16.45 11.62
C ASP D 285 -15.50 16.11 11.72
N ARG D 286 -14.90 16.28 12.89
CA ARG D 286 -13.51 15.89 13.07
C ARG D 286 -13.40 14.44 13.53
N SER D 287 -12.80 13.62 12.69
CA SER D 287 -12.69 12.18 12.96
C SER D 287 -11.41 11.87 13.74
N GLN D 288 -10.35 12.62 13.45
CA GLN D 288 -9.12 12.56 14.22
C GLN D 288 -8.46 13.92 14.22
N SER D 289 -7.52 14.12 15.13
CA SER D 289 -6.73 15.35 15.17
C SER D 289 -5.62 15.30 14.12
N PHE D 290 -5.04 16.45 13.83
CA PHE D 290 -3.90 16.51 12.93
C PHE D 290 -2.77 15.61 13.41
N LYS D 291 -2.48 15.66 14.71
CA LYS D 291 -1.45 14.79 15.28
C LYS D 291 -1.76 13.31 15.05
N GLU D 292 -3.01 12.91 15.29
CA GLU D 292 -3.40 11.52 15.09
C GLU D 292 -3.23 11.12 13.62
N PHE D 293 -3.61 12.02 12.72
CA PHE D 293 -3.43 11.79 11.29
C PHE D 293 -1.95 11.60 10.95
N MET D 294 -1.10 12.48 11.46
CA MET D 294 0.33 12.40 11.22
C MET D 294 0.89 11.08 11.74
N TYR D 295 0.49 10.73 12.96
CA TYR D 295 0.94 9.50 13.58
C TYR D 295 0.53 8.25 12.83
N GLU D 296 -0.77 8.14 12.59
CA GLU D 296 -1.32 6.85 12.18
C GLU D 296 -1.39 6.73 10.67
N TRP D 297 -1.02 7.77 9.95
CA TRP D 297 -1.13 7.72 8.49
C TRP D 297 0.09 8.22 7.74
N ILE D 298 1.01 8.89 8.44
CA ILE D 298 2.19 9.42 7.79
C ILE D 298 3.46 8.86 8.41
N ILE D 299 3.60 9.03 9.71
CA ILE D 299 4.84 8.68 10.39
C ILE D 299 5.06 7.16 10.42
N GLY D 300 4.05 6.41 10.85
CA GLY D 300 4.13 4.97 10.83
C GLY D 300 4.40 4.37 9.44
N GLN D 301 3.69 4.88 8.44
CA GLN D 301 3.87 4.39 7.08
C GLN D 301 5.30 4.65 6.56
N PHE D 302 5.86 5.81 6.88
CA PHE D 302 7.25 6.11 6.56
C PHE D 302 8.19 5.10 7.23
N GLU D 303 7.97 4.86 8.51
CA GLU D 303 8.83 3.96 9.26
C GLU D 303 8.89 2.60 8.57
N ARG D 304 7.74 2.11 8.14
CA ARG D 304 7.68 0.77 7.57
C ARG D 304 8.21 0.75 6.14
N SER D 305 7.97 1.82 5.39
CA SER D 305 8.46 1.85 4.01
C SER D 305 9.98 1.97 4.00
N LEU D 306 10.53 2.76 4.91
CA LEU D 306 11.98 2.91 5.02
C LEU D 306 12.65 1.59 5.39
N ILE D 307 12.11 0.90 6.41
CA ILE D 307 12.67 -0.38 6.83
C ILE D 307 12.62 -1.37 5.68
N ASP D 308 11.52 -1.33 4.92
CA ASP D 308 11.35 -2.21 3.76
C ASP D 308 12.44 -2.00 2.73
N LEU D 309 12.88 -0.76 2.57
CA LEU D 309 13.89 -0.41 1.57
C LEU D 309 15.32 -0.58 2.10
N GLY D 310 15.46 -0.77 3.41
CA GLY D 310 16.77 -0.93 4.00
C GLY D 310 17.36 0.39 4.46
N LEU D 311 16.52 1.42 4.52
CA LEU D 311 16.93 2.72 5.06
C LEU D 311 16.57 2.79 6.54
N ASP D 312 16.93 3.91 7.18
CA ASP D 312 16.64 4.12 8.60
C ASP D 312 15.69 5.30 8.79
N LYS D 313 15.06 5.36 9.96
CA LYS D 313 14.36 6.57 10.35
C LYS D 313 15.34 7.73 10.32
N PRO D 314 14.90 8.87 9.77
CA PRO D 314 15.74 10.08 9.74
C PRO D 314 16.25 10.45 11.13
N TRP D 315 17.42 11.06 11.18
CA TRP D 315 18.07 11.37 12.45
C TRP D 315 17.18 12.20 13.37
N TYR D 316 16.28 12.98 12.79
CA TYR D 316 15.49 13.96 13.52
C TYR D 316 14.14 13.43 13.97
N TRP D 317 13.96 12.11 13.92
CA TRP D 317 12.62 11.54 14.12
C TRP D 317 12.00 11.98 15.44
N ASP D 318 12.79 12.03 16.51
CA ASP D 318 12.23 12.47 17.79
C ASP D 318 11.83 13.95 17.75
N LEU D 319 12.56 14.76 17.00
CA LEU D 319 12.17 16.16 16.79
C LEU D 319 10.86 16.28 16.02
N PHE D 320 10.70 15.39 15.05
CA PHE D 320 9.51 15.29 14.22
C PHE D 320 8.32 14.95 15.10
N LEU D 321 8.48 13.94 15.95
CA LEU D 321 7.40 13.52 16.82
C LEU D 321 6.97 14.64 17.77
N LYS D 322 7.94 15.40 18.29
CA LYS D 322 7.63 16.52 19.17
C LYS D 322 6.90 17.64 18.41
N ASP D 323 7.33 17.89 17.17
CA ASP D 323 6.77 18.95 16.35
C ASP D 323 5.28 18.74 16.07
N ILE D 324 4.85 17.50 15.90
CA ILE D 324 3.46 17.27 15.52
C ILE D 324 2.53 17.61 16.69
N ASP D 325 3.08 17.72 17.89
CA ASP D 325 2.31 18.15 19.07
C ASP D 325 2.09 19.66 19.10
N GLU D 326 2.93 20.41 18.39
CA GLU D 326 3.13 21.82 18.70
C GLU D 326 3.04 22.77 17.52
N LEU D 327 3.74 22.43 16.45
CA LEU D 327 4.03 23.40 15.40
C LEU D 327 2.78 24.02 14.78
N HIS D 328 1.83 23.18 14.37
CA HIS D 328 0.71 23.70 13.61
C HIS D 328 -0.22 24.57 14.45
N HIS D 329 -0.20 24.39 15.78
CA HIS D 329 -1.00 25.27 16.65
C HIS D 329 -0.46 26.68 16.58
N SER D 330 0.85 26.80 16.54
CA SER D 330 1.46 28.12 16.39
C SER D 330 1.31 28.66 14.98
N TYR D 331 1.45 27.80 13.98
CA TYR D 331 1.22 28.22 12.60
C TYR D 331 -0.21 28.71 12.40
N HIS D 332 -1.19 28.02 12.99
CA HIS D 332 -2.57 28.45 12.86
C HIS D 332 -2.78 29.83 13.48
N MET D 333 -2.24 30.01 14.67
CA MET D 333 -2.37 31.27 15.38
C MET D 333 -1.81 32.40 14.53
N GLY D 334 -0.68 32.15 13.89
CA GLY D 334 -0.03 33.14 13.04
C GLY D 334 -0.84 33.44 11.79
N VAL D 335 -1.33 32.40 11.12
CA VAL D 335 -2.15 32.58 9.93
C VAL D 335 -3.40 33.40 10.27
N TRP D 336 -4.01 33.10 11.41
CA TRP D 336 -5.21 33.86 11.79
C TRP D 336 -4.86 35.30 12.17
N TYR D 337 -3.85 35.50 13.01
CA TYR D 337 -3.56 36.85 13.46
C TYR D 337 -3.13 37.70 12.27
N TRP D 338 -2.38 37.10 11.35
CA TRP D 338 -1.96 37.78 10.11
C TRP D 338 -2.86 37.42 8.93
N ARG D 339 -4.14 37.20 9.22
CA ARG D 339 -5.08 36.72 8.19
C ARG D 339 -5.16 37.65 6.98
N THR D 340 -4.95 38.96 7.19
CA THR D 340 -5.02 39.91 6.07
C THR D 340 -3.98 39.59 4.98
N THR D 341 -2.96 38.80 5.32
CA THR D 341 -1.92 38.44 4.35
C THR D 341 -2.20 37.12 3.63
N ALA D 342 -3.29 36.44 3.98
CA ALA D 342 -3.71 35.21 3.29
C ALA D 342 -4.75 35.52 2.22
N TRP D 343 -4.88 34.63 1.23
CA TRP D 343 -5.90 34.77 0.20
C TRP D 343 -7.15 33.94 0.51
N TRP D 344 -7.20 33.40 1.72
CA TRP D 344 -8.38 32.72 2.21
C TRP D 344 -8.74 33.30 3.58
N ASN D 345 -9.91 32.95 4.09
CA ASN D 345 -10.37 33.48 5.37
C ASN D 345 -10.23 32.45 6.47
N PRO D 346 -9.20 32.59 7.32
CA PRO D 346 -8.95 31.60 8.36
C PRO D 346 -10.07 31.58 9.39
N ALA D 347 -10.45 30.39 9.84
CA ALA D 347 -11.39 30.23 10.94
C ALA D 347 -10.61 30.16 12.24
N ALA D 348 -10.96 30.98 13.23
CA ALA D 348 -10.24 30.95 14.51
C ALA D 348 -10.32 29.58 15.20
N GLY D 349 -11.51 29.00 15.22
CA GLY D 349 -11.69 27.66 15.76
C GLY D 349 -11.47 27.55 17.26
N VAL D 350 -11.83 28.58 18.02
CA VAL D 350 -11.54 28.53 19.46
C VAL D 350 -12.75 28.87 20.32
N THR D 351 -13.92 28.40 19.89
CA THR D 351 -15.09 28.41 20.77
C THR D 351 -14.78 27.53 21.97
N PRO D 352 -15.51 27.70 23.08
CA PRO D 352 -15.29 26.87 24.24
C PRO D 352 -15.37 25.38 23.91
N GLU D 353 -16.32 24.99 23.08
CA GLU D 353 -16.49 23.58 22.71
C GLU D 353 -15.26 23.09 21.95
N GLU D 354 -14.72 23.94 21.09
CA GLU D 354 -13.54 23.55 20.31
C GLU D 354 -12.30 23.50 21.21
N ARG D 355 -12.19 24.45 22.14
CA ARG D 355 -11.05 24.45 23.05
C ARG D 355 -11.06 23.20 23.94
N ASP D 356 -12.25 22.69 24.23
CA ASP D 356 -12.36 21.45 25.00
C ASP D 356 -11.81 20.26 24.20
N TRP D 357 -12.14 20.22 22.91
CA TRP D 357 -11.62 19.20 22.01
C TRP D 357 -10.11 19.33 21.84
N LEU D 358 -9.63 20.55 21.68
CA LEU D 358 -8.18 20.78 21.55
C LEU D 358 -7.46 20.29 22.81
N GLU D 359 -8.07 20.50 23.97
CA GLU D 359 -7.47 20.09 25.23
C GLU D 359 -7.43 18.57 25.31
N GLU D 360 -8.47 17.93 24.79
CA GLU D 360 -8.53 16.47 24.77
C GLU D 360 -7.44 15.88 23.87
N LYS D 361 -7.26 16.47 22.69
CA LYS D 361 -6.30 15.97 21.71
C LYS D 361 -4.87 16.40 22.00
N TYR D 362 -4.72 17.51 22.72
CA TYR D 362 -3.39 18.05 23.01
C TYR D 362 -3.37 18.54 24.45
N PRO D 363 -3.30 17.60 25.41
CA PRO D 363 -3.33 17.99 26.82
C PRO D 363 -2.31 19.09 27.12
N GLY D 364 -2.77 20.15 27.79
CA GLY D 364 -1.94 21.32 28.07
C GLY D 364 -2.14 22.46 27.08
N TRP D 365 -3.06 22.26 26.13
CA TRP D 365 -3.27 23.25 25.07
C TRP D 365 -3.70 24.60 25.64
N ASN D 366 -4.63 24.57 26.59
CA ASN D 366 -5.16 25.82 27.12
C ASN D 366 -4.16 26.60 27.96
N LYS D 367 -3.18 25.89 28.54
CA LYS D 367 -2.08 26.53 29.28
C LYS D 367 -1.07 27.18 28.34
N ARG D 368 -1.14 26.80 27.07
CA ARG D 368 -0.18 27.27 26.07
C ARG D 368 -0.86 28.22 25.07
N TRP D 369 -1.29 27.72 23.91
CA TRP D 369 -1.94 28.57 22.92
C TRP D 369 -3.21 29.19 23.45
N GLY D 370 -3.87 28.52 24.39
CA GLY D 370 -5.09 29.06 24.98
C GLY D 370 -4.88 30.43 25.61
N ARG D 371 -3.68 30.67 26.15
CA ARG D 371 -3.40 31.95 26.80
C ARG D 371 -3.47 33.09 25.80
N CYS D 372 -2.90 32.87 24.61
CA CYS D 372 -2.95 33.88 23.55
C CYS D 372 -4.38 34.08 23.07
N TRP D 373 -5.10 32.98 22.89
CA TRP D 373 -6.45 33.08 22.39
C TRP D 373 -7.35 33.76 23.43
N ASP D 374 -6.99 33.66 24.71
CA ASP D 374 -7.75 34.37 25.74
C ASP D 374 -7.67 35.88 25.52
N VAL D 375 -6.47 36.37 25.22
CA VAL D 375 -6.25 37.80 25.01
C VAL D 375 -6.97 38.25 23.74
N ILE D 376 -6.79 37.50 22.67
CA ILE D 376 -7.48 37.79 21.41
C ILE D 376 -9.00 37.81 21.60
N THR D 377 -9.53 36.83 22.30
CA THR D 377 -10.97 36.74 22.48
C THR D 377 -11.50 37.96 23.24
N GLU D 378 -10.82 38.34 24.31
CA GLU D 378 -11.26 39.50 25.08
C GLU D 378 -11.28 40.77 24.22
N ASN D 379 -10.26 40.93 23.38
CA ASN D 379 -10.21 42.09 22.50
C ASN D 379 -11.34 42.10 21.47
N VAL D 380 -11.67 40.94 20.93
CA VAL D 380 -12.79 40.86 19.99
C VAL D 380 -14.08 41.29 20.68
N LEU D 381 -14.28 40.80 21.90
CA LEU D 381 -15.49 41.11 22.65
C LEU D 381 -15.58 42.61 22.93
N ASN D 382 -14.44 43.28 23.07
CA ASN D 382 -14.42 44.72 23.29
C ASN D 382 -14.24 45.51 22.00
N ASP D 383 -14.40 44.83 20.87
CA ASP D 383 -14.31 45.45 19.56
C ASP D 383 -13.00 46.21 19.33
N ARG D 384 -11.92 45.72 19.93
CA ARG D 384 -10.60 46.28 19.69
C ARG D 384 -10.01 45.64 18.45
N MET D 385 -10.53 46.02 17.28
CA MET D 385 -10.06 45.48 16.02
C MET D 385 -8.60 45.89 15.77
N ASP D 386 -8.19 47.01 16.36
CA ASP D 386 -6.81 47.43 16.19
C ASP D 386 -5.87 46.41 16.83
N LEU D 387 -6.33 45.76 17.90
CA LEU D 387 -5.45 44.88 18.66
C LEU D 387 -5.46 43.43 18.15
N VAL D 388 -6.33 43.15 17.18
CA VAL D 388 -6.31 41.83 16.52
C VAL D 388 -5.84 41.96 15.07
N SER D 389 -5.13 43.04 14.79
CA SER D 389 -4.50 43.22 13.49
C SER D 389 -3.09 43.73 13.70
N PRO D 390 -2.12 43.07 13.05
CA PRO D 390 -0.70 43.36 13.29
C PRO D 390 -0.23 44.61 12.58
N GLU D 391 0.88 45.17 13.06
CA GLU D 391 1.58 46.26 12.38
C GLU D 391 2.91 45.81 11.83
N THR D 392 3.41 44.70 12.35
CA THR D 392 4.76 44.35 11.98
C THR D 392 4.79 43.05 11.20
N LEU D 393 5.97 42.72 10.67
CA LEU D 393 6.21 41.45 9.98
C LEU D 393 6.73 40.42 10.96
N PRO D 394 6.25 39.18 10.87
CA PRO D 394 6.90 38.12 11.65
C PRO D 394 8.28 37.84 11.09
N SER D 395 9.18 37.35 11.93
CA SER D 395 10.48 36.91 11.46
C SER D 395 10.31 35.59 10.71
N VAL D 396 11.07 35.37 9.65
CA VAL D 396 10.81 34.26 8.75
C VAL D 396 12.00 33.32 8.63
N CYS D 397 11.72 32.02 8.63
CA CYS D 397 12.75 31.01 8.40
C CYS D 397 13.39 31.16 7.02
N ASN D 398 14.73 31.16 6.98
CA ASN D 398 15.44 31.23 5.71
C ASN D 398 15.42 29.92 4.92
N MET D 399 14.83 28.87 5.49
CA MET D 399 14.61 27.64 4.73
C MET D 399 13.14 27.53 4.34
N SER D 400 12.27 27.29 5.32
CA SER D 400 10.86 27.04 5.00
C SER D 400 10.09 28.27 4.51
N GLN D 401 10.60 29.47 4.77
CA GLN D 401 9.90 30.72 4.41
C GLN D 401 8.64 30.90 5.25
N ILE D 402 8.52 30.15 6.33
CA ILE D 402 7.39 30.28 7.25
C ILE D 402 7.90 30.94 8.53
N PRO D 403 7.07 31.77 9.20
CA PRO D 403 7.61 32.49 10.36
C PRO D 403 8.17 31.61 11.49
N LEU D 404 9.07 32.19 12.26
CA LEU D 404 9.73 31.53 13.40
C LEU D 404 8.79 31.50 14.60
N VAL D 405 8.41 30.30 15.04
CA VAL D 405 7.45 30.17 16.12
C VAL D 405 7.94 29.27 17.23
N GLY D 406 7.17 29.21 18.32
CA GLY D 406 7.50 28.38 19.45
C GLY D 406 6.25 28.08 20.23
N VAL D 407 6.43 27.66 21.48
CA VAL D 407 5.31 27.35 22.35
C VAL D 407 5.06 28.55 23.25
N PRO D 408 3.83 29.09 23.23
CA PRO D 408 3.53 30.27 24.05
C PRO D 408 3.01 29.89 25.44
N GLY D 409 2.73 30.90 26.26
CA GLY D 409 2.01 30.67 27.50
C GLY D 409 2.84 30.20 28.67
N ASP D 410 2.25 29.34 29.50
CA ASP D 410 2.87 28.89 30.75
C ASP D 410 4.25 28.28 30.56
N ASP D 411 4.43 27.59 29.45
CA ASP D 411 5.63 26.82 29.18
C ASP D 411 6.41 27.44 28.04
N TRP D 412 6.47 28.77 28.02
CA TRP D 412 7.08 29.48 26.92
C TRP D 412 8.44 28.93 26.53
N ASN D 413 8.58 28.56 25.28
CA ASN D 413 9.86 28.15 24.73
C ASN D 413 9.88 28.41 23.25
N ILE D 414 10.83 29.20 22.82
CA ILE D 414 10.97 29.48 21.40
C ILE D 414 12.46 29.45 21.08
N GLU D 415 12.80 28.78 20.00
CA GLU D 415 14.21 28.68 19.64
C GLU D 415 14.43 28.94 18.16
N VAL D 416 15.33 29.88 17.90
CA VAL D 416 15.80 30.18 16.55
C VAL D 416 17.16 29.56 16.40
N PHE D 417 17.37 28.89 15.27
CA PHE D 417 18.65 28.27 14.98
C PHE D 417 19.35 29.08 13.90
N SER D 418 20.40 29.80 14.29
CA SER D 418 21.00 30.75 13.35
C SER D 418 22.31 30.25 12.80
N LEU D 419 22.77 30.90 11.74
CA LEU D 419 23.98 30.50 11.06
C LEU D 419 24.66 31.70 10.43
N GLU D 420 25.96 31.84 10.68
CA GLU D 420 26.78 32.78 9.94
C GLU D 420 27.43 32.03 8.78
N HIS D 421 27.15 32.47 7.56
CA HIS D 421 27.62 31.77 6.38
C HIS D 421 27.99 32.76 5.30
N ASN D 422 29.25 32.72 4.86
CA ASN D 422 29.72 33.62 3.82
C ASN D 422 29.35 35.08 4.08
N GLY D 423 29.54 35.53 5.31
CA GLY D 423 29.35 36.93 5.64
C GLY D 423 27.93 37.36 5.90
N ARG D 424 27.00 36.41 5.91
CA ARG D 424 25.60 36.73 6.11
C ARG D 424 25.01 35.91 7.25
N LEU D 425 24.08 36.52 7.99
CA LEU D 425 23.40 35.85 9.10
C LEU D 425 22.04 35.30 8.68
N TYR D 426 21.89 33.98 8.79
CA TYR D 426 20.64 33.31 8.46
C TYR D 426 19.93 32.85 9.72
N HIS D 427 18.61 32.80 9.69
CA HIS D 427 17.83 32.31 10.83
C HIS D 427 16.90 31.17 10.39
N PHE D 428 16.88 30.09 11.16
CA PHE D 428 16.05 28.93 10.83
C PHE D 428 15.10 28.54 11.96
N GLY D 429 13.97 27.94 11.58
CA GLY D 429 12.91 27.65 12.54
C GLY D 429 13.10 26.34 13.28
N SER D 430 14.15 25.61 12.93
CA SER D 430 14.44 24.34 13.58
C SER D 430 15.88 23.92 13.32
N GLU D 431 16.37 22.99 14.14
CA GLU D 431 17.67 22.40 13.94
C GLU D 431 17.75 21.71 12.58
N VAL D 432 16.64 21.13 12.15
CA VAL D 432 16.63 20.39 10.89
C VAL D 432 16.70 21.34 9.68
N ASP D 433 15.99 22.46 9.77
CA ASP D 433 15.98 23.41 8.67
C ASP D 433 17.37 23.97 8.43
N ARG D 434 18.10 24.23 9.52
CA ARG D 434 19.48 24.70 9.40
C ARG D 434 20.34 23.62 8.76
N TRP D 435 20.11 22.38 9.17
CA TRP D 435 20.87 21.24 8.65
C TRP D 435 20.62 21.09 7.15
N VAL D 436 19.38 21.25 6.72
CA VAL D 436 19.07 21.15 5.30
C VAL D 436 19.87 22.18 4.50
N PHE D 437 19.89 23.43 4.97
CA PHE D 437 20.69 24.49 4.35
C PHE D 437 22.17 24.07 4.20
N GLN D 438 22.71 23.51 5.28
CA GLN D 438 24.12 23.12 5.29
C GLN D 438 24.42 21.89 4.43
N GLN D 439 23.39 21.13 4.07
CA GLN D 439 23.58 19.98 3.19
C GLN D 439 23.88 20.40 1.76
N ASP D 440 23.41 21.59 1.39
CA ASP D 440 23.51 22.04 -0.01
C ASP D 440 23.42 23.56 -0.08
N PRO D 441 24.41 24.26 0.50
CA PRO D 441 24.30 25.71 0.61
C PRO D 441 24.17 26.44 -0.73
N VAL D 442 24.74 25.88 -1.80
CA VAL D 442 24.64 26.56 -3.09
C VAL D 442 23.19 26.61 -3.59
N GLN D 443 22.33 25.71 -3.08
CA GLN D 443 20.92 25.74 -3.45
C GLN D 443 20.23 26.95 -2.86
N TYR D 444 20.74 27.42 -1.72
CA TYR D 444 19.96 28.33 -0.88
C TYR D 444 20.62 29.65 -0.56
N GLN D 445 21.94 29.73 -0.64
CA GLN D 445 22.67 30.75 0.11
C GLN D 445 22.35 32.20 -0.29
N ASN D 446 22.03 32.47 -1.55
CA ASN D 446 21.73 33.85 -1.90
C ASN D 446 20.24 34.15 -2.08
N HIS D 447 19.41 33.22 -1.64
CA HIS D 447 17.99 33.46 -1.60
C HIS D 447 17.66 34.45 -0.50
N MET D 448 16.77 35.38 -0.81
N MET D 448 16.78 35.40 -0.80
CA MET D 448 16.26 36.35 0.16
CA MET D 448 16.31 36.34 0.21
C MET D 448 14.81 36.05 0.51
C MET D 448 14.84 36.10 0.51
N ASN D 449 14.51 35.86 1.79
CA ASN D 449 13.11 35.66 2.16
C ASN D 449 12.44 37.03 2.20
N ILE D 450 11.12 37.04 2.39
CA ILE D 450 10.38 38.28 2.22
C ILE D 450 10.82 39.35 3.24
N VAL D 451 11.30 38.93 4.41
CA VAL D 451 11.76 39.89 5.40
C VAL D 451 13.14 40.45 5.01
N ASP D 452 13.98 39.59 4.47
CA ASP D 452 15.27 40.03 3.90
C ASP D 452 15.03 41.11 2.84
N ARG D 453 14.03 40.90 1.98
CA ARG D 453 13.69 41.86 0.94
C ARG D 453 13.16 43.16 1.51
N PHE D 454 12.34 43.05 2.55
CA PHE D 454 11.80 44.20 3.26
C PHE D 454 12.93 45.06 3.83
N LEU D 455 13.91 44.40 4.43
CA LEU D 455 15.02 45.14 5.03
C LEU D 455 16.00 45.67 3.99
N ALA D 456 15.95 45.11 2.78
CA ALA D 456 16.80 45.56 1.69
C ALA D 456 16.17 46.69 0.86
N GLY D 457 15.03 47.19 1.30
CA GLY D 457 14.38 48.30 0.65
C GLY D 457 13.57 47.97 -0.59
N GLN D 458 13.30 46.68 -0.80
CA GLN D 458 12.58 46.24 -1.99
C GLN D 458 11.08 46.47 -1.88
N ILE D 459 10.62 46.71 -0.66
CA ILE D 459 9.19 46.83 -0.38
C ILE D 459 8.85 48.21 0.18
N GLN D 460 8.17 49.03 -0.63
CA GLN D 460 7.77 50.38 -0.24
C GLN D 460 6.27 50.56 -0.38
N PRO D 461 5.64 51.22 0.61
CA PRO D 461 6.24 51.70 1.86
C PRO D 461 6.67 50.56 2.77
N MET D 462 7.60 50.83 3.67
CA MET D 462 8.11 49.81 4.57
C MET D 462 7.16 49.61 5.74
N THR D 463 6.01 49.03 5.42
CA THR D 463 4.94 48.81 6.38
C THR D 463 4.26 47.51 6.01
N LEU D 464 3.40 46.98 6.88
CA LEU D 464 2.70 45.76 6.52
C LEU D 464 1.83 46.02 5.30
N GLU D 465 1.24 47.21 5.21
CA GLU D 465 0.44 47.57 4.04
C GLU D 465 1.26 47.57 2.75
N GLY D 466 2.47 48.10 2.82
CA GLY D 466 3.39 48.04 1.69
C GLY D 466 3.67 46.59 1.34
N ALA D 467 3.81 45.75 2.36
CA ALA D 467 4.04 44.33 2.16
C ALA D 467 2.85 43.66 1.47
N LEU D 468 1.64 44.06 1.84
CA LEU D 468 0.45 43.47 1.24
C LEU D 468 0.42 43.79 -0.26
N LYS D 469 0.82 45.00 -0.64
CA LYS D 469 0.87 45.37 -2.04
CA LYS D 469 0.87 45.37 -2.04
C LYS D 469 1.90 44.52 -2.78
N TYR D 470 3.05 44.34 -2.15
CA TYR D 470 4.14 43.54 -2.71
C TYR D 470 3.69 42.11 -2.89
N MET D 471 2.86 41.64 -1.96
CA MET D 471 2.39 40.25 -1.99
C MET D 471 1.37 40.00 -3.08
N GLY D 472 0.90 41.07 -3.73
CA GLY D 472 0.06 40.91 -4.90
C GLY D 472 -1.43 41.05 -4.67
N PHE D 473 -1.85 41.51 -3.50
CA PHE D 473 -3.28 41.75 -3.28
C PHE D 473 -3.75 42.93 -4.15
N GLN D 474 -4.93 42.79 -4.71
CA GLN D 474 -5.44 43.79 -5.67
C GLN D 474 -6.72 44.48 -5.23
N SER D 475 -7.33 44.01 -4.16
CA SER D 475 -8.51 44.67 -3.63
C SER D 475 -8.72 44.32 -2.16
N ILE D 476 -9.54 45.09 -1.47
CA ILE D 476 -9.86 44.83 -0.08
C ILE D 476 -10.43 43.43 0.12
N GLU D 477 -11.28 43.02 -0.82
CA GLU D 477 -11.98 41.74 -0.73
C GLU D 477 -11.05 40.53 -0.74
N GLU D 478 -9.86 40.68 -1.33
CA GLU D 478 -8.97 39.54 -1.50
C GLU D 478 -8.24 39.17 -0.22
N MET D 479 -8.11 40.14 0.68
CA MET D 479 -7.36 39.89 1.89
C MET D 479 -8.16 39.06 2.89
N GLY D 480 -7.46 38.16 3.58
CA GLY D 480 -8.09 37.26 4.54
C GLY D 480 -8.78 37.99 5.67
N LYS D 481 -9.95 37.48 6.03
CA LYS D 481 -10.72 37.96 7.18
C LYS D 481 -11.09 36.77 8.04
N ASP D 482 -11.60 37.03 9.23
CA ASP D 482 -12.10 35.95 10.05
C ASP D 482 -13.24 35.25 9.32
N ALA D 483 -13.17 33.93 9.23
CA ALA D 483 -14.12 33.16 8.42
C ALA D 483 -15.57 33.39 8.83
N HIS D 484 -15.79 33.62 10.11
CA HIS D 484 -17.16 33.73 10.63
C HIS D 484 -17.52 35.14 11.10
N ASP D 485 -16.74 36.13 10.65
CA ASP D 485 -16.92 37.51 11.09
C ASP D 485 -16.99 37.59 12.62
N PHE D 486 -16.14 36.82 13.26
CA PHE D 486 -15.96 36.84 14.71
C PHE D 486 -17.16 36.33 15.50
N ALA D 487 -18.04 35.57 14.84
CA ALA D 487 -19.24 35.07 15.52
C ALA D 487 -18.87 34.18 16.70
N TRP D 488 -17.71 33.55 16.61
CA TRP D 488 -17.27 32.60 17.62
C TRP D 488 -17.01 33.24 18.98
N ALA D 489 -16.81 34.56 19.00
CA ALA D 489 -16.40 35.24 20.22
C ALA D 489 -17.54 35.44 21.23
N ASP D 490 -18.74 35.69 20.74
CA ASP D 490 -19.86 35.94 21.64
C ASP D 490 -20.53 34.64 22.06
N LYS D 491 -20.06 33.52 21.54
CA LYS D 491 -20.59 32.21 21.92
C LYS D 491 -20.31 31.90 23.39
N PHE E 3 -5.86 50.17 -0.43
CA PHE E 3 -6.63 49.19 -1.20
C PHE E 3 -8.05 49.64 -1.43
N GLU E 4 -8.58 49.38 -2.62
CA GLU E 4 -9.96 49.73 -2.89
C GLU E 4 -10.82 48.49 -3.05
N SER E 5 -12.13 48.71 -3.14
CA SER E 5 -13.07 47.64 -3.36
C SER E 5 -13.22 47.37 -4.85
N LYS E 6 -13.14 46.09 -5.23
CA LYS E 6 -13.31 45.71 -6.62
C LYS E 6 -14.28 44.55 -6.75
N LYS E 7 -15.01 44.52 -7.86
CA LYS E 7 -15.94 43.42 -8.16
C LYS E 7 -15.20 42.14 -8.48
N PRO E 8 -15.88 40.99 -8.34
CA PRO E 8 -15.25 39.76 -8.82
C PRO E 8 -15.00 39.83 -10.32
N MET E 9 -14.00 39.08 -10.78
CA MET E 9 -13.69 38.95 -12.19
C MET E 9 -14.28 37.64 -12.69
N ARG E 10 -14.79 37.63 -13.90
CA ARG E 10 -15.47 36.44 -14.40
C ARG E 10 -14.51 35.34 -14.80
N THR E 11 -13.26 35.70 -15.03
CA THR E 11 -12.23 34.72 -15.37
C THR E 11 -10.96 35.15 -14.67
N TRP E 12 -9.83 34.48 -14.95
CA TRP E 12 -8.58 34.80 -14.27
C TRP E 12 -8.22 36.25 -14.52
N SER E 13 -7.60 36.86 -13.52
CA SER E 13 -7.22 38.28 -13.61
C SER E 13 -6.31 38.54 -14.82
N HIS E 14 -5.53 37.56 -15.22
CA HIS E 14 -4.62 37.81 -16.34
C HIS E 14 -5.38 37.81 -17.66
N LEU E 15 -6.60 37.26 -17.65
CA LEU E 15 -7.44 37.21 -18.85
C LEU E 15 -8.63 38.15 -18.76
N ALA E 16 -8.87 38.69 -17.56
CA ALA E 16 -10.12 39.37 -17.25
C ALA E 16 -10.32 40.68 -17.98
N GLU E 17 -9.24 41.26 -18.50
CA GLU E 17 -9.34 42.50 -19.24
C GLU E 17 -10.00 42.24 -20.58
N MET E 18 -9.47 41.24 -21.28
CA MET E 18 -9.84 40.95 -22.66
C MET E 18 -10.90 39.86 -22.81
N ARG E 19 -11.37 39.31 -21.69
CA ARG E 19 -12.33 38.21 -21.75
C ARG E 19 -13.41 38.26 -20.68
N LYS E 20 -14.53 37.58 -20.96
CA LYS E 20 -15.54 37.30 -19.96
C LYS E 20 -15.57 35.80 -19.65
N LYS E 21 -15.55 34.99 -20.69
CA LYS E 21 -15.44 33.55 -20.54
C LYS E 21 -14.55 32.99 -21.65
N PRO E 22 -13.26 32.80 -21.33
CA PRO E 22 -12.31 32.22 -22.29
C PRO E 22 -12.63 30.78 -22.60
N SER E 23 -11.98 30.22 -23.60
CA SER E 23 -12.12 28.81 -23.88
C SER E 23 -11.55 27.97 -22.74
N GLU E 24 -12.01 26.72 -22.68
CA GLU E 24 -11.41 25.75 -21.78
C GLU E 24 -9.90 25.75 -21.96
N TYR E 25 -9.45 25.74 -23.21
CA TYR E 25 -8.01 25.76 -23.48
C TYR E 25 -7.31 26.92 -22.76
N ASP E 26 -7.83 28.13 -22.91
CA ASP E 26 -7.22 29.29 -22.27
C ASP E 26 -7.22 29.16 -20.74
N ILE E 27 -8.35 28.74 -20.19
CA ILE E 27 -8.53 28.64 -18.75
C ILE E 27 -7.48 27.74 -18.12
N VAL E 28 -7.19 26.62 -18.79
CA VAL E 28 -6.35 25.61 -18.17
C VAL E 28 -4.91 25.58 -18.69
N SER E 29 -4.60 26.39 -19.71
CA SER E 29 -3.29 26.28 -20.39
C SER E 29 -2.41 27.52 -20.33
N ARG E 30 -3.03 28.69 -20.17
CA ARG E 30 -2.34 29.94 -20.44
C ARG E 30 -1.58 30.49 -19.23
N LYS E 31 -0.33 30.89 -19.44
CA LYS E 31 0.45 31.63 -18.43
C LYS E 31 0.61 30.87 -17.12
N LEU E 32 1.12 29.64 -17.21
CA LEU E 32 1.31 28.82 -16.02
C LEU E 32 2.78 28.70 -15.60
N HIS E 33 3.72 29.14 -16.43
CA HIS E 33 5.13 29.09 -16.03
C HIS E 33 5.50 30.31 -15.19
N TYR E 34 5.24 30.24 -13.89
CA TYR E 34 5.67 31.31 -12.98
C TYR E 34 7.18 31.48 -13.00
N SER E 35 7.89 30.46 -13.50
CA SER E 35 9.35 30.50 -13.56
C SER E 35 9.90 31.54 -14.53
N THR E 36 9.04 32.19 -15.32
CA THR E 36 9.53 33.24 -16.22
C THR E 36 9.32 34.64 -15.63
N ASN E 37 8.72 34.71 -14.45
CA ASN E 37 8.37 36.00 -13.87
C ASN E 37 9.57 36.80 -13.37
N ASN E 38 10.58 36.11 -12.86
CA ASN E 38 11.74 36.75 -12.25
C ASN E 38 12.99 36.38 -13.04
N PRO E 39 13.54 37.33 -13.82
CA PRO E 39 14.68 36.97 -14.67
C PRO E 39 15.95 36.61 -13.88
N ASP E 40 16.05 37.03 -12.62
CA ASP E 40 17.25 36.72 -11.85
C ASP E 40 17.12 35.38 -11.13
N SER E 41 15.88 35.01 -10.84
CA SER E 41 15.56 33.78 -10.11
CA SER E 41 15.58 33.77 -10.13
C SER E 41 14.35 33.09 -10.71
N PRO E 42 14.54 32.33 -11.79
CA PRO E 42 13.41 31.58 -12.34
C PRO E 42 12.70 30.79 -11.24
N TRP E 43 13.49 30.04 -10.47
CA TRP E 43 12.99 29.22 -9.39
C TRP E 43 13.23 29.89 -8.03
N GLU E 44 12.37 29.60 -7.08
CA GLU E 44 12.38 30.24 -5.78
C GLU E 44 13.47 29.63 -4.91
N LEU E 45 14.72 29.91 -5.29
CA LEU E 45 15.91 29.34 -4.69
C LEU E 45 17.00 30.38 -4.78
N SER E 46 18.22 30.05 -4.38
CA SER E 46 19.33 30.98 -4.62
C SER E 46 19.37 31.33 -6.10
N PRO E 47 19.56 32.63 -6.42
CA PRO E 47 19.67 33.03 -7.83
C PRO E 47 20.80 32.30 -8.56
N ASP E 48 21.79 31.80 -7.82
CA ASP E 48 22.93 31.07 -8.39
C ASP E 48 22.83 29.57 -8.17
N SER E 49 21.66 29.08 -7.81
CA SER E 49 21.47 27.64 -7.68
C SER E 49 21.72 27.01 -9.06
N PRO E 50 22.16 25.74 -9.08
CA PRO E 50 22.46 25.12 -10.37
C PRO E 50 21.29 25.18 -11.37
N MET E 51 20.07 24.89 -10.94
CA MET E 51 18.96 24.91 -11.89
C MET E 51 18.60 26.33 -12.30
N ASN E 52 18.79 27.30 -11.40
CA ASN E 52 18.57 28.68 -11.82
C ASN E 52 19.59 29.12 -12.87
N LEU E 53 20.86 28.73 -12.70
CA LEU E 53 21.86 29.03 -13.72
C LEU E 53 21.49 28.35 -15.05
N TRP E 54 21.03 27.10 -14.97
CA TRP E 54 20.66 26.36 -16.17
C TRP E 54 19.55 27.09 -16.93
N TYR E 55 18.50 27.51 -16.22
CA TYR E 55 17.38 28.13 -16.90
C TYR E 55 17.72 29.55 -17.41
N LYS E 56 18.52 30.28 -16.64
CA LYS E 56 18.91 31.61 -17.12
C LYS E 56 19.73 31.49 -18.41
N GLN E 57 20.55 30.45 -18.51
CA GLN E 57 21.37 30.25 -19.70
C GLN E 57 20.58 29.68 -20.87
N TYR E 58 19.86 28.59 -20.61
CA TYR E 58 19.32 27.82 -21.72
C TYR E 58 17.88 28.14 -22.07
N ARG E 59 17.17 28.85 -21.18
CA ARG E 59 15.88 29.37 -21.57
C ARG E 59 15.97 30.87 -21.79
N ASN E 60 16.22 31.60 -20.71
CA ASN E 60 16.13 33.06 -20.74
C ASN E 60 17.06 33.71 -21.77
N ALA E 61 18.27 33.16 -21.94
CA ALA E 61 19.26 33.79 -22.79
C ALA E 61 19.30 33.22 -24.21
N SER E 62 18.25 32.51 -24.61
CA SER E 62 18.19 32.00 -25.98
C SER E 62 18.18 33.15 -26.97
N PRO E 63 18.89 32.98 -28.09
CA PRO E 63 18.85 33.94 -29.20
C PRO E 63 17.46 34.10 -29.77
N LEU E 64 16.62 33.08 -29.58
CA LEU E 64 15.23 33.13 -30.03
C LEU E 64 14.41 33.95 -29.04
N LYS E 65 13.99 35.15 -29.44
CA LYS E 65 13.42 36.12 -28.50
C LYS E 65 12.02 36.58 -28.90
N HIS E 66 11.15 36.77 -27.91
CA HIS E 66 9.82 37.28 -28.17
C HIS E 66 9.28 38.00 -26.95
N ASP E 67 8.58 39.10 -27.21
CA ASP E 67 7.92 39.90 -26.17
C ASP E 67 6.91 39.14 -25.34
N ASN E 68 6.30 38.14 -25.95
CA ASN E 68 5.16 37.49 -25.34
C ASN E 68 5.02 36.05 -25.83
N TRP E 69 5.91 35.17 -25.39
CA TRP E 69 5.79 33.76 -25.74
C TRP E 69 4.47 33.16 -25.28
N ASP E 70 3.94 33.68 -24.17
CA ASP E 70 2.74 33.08 -23.60
C ASP E 70 1.53 33.22 -24.51
N ALA E 71 1.60 34.16 -25.44
CA ALA E 71 0.49 34.37 -26.36
C ALA E 71 0.42 33.27 -27.43
N PHE E 72 1.46 32.45 -27.53
CA PHE E 72 1.42 31.31 -28.46
C PHE E 72 0.21 30.45 -28.16
N THR E 73 -0.47 30.00 -29.21
CA THR E 73 -1.64 29.13 -29.09
C THR E 73 -1.50 27.88 -29.96
N ASP E 74 -1.67 26.71 -29.36
CA ASP E 74 -1.74 25.47 -30.12
C ASP E 74 -2.87 25.60 -31.14
N PRO E 75 -2.58 25.44 -32.44
CA PRO E 75 -3.63 25.62 -33.45
C PRO E 75 -4.78 24.63 -33.26
N ASP E 76 -4.47 23.47 -32.66
CA ASP E 76 -5.49 22.46 -32.34
C ASP E 76 -6.17 22.69 -31.00
N GLN E 77 -5.63 23.63 -30.23
CA GLN E 77 -6.09 23.94 -28.88
C GLN E 77 -6.39 22.69 -28.03
N LEU E 78 -5.47 21.73 -28.07
CA LEU E 78 -5.67 20.50 -27.32
C LEU E 78 -5.44 20.70 -25.83
N VAL E 79 -6.26 20.05 -25.03
CA VAL E 79 -6.03 19.92 -23.61
C VAL E 79 -5.92 18.43 -23.32
N TYR E 80 -5.58 18.09 -22.08
CA TYR E 80 -5.43 16.69 -21.70
C TYR E 80 -6.66 15.87 -22.08
N ARG E 81 -7.82 16.36 -21.67
N ARG E 81 -7.84 16.35 -21.71
CA ARG E 81 -9.09 15.68 -21.91
CA ARG E 81 -9.06 15.55 -21.92
C ARG E 81 -9.32 15.37 -23.39
C ARG E 81 -9.36 15.36 -23.42
N THR E 82 -9.10 16.36 -24.26
CA THR E 82 -9.41 16.19 -25.67
C THR E 82 -8.31 15.41 -26.40
N TYR E 83 -7.07 15.47 -25.90
CA TYR E 83 -6.02 14.59 -26.40
C TYR E 83 -6.37 13.11 -26.18
N ASN E 84 -6.80 12.78 -24.96
CA ASN E 84 -7.07 11.38 -24.66
C ASN E 84 -8.28 10.85 -25.44
N LEU E 85 -9.28 11.70 -25.66
CA LEU E 85 -10.43 11.31 -26.47
C LEU E 85 -9.97 10.92 -27.87
N MET E 86 -9.15 11.78 -28.46
CA MET E 86 -8.63 11.58 -29.80
C MET E 86 -7.78 10.32 -29.88
N GLN E 87 -6.84 10.19 -28.94
CA GLN E 87 -5.88 9.09 -29.02
C GLN E 87 -6.48 7.75 -28.59
N ASP E 88 -7.51 7.76 -27.75
CA ASP E 88 -8.16 6.50 -27.42
C ASP E 88 -8.81 5.94 -28.69
N GLY E 89 -9.34 6.84 -29.52
CA GLY E 89 -9.89 6.46 -30.81
C GLY E 89 -8.83 5.89 -31.74
N GLN E 90 -7.68 6.55 -31.81
CA GLN E 90 -6.61 6.07 -32.70
C GLN E 90 -6.07 4.74 -32.21
N GLU E 91 -5.98 4.57 -30.89
CA GLU E 91 -5.49 3.30 -30.38
C GLU E 91 -6.52 2.18 -30.55
N SER E 92 -7.81 2.50 -30.48
CA SER E 92 -8.84 1.51 -30.81
C SER E 92 -8.66 1.03 -32.25
N TYR E 93 -8.34 1.96 -33.13
CA TYR E 93 -8.07 1.63 -34.54
C TYR E 93 -6.87 0.69 -34.64
N VAL E 94 -5.71 1.10 -34.11
CA VAL E 94 -4.51 0.31 -34.24
C VAL E 94 -4.63 -1.05 -33.52
N GLN E 95 -5.20 -1.07 -32.32
CA GLN E 95 -5.25 -2.34 -31.58
C GLN E 95 -6.17 -3.31 -32.31
N SER E 96 -7.19 -2.79 -32.98
CA SER E 96 -8.07 -3.64 -33.77
C SER E 96 -7.32 -4.20 -34.97
N LEU E 97 -6.50 -3.36 -35.62
CA LEU E 97 -5.71 -3.85 -36.75
C LEU E 97 -4.78 -4.98 -36.30
N PHE E 98 -4.07 -4.78 -35.18
CA PHE E 98 -3.15 -5.79 -34.68
C PHE E 98 -3.88 -7.12 -34.50
N ASP E 99 -5.04 -7.04 -33.85
CA ASP E 99 -5.83 -8.23 -33.52
C ASP E 99 -6.23 -8.98 -34.79
N GLN E 100 -6.77 -8.26 -35.77
CA GLN E 100 -7.27 -8.88 -37.00
C GLN E 100 -6.16 -9.44 -37.90
N PHE E 101 -5.06 -8.70 -38.02
CA PHE E 101 -3.97 -9.17 -38.86
C PHE E 101 -3.35 -10.40 -38.23
N ASN E 102 -3.28 -10.41 -36.90
CA ASN E 102 -2.75 -11.57 -36.19
C ASN E 102 -3.64 -12.79 -36.44
N GLU E 103 -4.95 -12.58 -36.42
CA GLU E 103 -5.90 -13.67 -36.62
C GLU E 103 -5.72 -14.36 -37.97
N ARG E 104 -5.40 -13.59 -39.00
CA ARG E 104 -5.29 -14.18 -40.34
C ARG E 104 -3.83 -14.49 -40.69
N GLU E 105 -2.95 -14.44 -39.69
CA GLU E 105 -1.56 -14.84 -39.85
C GLU E 105 -0.91 -14.06 -40.99
N HIS E 106 -1.19 -12.76 -40.99
CA HIS E 106 -0.61 -11.82 -41.94
C HIS E 106 0.92 -11.97 -42.07
N ASP E 107 1.60 -12.10 -40.95
CA ASP E 107 3.06 -12.03 -40.96
C ASP E 107 3.70 -13.16 -41.76
N GLN E 108 3.06 -14.33 -41.79
CA GLN E 108 3.72 -15.44 -42.49
C GLN E 108 3.67 -15.25 -44.01
N MET E 109 2.81 -14.35 -44.49
CA MET E 109 2.62 -14.17 -45.94
C MET E 109 3.45 -13.02 -46.55
N VAL E 110 4.28 -12.34 -45.77
CA VAL E 110 5.12 -11.29 -46.35
C VAL E 110 6.16 -11.92 -47.29
N ARG E 111 6.68 -11.12 -48.22
CA ARG E 111 7.62 -11.62 -49.21
C ARG E 111 8.90 -12.11 -48.54
N GLU E 112 9.50 -13.15 -49.12
CA GLU E 112 10.74 -13.73 -48.60
C GLU E 112 11.77 -12.65 -48.33
N GLY E 113 12.37 -12.68 -47.12
CA GLY E 113 13.41 -11.73 -46.78
C GLY E 113 12.94 -10.51 -46.02
N TRP E 114 11.64 -10.23 -46.08
CA TRP E 114 11.14 -9.00 -45.46
C TRP E 114 11.35 -9.02 -43.95
N GLU E 115 11.33 -10.21 -43.34
CA GLU E 115 11.56 -10.28 -41.91
C GLU E 115 12.97 -9.81 -41.53
N HIS E 116 13.93 -10.02 -42.42
CA HIS E 116 15.29 -9.57 -42.16
C HIS E 116 15.41 -8.06 -42.36
N THR E 117 14.64 -7.50 -43.28
CA THR E 117 14.64 -6.05 -43.46
C THR E 117 13.97 -5.39 -42.25
N MET E 118 12.92 -6.03 -41.74
CA MET E 118 12.26 -5.53 -40.54
C MET E 118 13.20 -5.58 -39.33
N ALA E 119 13.96 -6.67 -39.20
CA ALA E 119 14.84 -6.80 -38.03
C ALA E 119 15.96 -5.77 -38.09
N ARG E 120 16.33 -5.37 -39.31
CA ARG E 120 17.44 -4.44 -39.50
C ARG E 120 17.00 -2.99 -39.51
N CYS E 121 15.83 -2.73 -40.07
CA CYS E 121 15.43 -1.35 -40.37
C CYS E 121 14.18 -0.89 -39.62
N TYR E 122 13.45 -1.82 -39.02
CA TYR E 122 12.22 -1.45 -38.32
C TYR E 122 12.38 -1.55 -36.81
N SER E 123 12.72 -2.72 -36.28
CA SER E 123 12.71 -2.88 -34.83
C SER E 123 13.71 -1.97 -34.09
N PRO E 124 14.86 -1.62 -34.70
CA PRO E 124 15.69 -0.70 -33.91
C PRO E 124 15.15 0.73 -33.89
N LEU E 125 14.03 0.98 -34.57
CA LEU E 125 13.38 2.28 -34.45
C LEU E 125 12.98 2.57 -33.02
N ARG E 126 12.88 1.55 -32.17
CA ARG E 126 12.52 1.83 -30.77
C ARG E 126 13.54 2.77 -30.12
N TYR E 127 14.81 2.70 -30.55
CA TYR E 127 15.82 3.62 -30.02
C TYR E 127 15.60 5.04 -30.56
N LEU E 128 15.35 5.15 -31.86
CA LEU E 128 15.09 6.46 -32.44
C LEU E 128 13.86 7.11 -31.81
N PHE E 129 12.78 6.34 -31.71
CA PHE E 129 11.56 6.89 -31.14
C PHE E 129 11.74 7.27 -29.67
N HIS E 130 12.52 6.50 -28.92
CA HIS E 130 12.74 6.89 -27.55
C HIS E 130 13.61 8.15 -27.47
N CYS E 131 14.55 8.32 -28.39
CA CYS E 131 15.29 9.58 -28.46
C CYS E 131 14.35 10.76 -28.66
N LEU E 132 13.35 10.58 -29.52
CA LEU E 132 12.37 11.66 -29.77
C LEU E 132 11.55 11.96 -28.53
N GLN E 133 11.27 10.91 -27.77
CA GLN E 133 10.55 11.02 -26.51
C GLN E 133 11.36 11.84 -25.52
N MET E 134 12.62 11.44 -25.34
CA MET E 134 13.53 12.16 -24.46
C MET E 134 13.67 13.62 -24.87
N SER E 135 13.85 13.85 -26.18
CA SER E 135 14.06 15.21 -26.69
C SER E 135 12.81 16.08 -26.52
N SER E 136 11.65 15.51 -26.81
CA SER E 136 10.40 16.23 -26.61
C SER E 136 10.22 16.63 -25.14
N ALA E 137 10.59 15.75 -24.22
CA ALA E 137 10.49 16.06 -22.80
C ALA E 137 11.41 17.22 -22.44
N TYR E 138 12.56 17.29 -23.10
CA TYR E 138 13.47 18.39 -22.82
C TYR E 138 12.88 19.72 -23.29
N VAL E 139 12.32 19.75 -24.49
CA VAL E 139 11.72 20.99 -24.95
C VAL E 139 10.57 21.37 -24.00
N GLN E 140 9.78 20.38 -23.57
CA GLN E 140 8.74 20.64 -22.57
C GLN E 140 9.28 21.42 -21.37
N GLN E 141 10.33 20.92 -20.74
CA GLN E 141 10.72 21.50 -19.46
C GLN E 141 11.41 22.85 -19.64
N MET E 142 11.94 23.11 -20.84
CA MET E 142 12.67 24.37 -21.06
C MET E 142 11.87 25.48 -21.76
N ALA E 143 10.76 25.14 -22.42
CA ALA E 143 10.02 26.14 -23.23
C ALA E 143 9.52 27.27 -22.35
N PRO E 144 9.56 28.52 -22.87
CA PRO E 144 9.24 29.71 -22.07
C PRO E 144 7.75 30.05 -21.94
N ALA E 145 6.87 29.15 -22.36
CA ALA E 145 5.42 29.36 -22.17
C ALA E 145 4.75 28.01 -21.96
N SER E 146 3.76 27.98 -21.07
CA SER E 146 3.06 26.73 -20.80
C SER E 146 2.30 26.24 -22.03
N THR E 147 1.85 27.14 -22.90
CA THR E 147 1.14 26.66 -24.10
C THR E 147 2.11 25.96 -25.06
N ILE E 148 3.37 26.40 -25.08
CA ILE E 148 4.37 25.68 -25.87
C ILE E 148 4.68 24.35 -25.19
N SER E 149 4.94 24.39 -23.90
CA SER E 149 5.24 23.17 -23.16
C SER E 149 4.15 22.09 -23.28
N ASN E 150 2.87 22.49 -23.29
CA ASN E 150 1.81 21.51 -23.42
C ASN E 150 1.84 20.76 -24.75
N CYS E 151 2.12 21.46 -25.84
CA CYS E 151 2.31 20.78 -27.12
C CYS E 151 3.42 19.75 -27.01
N CYS E 152 4.47 20.11 -26.27
CA CYS E 152 5.60 19.21 -26.11
C CYS E 152 5.25 17.98 -25.25
N ILE E 153 4.42 18.17 -24.23
CA ILE E 153 4.00 17.05 -23.38
C ILE E 153 3.28 16.01 -24.23
N LEU E 154 2.34 16.47 -25.03
CA LEU E 154 1.55 15.58 -25.86
C LEU E 154 2.42 14.91 -26.92
N GLN E 155 3.40 15.65 -27.42
CA GLN E 155 4.34 15.08 -28.38
C GLN E 155 5.26 14.02 -27.74
N THR E 156 5.65 14.24 -26.46
CA THR E 156 6.40 13.23 -25.72
C THR E 156 5.57 11.95 -25.59
N ALA E 157 4.30 12.12 -25.24
CA ALA E 157 3.40 10.99 -25.15
C ALA E 157 3.25 10.26 -26.49
N ASP E 158 3.10 11.00 -27.59
CA ASP E 158 3.02 10.38 -28.91
C ASP E 158 4.29 9.60 -29.24
N SER E 159 5.45 10.11 -28.81
CA SER E 159 6.70 9.40 -29.08
C SER E 159 6.70 8.06 -28.35
N LEU E 160 6.22 8.06 -27.11
CA LEU E 160 6.10 6.82 -26.33
C LEU E 160 5.08 5.89 -27.00
N ARG E 161 4.01 6.47 -27.54
CA ARG E 161 3.04 5.69 -28.33
C ARG E 161 3.73 4.91 -29.45
N TRP E 162 4.55 5.62 -30.24
CA TRP E 162 5.25 4.96 -31.35
C TRP E 162 6.22 3.89 -30.86
N LEU E 163 6.94 4.19 -29.79
CA LEU E 163 7.85 3.25 -29.18
C LEU E 163 7.10 1.96 -28.80
N THR E 164 5.92 2.13 -28.23
CA THR E 164 5.15 0.99 -27.76
C THR E 164 4.62 0.14 -28.93
N HIS E 165 4.14 0.78 -29.99
CA HIS E 165 3.79 0.07 -31.23
C HIS E 165 4.94 -0.80 -31.70
N THR E 166 6.13 -0.22 -31.70
CA THR E 166 7.31 -0.87 -32.26
C THR E 166 7.70 -2.06 -31.38
N ALA E 167 7.63 -1.88 -30.06
CA ALA E 167 7.91 -2.99 -29.13
C ALA E 167 6.93 -4.12 -29.38
N TYR E 168 5.65 -3.77 -29.49
CA TYR E 168 4.61 -4.78 -29.67
C TYR E 168 4.85 -5.57 -30.95
N ARG E 169 5.13 -4.87 -32.04
CA ARG E 169 5.25 -5.53 -33.34
C ARG E 169 6.56 -6.29 -33.48
N THR E 170 7.61 -5.81 -32.81
CA THR E 170 8.86 -6.55 -32.80
C THR E 170 8.67 -7.92 -32.16
N HIS E 171 8.04 -7.94 -30.99
CA HIS E 171 7.72 -9.20 -30.36
C HIS E 171 6.85 -10.07 -31.24
N GLU E 172 5.78 -9.48 -31.77
CA GLU E 172 4.82 -10.27 -32.54
C GLU E 172 5.48 -10.88 -33.78
N LEU E 173 6.25 -10.07 -34.49
CA LEU E 173 6.89 -10.57 -35.71
C LEU E 173 7.85 -11.71 -35.35
N SER E 174 8.47 -11.65 -34.18
CA SER E 174 9.43 -12.69 -33.76
C SER E 174 8.74 -14.03 -33.54
N LEU E 175 7.42 -14.02 -33.36
CA LEU E 175 6.67 -15.27 -33.15
C LEU E 175 6.63 -16.07 -34.43
N THR E 176 6.53 -15.36 -35.55
CA THR E 176 6.49 -15.99 -36.87
C THR E 176 7.89 -16.21 -37.42
N TYR E 177 8.82 -15.32 -37.04
CA TYR E 177 10.20 -15.35 -37.54
C TYR E 177 11.19 -15.33 -36.39
N PRO E 178 11.41 -16.50 -35.77
CA PRO E 178 12.23 -16.64 -34.56
C PRO E 178 13.74 -16.62 -34.81
N ASP E 179 14.14 -16.65 -36.08
CA ASP E 179 15.56 -16.74 -36.41
C ASP E 179 16.07 -15.48 -37.13
N ALA E 180 15.46 -14.33 -36.85
CA ALA E 180 15.85 -13.09 -37.51
C ALA E 180 16.48 -12.07 -36.54
N GLY E 181 16.57 -12.44 -35.26
CA GLY E 181 17.18 -11.56 -34.27
C GLY E 181 16.24 -10.49 -33.75
N LEU E 182 14.95 -10.64 -34.07
CA LEU E 182 13.94 -9.68 -33.62
C LEU E 182 13.82 -9.68 -32.10
N GLY E 183 14.00 -8.52 -31.49
CA GLY E 183 13.95 -8.41 -30.05
C GLY E 183 15.28 -8.75 -29.37
N GLU E 184 16.28 -9.08 -30.18
CA GLU E 184 17.57 -9.53 -29.63
C GLU E 184 18.74 -8.63 -30.03
N HIS E 185 18.72 -8.12 -31.25
CA HIS E 185 19.93 -7.50 -31.81
C HIS E 185 19.79 -6.00 -32.08
N GLU E 186 18.69 -5.39 -31.64
CA GLU E 186 18.46 -4.01 -32.02
C GLU E 186 19.47 -3.04 -31.42
N ARG E 187 19.93 -3.29 -30.20
CA ARG E 187 20.89 -2.36 -29.59
C ARG E 187 22.21 -2.38 -30.36
N GLU E 188 22.66 -3.56 -30.73
CA GLU E 188 23.90 -3.69 -31.49
C GLU E 188 23.76 -3.03 -32.85
N LEU E 189 22.58 -3.13 -33.46
CA LEU E 189 22.35 -2.50 -34.76
C LEU E 189 22.41 -0.99 -34.61
N TRP E 190 21.72 -0.47 -33.60
CA TRP E 190 21.70 0.95 -33.33
C TRP E 190 23.13 1.47 -33.08
N GLU E 191 23.93 0.70 -32.38
CA GLU E 191 25.28 1.13 -31.99
C GLU E 191 26.34 0.94 -33.08
N LYS E 192 26.19 -0.08 -33.92
CA LYS E 192 27.29 -0.47 -34.81
C LYS E 192 26.96 -0.56 -36.30
N GLU E 193 25.70 -0.67 -36.66
CA GLU E 193 25.33 -0.81 -38.07
C GLU E 193 25.40 0.54 -38.79
N PRO E 194 26.14 0.61 -39.92
CA PRO E 194 26.36 1.88 -40.65
C PRO E 194 25.07 2.66 -40.93
N GLY E 195 24.02 1.96 -41.34
CA GLY E 195 22.76 2.59 -41.67
C GLY E 195 22.08 3.30 -40.50
N TRP E 196 22.49 2.98 -39.28
CA TRP E 196 21.92 3.62 -38.10
C TRP E 196 22.78 4.75 -37.55
N GLN E 197 24.03 4.84 -38.00
CA GLN E 197 24.99 5.72 -37.33
C GLN E 197 24.75 7.19 -37.63
N GLY E 198 24.23 7.50 -38.81
CA GLY E 198 23.83 8.87 -39.09
C GLY E 198 22.75 9.31 -38.11
N LEU E 199 21.74 8.46 -37.96
CA LEU E 199 20.63 8.76 -37.04
C LEU E 199 21.10 8.84 -35.59
N ARG E 200 22.01 7.94 -35.19
CA ARG E 200 22.47 7.93 -33.80
C ARG E 200 23.30 9.18 -33.50
N GLU E 201 24.19 9.53 -34.42
CA GLU E 201 25.00 10.74 -34.26
C GLU E 201 24.11 11.97 -34.18
N LEU E 202 23.14 12.03 -35.09
CA LEU E 202 22.16 13.12 -35.10
C LEU E 202 21.47 13.25 -33.75
N MET E 203 21.00 12.15 -33.18
CA MET E 203 20.23 12.25 -31.95
C MET E 203 21.11 12.49 -30.73
N GLU E 204 22.32 11.94 -30.72
CA GLU E 204 23.19 12.18 -29.59
C GLU E 204 23.59 13.66 -29.53
N LYS E 205 23.81 14.25 -30.70
CA LYS E 205 24.12 15.67 -30.76
C LYS E 205 22.88 16.54 -30.49
N GLN E 206 21.73 16.14 -31.03
CA GLN E 206 20.52 16.91 -30.81
C GLN E 206 20.14 16.88 -29.33
N LEU E 207 20.32 15.74 -28.66
CA LEU E 207 19.97 15.62 -27.25
C LEU E 207 20.90 16.41 -26.33
N THR E 208 22.00 16.91 -26.88
CA THR E 208 22.93 17.73 -26.09
C THR E 208 22.95 19.19 -26.58
N ALA E 209 21.95 19.57 -27.37
CA ALA E 209 21.67 20.98 -27.65
C ALA E 209 20.68 21.50 -26.63
N PHE E 210 21.18 22.24 -25.64
CA PHE E 210 20.38 22.52 -24.45
C PHE E 210 19.64 23.85 -24.50
N ASP E 211 19.99 24.72 -25.45
CA ASP E 211 19.21 25.96 -25.65
C ASP E 211 17.79 25.60 -26.06
N TRP E 212 16.77 26.14 -25.37
CA TRP E 212 15.40 25.69 -25.65
C TRP E 212 15.02 25.93 -27.12
N GLY E 213 15.49 27.05 -27.68
CA GLY E 213 15.16 27.40 -29.03
C GLY E 213 15.85 26.49 -30.03
N GLU E 214 17.14 26.24 -29.80
CA GLU E 214 17.88 25.35 -30.70
C GLU E 214 17.30 23.93 -30.62
N ALA E 215 16.90 23.54 -29.42
CA ALA E 215 16.31 22.22 -29.18
C ALA E 215 15.01 22.08 -29.96
N PHE E 216 14.15 23.08 -29.86
CA PHE E 216 12.89 23.07 -30.60
C PHE E 216 13.11 23.02 -32.12
N VAL E 217 13.97 23.89 -32.63
CA VAL E 217 14.18 23.98 -34.06
C VAL E 217 14.83 22.70 -34.58
N SER E 218 15.85 22.20 -33.91
CA SER E 218 16.52 20.97 -34.39
C SER E 218 15.59 19.77 -34.33
N LEU E 219 14.85 19.64 -33.23
CA LEU E 219 13.94 18.51 -33.09
C LEU E 219 12.76 18.60 -34.06
N ASN E 220 12.07 19.73 -34.07
CA ASN E 220 10.77 19.78 -34.73
C ASN E 220 10.79 20.33 -36.13
N LEU E 221 11.81 21.10 -36.48
CA LEU E 221 11.89 21.66 -37.82
C LEU E 221 12.90 20.92 -38.69
N VAL E 222 13.74 20.08 -38.10
CA VAL E 222 14.75 19.37 -38.87
C VAL E 222 14.67 17.85 -38.69
N VAL E 223 14.84 17.38 -37.46
CA VAL E 223 14.83 15.93 -37.23
C VAL E 223 13.49 15.28 -37.56
N LYS E 224 12.40 15.82 -37.02
CA LYS E 224 11.14 15.10 -37.17
C LYS E 224 10.57 15.13 -38.60
N PRO E 225 10.71 16.27 -39.31
CA PRO E 225 10.32 16.23 -40.73
C PRO E 225 11.17 15.30 -41.58
N MET E 226 12.43 15.11 -41.20
CA MET E 226 13.28 14.18 -41.94
C MET E 226 12.80 12.75 -41.71
N ILE E 227 12.36 12.47 -40.48
CA ILE E 227 11.90 11.13 -40.16
C ILE E 227 10.62 10.82 -40.95
N VAL E 228 9.76 11.81 -41.11
CA VAL E 228 8.55 11.64 -41.93
C VAL E 228 8.92 11.32 -43.38
N GLU E 229 9.81 12.12 -43.95
CA GLU E 229 10.11 12.00 -45.38
C GLU E 229 11.02 10.83 -45.74
N SER E 230 11.93 10.46 -44.84
CA SER E 230 13.02 9.56 -45.19
C SER E 230 13.01 8.24 -44.43
N ILE E 231 12.19 8.15 -43.39
CA ILE E 231 12.07 6.89 -42.68
C ILE E 231 10.65 6.34 -42.82
N PHE E 232 9.67 7.07 -42.32
CA PHE E 232 8.28 6.61 -42.36
C PHE E 232 7.79 6.31 -43.77
N LYS E 233 7.90 7.29 -44.67
CA LYS E 233 7.30 7.10 -45.99
C LYS E 233 8.01 6.05 -46.84
N PRO E 234 9.37 6.04 -46.86
CA PRO E 234 10.03 4.95 -47.59
C PRO E 234 9.76 3.56 -47.01
N LEU E 235 9.67 3.46 -45.70
CA LEU E 235 9.38 2.18 -45.05
C LEU E 235 7.99 1.70 -45.47
N GLN E 236 7.07 2.65 -45.54
CA GLN E 236 5.71 2.41 -45.96
C GLN E 236 5.63 1.85 -47.37
N GLN E 237 6.33 2.50 -48.29
CA GLN E 237 6.34 2.04 -49.68
C GLN E 237 6.97 0.66 -49.81
N GLN E 238 8.08 0.44 -49.11
CA GLN E 238 8.76 -0.86 -49.18
C GLN E 238 7.89 -1.97 -48.57
N ALA E 239 7.13 -1.64 -47.53
CA ALA E 239 6.25 -2.63 -46.92
C ALA E 239 5.22 -3.13 -47.93
N TRP E 240 4.55 -2.20 -48.62
CA TRP E 240 3.56 -2.60 -49.62
C TRP E 240 4.20 -3.52 -50.67
N GLU E 241 5.39 -3.15 -51.11
CA GLU E 241 6.08 -3.92 -52.14
C GLU E 241 6.38 -5.34 -51.68
N ASN E 242 6.47 -5.52 -50.38
CA ASN E 242 6.81 -6.80 -49.78
C ASN E 242 5.59 -7.51 -49.17
N ASN E 243 4.40 -7.08 -49.56
CA ASN E 243 3.16 -7.70 -49.11
C ASN E 243 2.95 -7.61 -47.61
N ASP E 244 3.51 -6.57 -47.01
CA ASP E 244 3.23 -6.22 -45.63
C ASP E 244 2.18 -5.11 -45.64
N THR E 245 0.94 -5.46 -45.35
CA THR E 245 -0.17 -4.52 -45.40
C THR E 245 -0.36 -3.81 -44.06
N LEU E 246 0.08 -4.45 -42.99
CA LEU E 246 -0.11 -3.89 -41.66
C LEU E 246 0.76 -2.66 -41.43
N LEU E 247 2.05 -2.78 -41.72
CA LEU E 247 2.99 -1.71 -41.40
C LEU E 247 2.59 -0.35 -42.01
N PRO E 248 2.14 -0.33 -43.27
CA PRO E 248 1.77 0.97 -43.84
C PRO E 248 0.58 1.59 -43.14
N LEU E 249 -0.37 0.77 -42.69
CA LEU E 249 -1.54 1.29 -41.99
C LEU E 249 -1.16 1.82 -40.63
N LEU E 250 -0.27 1.08 -39.95
CA LEU E 250 0.25 1.52 -38.67
C LEU E 250 0.98 2.85 -38.81
N ILE E 251 1.84 2.94 -39.82
CA ILE E 251 2.60 4.17 -40.05
C ILE E 251 1.68 5.34 -40.37
N ASP E 252 0.58 5.11 -41.08
CA ASP E 252 -0.34 6.23 -41.35
C ASP E 252 -0.94 6.78 -40.05
N SER E 253 -1.23 5.91 -39.08
CA SER E 253 -1.74 6.40 -37.80
C SER E 253 -0.64 7.23 -37.09
N GLN E 254 0.58 6.75 -37.16
CA GLN E 254 1.69 7.47 -36.54
C GLN E 254 1.94 8.80 -37.27
N LEU E 255 1.77 8.81 -38.58
CA LEU E 255 1.99 10.03 -39.35
C LEU E 255 0.95 11.07 -39.03
N LYS E 256 -0.21 10.65 -38.53
CA LYS E 256 -1.22 11.59 -38.11
C LYS E 256 -0.68 12.38 -36.91
N ASP E 257 -0.02 11.68 -35.99
CA ASP E 257 0.64 12.33 -34.86
C ASP E 257 1.73 13.26 -35.39
N ALA E 258 2.54 12.76 -36.31
CA ALA E 258 3.67 13.55 -36.83
C ALA E 258 3.17 14.84 -37.49
N GLU E 259 2.05 14.76 -38.20
CA GLU E 259 1.54 15.94 -38.87
C GLU E 259 1.02 16.96 -37.85
N ARG E 260 0.42 16.48 -36.76
CA ARG E 260 0.00 17.36 -35.68
C ARG E 260 1.23 18.07 -35.07
N HIS E 261 2.34 17.36 -34.91
CA HIS E 261 3.54 17.98 -34.36
C HIS E 261 4.03 19.07 -35.30
N SER E 262 4.00 18.78 -36.60
N SER E 262 3.99 18.81 -36.60
CA SER E 262 4.37 19.78 -37.61
CA SER E 262 4.39 19.81 -37.59
C SER E 262 3.48 21.01 -37.51
C SER E 262 3.47 21.02 -37.56
N ARG E 263 2.19 20.77 -37.34
CA ARG E 263 1.22 21.84 -37.28
C ARG E 263 1.48 22.82 -36.12
N TRP E 264 1.66 22.33 -34.90
CA TRP E 264 1.91 23.28 -33.81
C TRP E 264 3.29 23.92 -33.94
N SER E 265 4.25 23.16 -34.47
CA SER E 265 5.60 23.70 -34.71
C SER E 265 5.58 24.87 -35.68
N LYS E 266 4.81 24.71 -36.75
CA LYS E 266 4.68 25.78 -37.74
C LYS E 266 4.03 27.01 -37.13
N ALA E 267 3.05 26.78 -36.25
CA ALA E 267 2.38 27.88 -35.54
C ALA E 267 3.36 28.60 -34.62
N LEU E 268 4.25 27.86 -33.98
CA LEU E 268 5.22 28.51 -33.08
C LEU E 268 6.19 29.35 -33.92
N VAL E 269 6.59 28.83 -35.07
CA VAL E 269 7.49 29.60 -35.93
C VAL E 269 6.81 30.90 -36.35
N LYS E 270 5.54 30.83 -36.73
CA LYS E 270 4.80 32.02 -37.16
C LYS E 270 4.76 33.05 -36.04
N HIS E 271 4.54 32.57 -34.82
CA HIS E 271 4.55 33.43 -33.63
C HIS E 271 5.93 34.06 -33.44
N ALA E 272 6.96 33.23 -33.52
CA ALA E 272 8.33 33.69 -33.33
C ALA E 272 8.70 34.76 -34.34
N LEU E 273 8.22 34.62 -35.58
CA LEU E 273 8.66 35.49 -36.66
C LEU E 273 8.02 36.88 -36.58
N GLU E 274 7.12 37.09 -35.62
CA GLU E 274 6.62 38.42 -35.32
C GLU E 274 7.78 39.34 -34.94
N ASN E 275 8.84 38.74 -34.40
CA ASN E 275 10.09 39.44 -34.19
C ASN E 275 11.04 39.13 -35.34
N PRO E 276 11.27 40.12 -36.22
CA PRO E 276 12.05 39.86 -37.45
C PRO E 276 13.46 39.31 -37.18
N ASP E 277 14.04 39.61 -36.03
CA ASP E 277 15.35 39.06 -35.69
C ASP E 277 15.38 37.53 -35.65
N ASN E 278 14.22 36.92 -35.44
CA ASN E 278 14.16 35.47 -35.31
C ASN E 278 14.28 34.73 -36.62
N HIS E 279 14.12 35.42 -37.74
CA HIS E 279 14.25 34.74 -39.03
C HIS E 279 15.67 34.20 -39.19
N ALA E 280 16.67 35.03 -38.91
CA ALA E 280 18.06 34.63 -39.05
C ALA E 280 18.44 33.56 -38.03
N VAL E 281 17.84 33.66 -36.84
CA VAL E 281 18.12 32.70 -35.78
C VAL E 281 17.61 31.32 -36.16
N ILE E 282 16.35 31.24 -36.57
CA ILE E 282 15.76 29.97 -36.95
C ILE E 282 16.42 29.42 -38.22
N GLU E 283 16.56 30.26 -39.24
CA GLU E 283 17.20 29.82 -40.47
C GLU E 283 18.62 29.30 -40.20
N GLY E 284 19.34 29.97 -39.29
CA GLY E 284 20.70 29.58 -38.97
C GLY E 284 20.76 28.21 -38.33
N TRP E 285 19.83 27.95 -37.42
CA TRP E 285 19.76 26.64 -36.77
C TRP E 285 19.34 25.55 -37.75
N ILE E 286 18.45 25.87 -38.68
CA ILE E 286 18.04 24.87 -39.66
C ILE E 286 19.25 24.53 -40.54
N GLU E 287 20.01 25.55 -40.94
CA GLU E 287 21.18 25.31 -41.78
C GLU E 287 22.26 24.53 -41.02
N LYS E 288 22.34 24.75 -39.71
CA LYS E 288 23.30 24.03 -38.89
C LYS E 288 22.99 22.54 -38.79
N TRP E 289 21.71 22.22 -38.66
CA TRP E 289 21.32 20.85 -38.37
C TRP E 289 20.92 20.02 -39.58
N ARG E 290 20.51 20.67 -40.66
CA ARG E 290 20.02 19.92 -41.80
C ARG E 290 21.05 18.93 -42.38
N PRO E 291 22.35 19.33 -42.45
CA PRO E 291 23.32 18.39 -43.03
C PRO E 291 23.43 17.07 -42.25
N LEU E 292 23.40 17.13 -40.93
CA LEU E 292 23.38 15.93 -40.10
C LEU E 292 22.16 15.08 -40.39
N ALA E 293 21.01 15.75 -40.53
CA ALA E 293 19.75 15.05 -40.79
C ALA E 293 19.76 14.41 -42.17
N ASP E 294 20.32 15.11 -43.16
CA ASP E 294 20.39 14.56 -44.50
C ASP E 294 21.32 13.33 -44.54
N ARG E 295 22.44 13.40 -43.83
CA ARG E 295 23.34 12.26 -43.77
C ARG E 295 22.67 11.08 -43.08
N ALA E 296 21.89 11.35 -42.05
CA ALA E 296 21.15 10.31 -41.36
C ALA E 296 20.17 9.64 -42.32
N ALA E 297 19.42 10.45 -43.06
CA ALA E 297 18.44 9.93 -44.00
C ALA E 297 19.11 9.08 -45.07
N GLU E 298 20.17 9.60 -45.66
CA GLU E 298 20.84 8.88 -46.74
C GLU E 298 21.39 7.53 -46.28
N ALA E 299 21.97 7.50 -45.08
CA ALA E 299 22.54 6.25 -44.55
C ALA E 299 21.44 5.24 -44.26
N TYR E 300 20.35 5.69 -43.66
CA TYR E 300 19.23 4.82 -43.36
C TYR E 300 18.67 4.21 -44.65
N LEU E 301 18.48 5.04 -45.66
CA LEU E 301 17.84 4.61 -46.90
C LEU E 301 18.71 3.62 -47.69
N SER E 302 20.03 3.77 -47.61
CA SER E 302 20.91 2.79 -48.23
C SER E 302 20.73 1.43 -47.56
N MET E 303 20.60 1.45 -46.24
CA MET E 303 20.42 0.24 -45.45
C MET E 303 19.08 -0.41 -45.74
N LEU E 304 18.06 0.41 -45.85
CA LEU E 304 16.71 -0.07 -46.10
C LEU E 304 16.65 -0.82 -47.43
N SER E 305 17.39 -0.30 -48.40
CA SER E 305 17.31 -0.82 -49.76
C SER E 305 18.30 -1.94 -50.06
N SER E 306 19.14 -2.28 -49.09
CA SER E 306 20.17 -3.29 -49.32
C SER E 306 19.60 -4.71 -49.21
N SER F 2 18.67 56.30 11.43
CA SER F 2 19.24 55.57 12.55
C SER F 2 18.43 54.32 12.91
N ALA F 3 17.61 53.87 11.95
CA ALA F 3 16.81 52.66 12.12
C ALA F 3 17.71 51.43 12.26
N PHE F 4 17.24 50.45 13.02
CA PHE F 4 18.04 49.28 13.36
C PHE F 4 17.11 48.09 13.51
N PRO F 5 17.20 47.12 12.61
CA PRO F 5 16.27 46.00 12.71
C PRO F 5 16.71 44.92 13.68
N VAL F 6 15.82 44.50 14.56
CA VAL F 6 16.06 43.31 15.36
C VAL F 6 14.94 42.32 15.16
N HIS F 7 15.22 41.04 15.41
CA HIS F 7 14.20 40.02 15.49
C HIS F 7 13.97 39.75 16.96
N ALA F 8 12.75 39.96 17.45
CA ALA F 8 12.53 39.88 18.89
C ALA F 8 11.49 38.85 19.28
N ALA F 9 11.82 38.07 20.31
CA ALA F 9 10.86 37.13 20.89
C ALA F 9 10.46 37.61 22.29
N PHE F 10 9.17 37.86 22.48
CA PHE F 10 8.66 38.37 23.74
C PHE F 10 8.16 37.23 24.63
N GLU F 11 8.48 37.30 25.92
CA GLU F 11 8.13 36.23 26.87
C GLU F 11 6.64 35.87 26.86
N LYS F 12 6.36 34.58 26.64
CA LYS F 12 5.01 33.99 26.58
C LYS F 12 4.27 34.20 25.25
N ASP F 13 4.89 34.88 24.29
CA ASP F 13 4.32 35.00 22.96
C ASP F 13 4.64 33.73 22.16
N PHE F 14 4.10 33.63 20.95
CA PHE F 14 4.25 32.40 20.18
C PHE F 14 5.23 32.53 19.03
N LEU F 15 5.81 33.72 18.85
CA LEU F 15 6.65 33.92 17.67
C LEU F 15 7.75 34.94 17.85
N VAL F 16 8.61 35.02 16.84
CA VAL F 16 9.62 36.06 16.74
C VAL F 16 9.14 37.06 15.70
N GLN F 17 9.27 38.36 16.00
CA GLN F 17 8.85 39.40 15.06
C GLN F 17 9.98 40.34 14.73
N LEU F 18 9.92 40.90 13.51
CA LEU F 18 10.79 41.98 13.15
C LEU F 18 10.34 43.26 13.84
N VAL F 19 11.23 43.89 14.57
CA VAL F 19 10.93 45.18 15.20
C VAL F 19 12.05 46.14 14.85
N VAL F 20 11.70 47.26 14.23
CA VAL F 20 12.72 48.22 13.85
C VAL F 20 12.82 49.26 14.95
N VAL F 21 14.00 49.32 15.58
CA VAL F 21 14.25 50.23 16.67
C VAL F 21 15.29 51.26 16.24
N ASP F 22 15.80 52.05 17.19
CA ASP F 22 16.75 53.11 16.86
C ASP F 22 18.09 52.84 17.52
N LEU F 23 19.19 53.21 16.86
CA LEU F 23 20.53 53.05 17.42
C LEU F 23 20.66 53.64 18.82
N ASN F 24 19.94 54.73 19.07
CA ASN F 24 20.10 55.42 20.33
C ASN F 24 19.05 55.03 21.37
N ASP F 25 18.21 54.03 21.05
CA ASP F 25 17.25 53.51 22.03
C ASP F 25 17.98 52.76 23.14
N SER F 26 17.60 53.03 24.38
CA SER F 26 18.05 52.24 25.52
C SER F 26 17.36 50.88 25.48
N MET F 27 17.85 49.92 26.25
CA MET F 27 17.22 48.61 26.27
C MET F 27 15.79 48.70 26.82
N ASP F 28 15.57 49.59 27.79
CA ASP F 28 14.21 49.83 28.26
C ASP F 28 13.31 50.25 27.10
N GLN F 29 13.80 51.14 26.25
CA GLN F 29 12.99 51.64 25.15
C GLN F 29 12.76 50.57 24.09
N VAL F 30 13.77 49.74 23.87
CA VAL F 30 13.63 48.60 22.96
C VAL F 30 12.55 47.65 23.47
N ALA F 31 12.57 47.34 24.76
CA ALA F 31 11.58 46.44 25.34
C ALA F 31 10.17 46.98 25.19
N GLU F 32 10.00 48.29 25.37
CA GLU F 32 8.68 48.90 25.18
C GLU F 32 8.23 48.81 23.72
N LYS F 33 9.16 48.97 22.78
CA LYS F 33 8.80 48.92 21.37
C LYS F 33 8.38 47.51 20.98
N VAL F 34 9.06 46.51 21.54
CA VAL F 34 8.71 45.12 21.28
C VAL F 34 7.38 44.79 21.97
N ALA F 35 7.26 45.22 23.22
CA ALA F 35 6.05 44.92 24.00
C ALA F 35 4.80 45.45 23.31
N TYR F 36 4.94 46.59 22.66
CA TYR F 36 3.80 47.20 21.96
C TYR F 36 3.16 46.21 20.98
N HIS F 37 3.99 45.35 20.40
CA HIS F 37 3.51 44.42 19.38
C HIS F 37 3.08 43.07 19.93
N CYS F 38 3.04 42.95 21.26
CA CYS F 38 2.77 41.65 21.91
C CYS F 38 1.77 41.78 23.05
N VAL F 39 2.07 42.67 23.99
CA VAL F 39 1.24 42.81 25.17
C VAL F 39 -0.15 43.34 24.81
N ASN F 40 -1.16 42.70 25.41
CA ASN F 40 -2.56 42.99 25.10
C ASN F 40 -2.95 42.69 23.66
N ARG F 41 -2.11 41.91 22.99
CA ARG F 41 -2.44 41.40 21.66
C ARG F 41 -2.50 39.87 21.72
N ARG F 42 -1.42 39.27 22.21
CA ARG F 42 -1.38 37.82 22.37
C ARG F 42 -0.82 37.42 23.74
N VAL F 43 -0.41 38.42 24.51
CA VAL F 43 0.25 38.22 25.80
C VAL F 43 -0.43 39.07 26.86
N ALA F 44 -0.84 38.46 27.97
CA ALA F 44 -1.50 39.18 29.03
C ALA F 44 -0.56 40.20 29.64
N PRO F 45 -1.07 41.39 29.95
CA PRO F 45 -0.21 42.40 30.57
C PRO F 45 0.24 41.94 31.95
N ARG F 46 1.47 42.28 32.30
N ARG F 46 1.44 42.38 32.31
CA ARG F 46 2.09 41.87 33.57
CA ARG F 46 2.15 41.92 33.49
C ARG F 46 2.83 43.05 34.17
C ARG F 46 2.80 43.12 34.16
N GLU F 47 2.84 43.12 35.50
CA GLU F 47 3.68 44.09 36.20
C GLU F 47 5.12 43.60 36.10
N GLY F 48 6.08 44.49 36.21
CA GLY F 48 7.47 44.09 36.24
C GLY F 48 8.36 44.79 35.24
N VAL F 49 9.64 44.87 35.57
CA VAL F 49 10.66 45.43 34.68
C VAL F 49 10.93 44.48 33.53
N MET F 50 11.03 45.03 32.31
CA MET F 50 11.39 44.22 31.15
C MET F 50 12.86 44.36 30.81
N ARG F 51 13.46 43.25 30.44
CA ARG F 51 14.88 43.17 30.12
C ARG F 51 15.11 42.60 28.73
N VAL F 52 16.27 42.92 28.16
CA VAL F 52 16.63 42.46 26.83
C VAL F 52 17.90 41.61 26.91
N ARG F 53 17.92 40.53 26.14
CA ARG F 53 19.11 39.67 26.08
C ARG F 53 19.27 39.16 24.66
N LYS F 54 20.49 38.79 24.29
CA LYS F 54 20.68 38.04 23.04
C LYS F 54 19.90 36.74 23.17
N HIS F 55 19.31 36.28 22.07
CA HIS F 55 18.47 35.10 22.07
C HIS F 55 19.11 33.90 22.76
N ARG F 56 18.37 33.31 23.70
CA ARG F 56 18.78 32.11 24.43
C ARG F 56 20.01 32.33 25.33
N SER F 57 20.47 33.57 25.41
CA SER F 57 21.58 33.93 26.29
C SER F 57 21.12 33.94 27.74
N THR F 58 22.05 33.84 28.67
CA THR F 58 21.72 33.95 30.08
C THR F 58 21.93 35.39 30.55
N GLU F 59 22.91 36.07 29.94
CA GLU F 59 23.27 37.44 30.34
C GLU F 59 22.30 38.47 29.75
N LEU F 60 21.90 39.43 30.57
CA LEU F 60 21.04 40.51 30.11
C LEU F 60 21.85 41.75 29.75
N PHE F 61 21.34 42.56 28.81
CA PHE F 61 21.92 43.87 28.58
C PHE F 61 21.50 44.85 29.65
N PRO F 62 22.41 45.71 30.10
CA PRO F 62 22.03 46.75 31.06
C PRO F 62 20.85 47.57 30.53
N ARG F 63 19.96 47.98 31.44
CA ARG F 63 18.75 48.69 31.07
C ARG F 63 18.98 49.99 30.30
N ASP F 64 20.02 50.73 30.67
CA ASP F 64 20.22 52.04 30.09
C ASP F 64 21.24 52.02 28.95
N MET F 65 21.77 50.84 28.64
CA MET F 65 22.63 50.68 27.49
C MET F 65 21.82 50.85 26.21
N THR F 66 22.37 51.53 25.21
CA THR F 66 21.64 51.67 23.94
C THR F 66 22.02 50.57 22.95
N ILE F 67 21.24 50.47 21.89
CA ILE F 67 21.50 49.52 20.82
C ILE F 67 22.92 49.73 20.27
N ALA F 68 23.30 50.98 20.03
CA ALA F 68 24.62 51.26 19.50
C ALA F 68 25.72 50.83 20.47
N GLU F 69 25.52 51.11 21.76
CA GLU F 69 26.52 50.77 22.76
C GLU F 69 26.69 49.26 22.93
N SER F 70 25.62 48.51 22.64
CA SER F 70 25.57 47.08 22.95
C SER F 70 26.40 46.16 22.07
N GLY F 71 26.78 46.63 20.89
CA GLY F 71 27.52 45.79 19.96
C GLY F 71 26.64 44.79 19.25
N LEU F 72 25.33 44.85 19.50
CA LEU F 72 24.38 44.07 18.71
C LEU F 72 24.54 44.42 17.25
N ASN F 73 24.42 43.43 16.37
CA ASN F 73 24.44 43.68 14.93
C ASN F 73 23.02 43.62 14.37
N PRO F 74 22.77 44.35 13.28
CA PRO F 74 21.44 44.33 12.70
C PRO F 74 20.99 42.92 12.33
N THR F 75 19.71 42.67 12.62
CA THR F 75 19.02 41.41 12.34
C THR F 75 19.40 40.28 13.28
N GLU F 76 20.14 40.57 14.36
CA GLU F 76 20.37 39.54 15.35
C GLU F 76 19.08 39.32 16.15
N VAL F 77 18.95 38.17 16.80
CA VAL F 77 17.74 37.86 17.53
C VAL F 77 17.90 38.19 19.01
N ILE F 78 16.89 38.85 19.59
CA ILE F 78 16.87 39.16 21.01
C ILE F 78 15.63 38.58 21.67
N ASP F 79 15.72 38.35 22.98
CA ASP F 79 14.55 38.02 23.77
C ASP F 79 14.21 39.23 24.62
N VAL F 80 12.92 39.46 24.84
CA VAL F 80 12.48 40.42 25.84
C VAL F 80 11.76 39.68 26.94
N VAL F 81 12.30 39.75 28.14
CA VAL F 81 11.86 38.90 29.23
C VAL F 81 11.76 39.73 30.49
N PHE F 82 10.97 39.26 31.45
CA PHE F 82 10.81 40.04 32.65
C PHE F 82 11.97 39.80 33.60
N GLU F 83 12.22 40.81 34.41
CA GLU F 83 13.33 40.87 35.34
C GLU F 83 13.31 39.71 36.33
N GLU F 84 14.48 39.20 36.68
CA GLU F 84 14.62 38.25 37.78
C GLU F 84 15.15 38.93 39.03
#